data_5MSR
#
_entry.id   5MSR
#
_cell.length_a   94.943
_cell.length_b   94.943
_cell.length_c   335.506
_cell.angle_alpha   90.00
_cell.angle_beta   90.00
_cell.angle_gamma   90.00
#
_symmetry.space_group_name_H-M   'P 43'
#
loop_
_entity.id
_entity.type
_entity.pdbx_description
1 polymer 'Thioester reductase domain-containing protein'
2 non-polymer 'NADP NICOTINAMIDE-ADENINE-DINUCLEOTIDE PHOSPHATE'
3 water water
#
_entity_poly.entity_id   1
_entity_poly.type   'polypeptide(L)'
_entity_poly.pdbx_seq_one_letter_code
;MTESQSYETRQARPAGQSLAERVARLVAIDPQAAAAVPDKAVAERATQQGLRLAQRIEAFLSGYGDRPALAQRAFEITKD
PITGRAVATLLPKFETVSYRELLERSHAIASELANHAEAPVKAGEFIATIGFTSTDYTSLDIAGVLLGLTSVPLQTGATT
DTLKAIAEETAPAVFGASVEHLDNAVTTALATPSVRRLLVFDYRQGVDEDREAVEAARSRLAEAGSAVLVDTLDEVIARG
RALPRVALPPATDAGDDSLSLLIYTSGSTGTPKGAMYPERNVAQFWGGIWHNAFDDGDSAPDVPDIMVNFMPLSHVAGRI
GLMGTLSSGGTTYFIAKSDLSTFFEDYSLARPTKLFFVPRICEMIYQHYQSELDRIGAADGSPQAEAIKTELREKLLGGR
VLTAGSGSAPMSPELTAFIESVLQVHLVDGYGSTEAGPVWRDRKLVKPPVTEHKLIDVPELGYFSTDSPYPRGELAIKTQ
TILPGYYKRPETTAEVFDEDGFYLTGDVVAEVAPEEFVYVDRRKNVLKLSQGEFVALSKLEAAYGTSPLVRQISVYGSSQ
RSYLLAVVVPTPEALAKYGDGEAVKSALGDSLQKIAREEGLQSYEVPRDFIIETDPFTIENGILSDAGKTLRPKVKARYG
ERLEALYAQLAETQAGELRSIRVGAGERPVIETVQRAAAALLGASAAEVDPEAHFSDLGGDSLSALTYSNFLHEIFQVEV
PVSVIVSAANNLRSVAAHIEKERSSGSDRPTFASVHGAGATTIRASDLKLEKFLDAQTLAAAPSLPRPASEVRTVLLTGS
NGWLGRFLALAWLERLVPQGGKVVVIVRGKDDKAAKARLDSVFESGDPALLAHYEDLADKGLEVLAGDFSDADLGLRKAD
WDRLADEVDLIVHSGALVNHVLPYSQLFGPNVVGTAEVAKLALTKRLKPVTYLSTVAVAVGVEPSAFEEDGDIRDVSAVR
SIDEGYANGYGNSKWAGEVLLREAYEHAGLPVRVFRSDMILAHRKYTGQLNVPDQFTRLILSLLATGIAPKSFYQLDATG
GRQRAHYDGIPVDFTAEAITTLGLAGSDGYHSFDVFNPHHDGVGLDEFVDWLVEAGHPISRVDDYAEWLSRFETSLRGLP
EAQRQHSVLPLLHAFAQPAPAIDGSPFQTKNFQSSVQEAKVGAEHDIPHLDKALIVKYAEDIKQLGLL
;
_entity_poly.pdbx_strand_id   A,B,C,D
#
# COMPACT_ATOMS: atom_id res chain seq x y z
N GLY A 666 -7.74 28.18 55.65
CA GLY A 666 -6.28 27.98 55.41
C GLY A 666 -5.49 28.29 56.67
N GLU A 667 -4.54 29.24 56.59
CA GLU A 667 -3.83 29.72 57.78
C GLU A 667 -4.10 31.18 58.26
N ARG A 668 -4.21 32.25 57.46
CA ARG A 668 -3.98 32.47 55.98
C ARG A 668 -5.13 32.18 54.98
N PRO A 669 -5.66 33.23 54.31
CA PRO A 669 -6.67 33.00 53.27
C PRO A 669 -6.08 32.38 52.00
N VAL A 670 -6.87 31.54 51.34
CA VAL A 670 -6.39 30.70 50.23
C VAL A 670 -5.88 31.54 49.06
N ILE A 671 -6.61 32.60 48.71
CA ILE A 671 -6.20 33.50 47.62
C ILE A 671 -4.76 34.03 47.76
N GLU A 672 -4.32 34.32 48.99
CA GLU A 672 -2.95 34.80 49.21
C GLU A 672 -1.88 33.77 48.84
N THR A 673 -2.08 32.52 49.27
CA THR A 673 -1.18 31.42 48.92
C THR A 673 -1.13 31.22 47.41
N VAL A 674 -2.30 31.30 46.76
CA VAL A 674 -2.44 31.21 45.30
C VAL A 674 -1.62 32.31 44.60
N GLN A 675 -1.69 33.55 45.10
CA GLN A 675 -0.96 34.68 44.48
C GLN A 675 0.55 34.56 44.67
N ARG A 676 0.97 34.25 45.89
CA ARG A 676 2.39 34.14 46.22
C ARG A 676 3.07 33.00 45.46
N ALA A 677 2.39 31.86 45.37
CA ALA A 677 2.88 30.70 44.62
C ALA A 677 3.10 31.04 43.15
N ALA A 678 2.14 31.75 42.56
CA ALA A 678 2.23 32.22 41.17
C ALA A 678 3.38 33.20 40.97
N ALA A 679 3.52 34.15 41.90
CA ALA A 679 4.61 35.13 41.91
C ALA A 679 5.97 34.45 41.98
N ALA A 680 6.08 33.45 42.86
CA ALA A 680 7.33 32.70 43.03
C ALA A 680 7.68 31.92 41.76
N LEU A 681 6.69 31.21 41.24
CA LEU A 681 6.85 30.35 40.07
C LEU A 681 7.21 31.08 38.78
N LEU A 682 6.62 32.25 38.57
CA LEU A 682 6.71 32.97 37.29
C LEU A 682 7.64 34.20 37.29
N GLY A 683 8.07 34.66 38.46
CA GLY A 683 9.00 35.80 38.54
C GLY A 683 8.38 37.18 38.39
N ALA A 684 7.09 37.26 38.68
CA ALA A 684 6.34 38.52 38.73
C ALA A 684 6.76 39.33 39.95
N SER A 685 6.30 40.59 40.04
CA SER A 685 6.36 41.31 41.31
C SER A 685 5.03 41.08 41.99
N ALA A 686 5.05 40.92 43.31
CA ALA A 686 3.83 40.56 44.06
C ALA A 686 2.71 41.62 44.05
N ALA A 687 2.94 42.76 43.38
CA ALA A 687 1.85 43.71 43.06
C ALA A 687 1.22 43.43 41.69
N GLU A 688 2.02 42.93 40.74
CA GLU A 688 1.51 42.48 39.42
C GLU A 688 0.64 41.17 39.49
N VAL A 689 0.62 40.45 40.64
CA VAL A 689 -0.16 39.17 40.76
C VAL A 689 -1.54 39.44 41.36
N ASP A 690 -2.19 40.50 40.91
CA ASP A 690 -3.58 40.85 41.24
C ASP A 690 -4.49 39.58 41.11
N PRO A 691 -5.45 39.39 42.04
CA PRO A 691 -6.36 38.22 41.97
C PRO A 691 -7.21 38.07 40.70
N GLU A 692 -7.47 39.18 39.99
CA GLU A 692 -8.18 39.16 38.71
C GLU A 692 -7.30 38.79 37.49
N ALA A 693 -5.99 38.65 37.68
CA ALA A 693 -5.07 38.26 36.60
C ALA A 693 -5.17 36.77 36.25
N HIS A 694 -4.79 36.44 35.02
CA HIS A 694 -4.83 35.06 34.51
C HIS A 694 -3.42 34.49 34.47
N PHE A 695 -3.32 33.19 34.74
CA PHE A 695 -2.03 32.49 34.82
C PHE A 695 -1.17 32.69 33.56
N SER A 696 -1.80 32.58 32.40
CA SER A 696 -1.11 32.76 31.09
C SER A 696 -0.62 34.19 30.84
N ASP A 697 -1.39 35.19 31.28
CA ASP A 697 -0.99 36.61 31.17
C ASP A 697 0.29 36.95 31.97
N LEU A 698 0.54 36.19 33.04
CA LEU A 698 1.73 36.39 33.88
C LEU A 698 2.99 35.66 33.36
N GLY A 699 2.89 35.00 32.20
CA GLY A 699 4.01 34.23 31.63
C GLY A 699 3.84 32.72 31.72
N GLY A 700 2.70 32.27 32.25
CA GLY A 700 2.46 30.85 32.48
C GLY A 700 2.15 30.08 31.21
N ASP A 701 2.38 28.78 31.26
CA ASP A 701 2.05 27.85 30.18
C ASP A 701 1.74 26.49 30.80
N SER A 702 1.45 25.48 29.98
CA SER A 702 1.08 24.15 30.49
C SER A 702 2.20 23.40 31.25
N LEU A 703 3.46 23.77 31.04
CA LEU A 703 4.59 23.19 31.81
C LEU A 703 4.59 23.73 33.23
N SER A 704 4.61 25.05 33.36
CA SER A 704 4.58 25.69 34.68
C SER A 704 3.24 25.48 35.40
N ALA A 705 2.15 25.31 34.64
CA ALA A 705 0.84 25.00 35.22
C ALA A 705 0.81 23.67 35.99
N LEU A 706 1.60 22.69 35.55
CA LEU A 706 1.73 21.40 36.25
C LEU A 706 2.47 21.54 37.57
N THR A 707 3.59 22.25 37.54
CA THR A 707 4.35 22.60 38.76
C THR A 707 3.44 23.27 39.78
N TYR A 708 2.71 24.28 39.31
CA TYR A 708 1.73 25.04 40.10
C TYR A 708 0.65 24.11 40.68
N SER A 709 0.11 23.25 39.83
CA SER A 709 -0.94 22.29 40.22
C SER A 709 -0.48 21.34 41.33
N ASN A 710 0.70 20.75 41.17
CA ASN A 710 1.29 19.84 42.19
C ASN A 710 1.64 20.54 43.49
N PHE A 711 2.08 21.79 43.40
CA PHE A 711 2.41 22.61 44.57
C PHE A 711 1.16 22.87 45.41
N LEU A 712 0.10 23.34 44.77
CA LEU A 712 -1.18 23.62 45.45
C LEU A 712 -1.87 22.33 45.91
N HIS A 713 -1.68 21.24 45.16
CA HIS A 713 -2.18 19.93 45.55
C HIS A 713 -1.60 19.48 46.89
N GLU A 714 -0.28 19.60 47.04
CA GLU A 714 0.43 19.21 48.28
C GLU A 714 0.03 20.06 49.48
N ILE A 715 -0.12 21.37 49.26
CA ILE A 715 -0.46 22.32 50.33
C ILE A 715 -1.88 22.10 50.86
N PHE A 716 -2.87 22.04 49.95
CA PHE A 716 -4.28 22.03 50.33
C PHE A 716 -4.94 20.65 50.32
N GLN A 717 -4.23 19.62 49.86
CA GLN A 717 -4.73 18.22 49.81
C GLN A 717 -6.02 18.02 49.00
N VAL A 718 -6.18 18.80 47.92
CA VAL A 718 -7.27 18.63 46.97
C VAL A 718 -6.72 18.74 45.55
N GLU A 719 -7.40 18.12 44.58
CA GLU A 719 -6.95 18.18 43.18
C GLU A 719 -7.17 19.58 42.61
N VAL A 720 -6.14 20.10 41.97
CA VAL A 720 -6.18 21.40 41.31
C VAL A 720 -5.75 21.15 39.87
N PRO A 721 -6.70 20.72 39.01
CA PRO A 721 -6.29 20.31 37.65
C PRO A 721 -5.66 21.45 36.84
N VAL A 722 -4.72 21.09 35.97
CA VAL A 722 -4.09 22.03 35.04
C VAL A 722 -5.15 22.75 34.19
N SER A 723 -6.21 22.04 33.81
CA SER A 723 -7.34 22.62 33.06
C SER A 723 -7.99 23.84 33.73
N VAL A 724 -8.10 23.81 35.06
CA VAL A 724 -8.64 24.94 35.84
C VAL A 724 -7.69 26.15 35.80
N ILE A 725 -6.39 25.90 35.89
CA ILE A 725 -5.38 26.96 35.91
C ILE A 725 -5.26 27.68 34.56
N VAL A 726 -5.24 26.92 33.46
CA VAL A 726 -4.95 27.49 32.11
C VAL A 726 -6.17 28.00 31.36
N SER A 727 -7.38 27.60 31.76
CA SER A 727 -8.59 28.03 31.05
C SER A 727 -8.71 29.55 30.97
N ALA A 728 -9.11 30.04 29.80
CA ALA A 728 -9.28 31.48 29.57
C ALA A 728 -10.42 32.09 30.41
N ALA A 729 -11.37 31.26 30.85
CA ALA A 729 -12.46 31.70 31.73
C ALA A 729 -12.03 31.99 33.18
N ASN A 730 -10.91 31.42 33.61
CA ASN A 730 -10.49 31.43 35.00
C ASN A 730 -9.33 32.38 35.28
N ASN A 731 -9.44 33.11 36.38
CA ASN A 731 -8.34 33.93 36.90
C ASN A 731 -7.87 33.29 38.21
N LEU A 732 -6.91 33.92 38.90
CA LEU A 732 -6.38 33.36 40.14
C LEU A 732 -7.44 33.23 41.24
N ARG A 733 -8.42 34.14 41.24
CA ARG A 733 -9.59 34.05 42.11
C ARG A 733 -10.36 32.74 41.91
N SER A 734 -10.56 32.36 40.65
CA SER A 734 -11.24 31.08 40.30
C SER A 734 -10.47 29.86 40.80
N VAL A 735 -9.13 29.92 40.79
CA VAL A 735 -8.28 28.85 41.29
C VAL A 735 -8.48 28.71 42.80
N ALA A 736 -8.46 29.85 43.51
CA ALA A 736 -8.73 29.90 44.95
C ALA A 736 -10.12 29.38 45.29
N ALA A 737 -11.13 29.86 44.55
CA ALA A 737 -12.52 29.40 44.70
C ALA A 737 -12.68 27.90 44.51
N HIS A 738 -11.99 27.34 43.50
CA HIS A 738 -12.01 25.90 43.23
C HIS A 738 -11.44 25.08 44.38
N ILE A 739 -10.34 25.56 44.96
CA ILE A 739 -9.70 24.88 46.11
C ILE A 739 -10.65 24.84 47.31
N GLU A 740 -11.26 25.97 47.64
CA GLU A 740 -12.17 26.06 48.80
C GLU A 740 -13.46 25.26 48.64
N LYS A 741 -14.02 25.27 47.43
CA LYS A 741 -15.18 24.42 47.08
C LYS A 741 -14.84 22.94 47.27
N GLU A 742 -13.64 22.53 46.83
CA GLU A 742 -13.19 21.15 46.93
C GLU A 742 -12.98 20.66 48.39
N ARG A 743 -12.57 21.55 49.27
CA ARG A 743 -12.34 21.20 50.68
C ARG A 743 -13.63 20.94 51.48
N SER A 744 -14.68 21.75 51.29
CA SER A 744 -15.89 21.69 52.09
C SER A 744 -16.90 20.68 51.52
N ARG A 749 -20.26 14.59 39.60
CA ARG A 749 -19.02 14.84 38.88
C ARG A 749 -18.07 13.62 38.88
N PRO A 750 -18.03 12.85 37.75
CA PRO A 750 -17.16 11.68 37.64
C PRO A 750 -15.67 12.06 37.78
N THR A 751 -14.88 11.20 38.40
CA THR A 751 -13.44 11.43 38.62
C THR A 751 -12.67 10.15 38.35
N PHE A 752 -11.35 10.28 38.31
CA PHE A 752 -10.42 9.16 38.17
C PHE A 752 -10.64 8.05 39.20
N ALA A 753 -10.91 8.46 40.45
CA ALA A 753 -11.15 7.52 41.55
C ALA A 753 -12.45 6.73 41.40
N SER A 754 -13.55 7.41 41.09
CA SER A 754 -14.87 6.77 40.99
C SER A 754 -15.02 5.84 39.77
N VAL A 755 -14.21 6.05 38.73
CA VAL A 755 -14.27 5.24 37.51
C VAL A 755 -13.22 4.11 37.52
N HIS A 756 -11.97 4.46 37.82
CA HIS A 756 -10.84 3.51 37.75
C HIS A 756 -10.34 3.00 39.11
N GLY A 757 -10.93 3.46 40.21
CA GLY A 757 -10.44 3.14 41.56
C GLY A 757 -9.29 4.05 41.97
N ALA A 758 -9.36 4.56 43.19
CA ALA A 758 -8.38 5.54 43.70
C ALA A 758 -6.96 4.98 43.72
N GLY A 759 -6.01 5.78 43.22
CA GLY A 759 -4.60 5.39 43.17
C GLY A 759 -4.26 4.18 42.30
N ALA A 760 -5.15 3.83 41.36
CA ALA A 760 -4.95 2.65 40.51
C ALA A 760 -3.81 2.89 39.53
N THR A 761 -3.04 1.84 39.25
CA THR A 761 -1.87 1.90 38.35
C THR A 761 -2.14 1.34 36.94
N THR A 762 -3.30 0.70 36.73
CA THR A 762 -3.76 0.29 35.41
C THR A 762 -5.24 0.64 35.25
N ILE A 763 -5.71 0.60 34.00
CA ILE A 763 -7.08 0.92 33.64
C ILE A 763 -7.62 -0.13 32.68
N ARG A 764 -8.95 -0.33 32.70
CA ARG A 764 -9.60 -1.36 31.89
C ARG A 764 -10.80 -0.80 31.13
N ALA A 765 -11.06 -1.34 29.95
CA ALA A 765 -12.22 -0.95 29.13
C ALA A 765 -13.54 -1.20 29.84
N SER A 766 -13.58 -2.27 30.64
CA SER A 766 -14.76 -2.63 31.45
C SER A 766 -15.10 -1.59 32.54
N ASP A 767 -14.10 -0.83 32.99
CA ASP A 767 -14.32 0.30 33.91
C ASP A 767 -15.22 1.39 33.28
N LEU A 768 -14.99 1.65 31.99
CA LEU A 768 -15.61 2.78 31.30
C LEU A 768 -17.00 2.46 30.79
N LYS A 769 -17.96 2.43 31.71
CA LYS A 769 -19.37 2.25 31.37
C LYS A 769 -20.08 3.59 31.50
N LEU A 770 -21.14 3.77 30.71
CA LEU A 770 -21.90 5.03 30.72
C LEU A 770 -22.65 5.30 32.03
N GLU A 771 -22.91 4.25 32.81
CA GLU A 771 -23.54 4.39 34.13
C GLU A 771 -22.69 5.22 35.10
N LYS A 772 -21.37 5.18 34.95
CA LYS A 772 -20.45 5.97 35.78
C LYS A 772 -20.32 7.45 35.41
N PHE A 773 -20.77 7.84 34.21
CA PHE A 773 -20.71 9.24 33.73
C PHE A 773 -22.07 9.91 33.58
N LEU A 774 -23.06 9.18 33.06
CA LEU A 774 -24.39 9.73 32.74
C LEU A 774 -25.43 9.23 33.74
N ASP A 775 -26.49 10.01 33.92
CA ASP A 775 -27.60 9.62 34.81
C ASP A 775 -28.46 8.51 34.20
N ALA A 776 -29.18 7.80 35.07
CA ALA A 776 -29.97 6.63 34.69
C ALA A 776 -31.19 6.94 33.82
N GLN A 777 -31.75 8.14 33.95
CA GLN A 777 -32.92 8.55 33.15
C GLN A 777 -32.58 8.74 31.66
N THR A 778 -31.43 9.34 31.38
CA THR A 778 -30.96 9.52 30.01
C THR A 778 -30.69 8.15 29.36
N LEU A 779 -29.96 7.29 30.08
CA LEU A 779 -29.63 5.96 29.59
C LEU A 779 -30.85 5.07 29.37
N ALA A 780 -31.82 5.14 30.29
CA ALA A 780 -33.05 4.36 30.17
C ALA A 780 -33.87 4.77 28.94
N ALA A 781 -33.99 6.08 28.69
CA ALA A 781 -34.75 6.60 27.54
C ALA A 781 -33.99 6.54 26.19
N ALA A 782 -32.68 6.26 26.24
CA ALA A 782 -31.82 6.37 25.06
C ALA A 782 -32.11 5.40 23.89
N PRO A 783 -32.25 4.08 24.17
CA PRO A 783 -32.51 3.11 23.10
C PRO A 783 -33.72 3.40 22.20
N SER A 784 -34.79 3.95 22.78
CA SER A 784 -36.03 4.24 22.05
C SER A 784 -36.12 5.65 21.45
N LEU A 785 -35.04 6.42 21.47
CA LEU A 785 -35.05 7.79 20.94
C LEU A 785 -35.25 7.83 19.42
N PRO A 786 -35.76 8.97 18.89
CA PRO A 786 -35.86 9.11 17.42
C PRO A 786 -34.49 9.09 16.71
N ARG A 787 -34.48 8.54 15.50
CA ARG A 787 -33.25 8.36 14.72
C ARG A 787 -32.73 9.70 14.17
N PRO A 788 -31.45 9.75 13.73
CA PRO A 788 -30.88 10.97 13.15
C PRO A 788 -31.71 11.64 12.05
N ALA A 789 -31.68 12.97 12.03
CA ALA A 789 -32.39 13.73 11.00
C ALA A 789 -31.78 13.45 9.63
N SER A 790 -32.63 13.28 8.63
CA SER A 790 -32.20 13.00 7.27
C SER A 790 -31.32 14.11 6.67
N GLU A 791 -31.64 15.36 7.01
CA GLU A 791 -30.89 16.52 6.53
C GLU A 791 -30.21 17.25 7.69
N VAL A 792 -28.90 17.43 7.58
CA VAL A 792 -28.11 18.15 8.57
C VAL A 792 -28.15 19.64 8.25
N ARG A 793 -28.83 20.41 9.10
CA ARG A 793 -28.87 21.88 8.98
C ARG A 793 -28.15 22.64 10.12
N THR A 794 -28.03 22.01 11.29
CA THR A 794 -27.37 22.60 12.44
C THR A 794 -26.30 21.67 12.98
N VAL A 795 -25.08 22.19 13.17
CA VAL A 795 -23.95 21.41 13.67
C VAL A 795 -23.37 22.06 14.93
N LEU A 796 -23.11 21.25 15.95
CA LEU A 796 -22.35 21.69 17.12
C LEU A 796 -20.91 21.25 16.94
N LEU A 797 -19.98 22.19 17.08
CA LEU A 797 -18.57 21.93 16.92
C LEU A 797 -17.81 22.33 18.17
N THR A 798 -16.95 21.43 18.64
CA THR A 798 -16.07 21.65 19.77
C THR A 798 -14.65 21.83 19.26
N GLY A 799 -13.82 22.54 20.02
CA GLY A 799 -12.43 22.79 19.66
C GLY A 799 -12.21 23.73 18.47
N SER A 800 -13.18 24.59 18.17
CA SER A 800 -13.14 25.44 16.97
C SER A 800 -11.99 26.46 16.91
N ASN A 801 -11.48 26.90 18.07
CA ASN A 801 -10.30 27.79 18.08
C ASN A 801 -8.98 27.03 18.06
N GLY A 802 -9.03 25.70 18.09
CA GLY A 802 -7.85 24.86 17.89
C GLY A 802 -7.33 24.86 16.46
N TRP A 803 -6.28 24.07 16.22
CA TRP A 803 -5.62 24.04 14.92
C TRP A 803 -6.51 23.39 13.86
N LEU A 804 -6.96 22.17 14.12
CA LEU A 804 -7.84 21.47 13.17
C LEU A 804 -9.24 22.07 13.19
N GLY A 805 -9.76 22.30 14.40
CA GLY A 805 -11.14 22.75 14.59
C GLY A 805 -11.57 24.00 13.85
N ARG A 806 -10.66 24.96 13.69
CA ARG A 806 -10.97 26.19 12.95
C ARG A 806 -11.32 25.94 11.49
N PHE A 807 -10.65 24.96 10.89
CA PHE A 807 -10.91 24.59 9.50
C PHE A 807 -12.07 23.59 9.37
N LEU A 808 -12.35 22.83 10.41
CA LEU A 808 -13.63 22.11 10.48
C LEU A 808 -14.80 23.10 10.53
N ALA A 809 -14.65 24.15 11.35
CA ALA A 809 -15.67 25.21 11.45
C ALA A 809 -15.92 25.89 10.11
N LEU A 810 -14.84 26.24 9.44
CA LEU A 810 -14.91 26.91 8.14
C LEU A 810 -15.56 26.01 7.08
N ALA A 811 -15.19 24.72 7.07
CA ALA A 811 -15.80 23.75 6.15
C ALA A 811 -17.31 23.60 6.34
N TRP A 812 -17.76 23.56 7.59
CA TRP A 812 -19.19 23.47 7.89
C TRP A 812 -19.94 24.75 7.55
N LEU A 813 -19.34 25.90 7.81
CA LEU A 813 -19.94 27.19 7.44
C LEU A 813 -20.11 27.33 5.93
N GLU A 814 -19.10 26.93 5.17
CA GLU A 814 -19.18 26.93 3.69
C GLU A 814 -20.33 26.07 3.15
N ARG A 815 -20.59 24.93 3.79
CA ARG A 815 -21.70 24.05 3.41
C ARG A 815 -23.06 24.54 3.88
N LEU A 816 -23.18 24.96 5.14
CA LEU A 816 -24.48 25.24 5.77
C LEU A 816 -25.04 26.64 5.54
N VAL A 817 -24.19 27.66 5.47
CA VAL A 817 -24.66 29.05 5.28
C VAL A 817 -25.51 29.25 4.01
N PRO A 818 -25.06 28.69 2.85
CA PRO A 818 -25.89 28.71 1.64
C PRO A 818 -27.28 28.04 1.71
N GLN A 819 -27.48 27.14 2.67
CA GLN A 819 -28.77 26.48 2.85
C GLN A 819 -29.52 27.03 4.06
N GLY A 820 -29.13 28.21 4.54
CA GLY A 820 -29.72 28.81 5.74
C GLY A 820 -29.50 28.03 7.04
N GLY A 821 -28.43 27.24 7.10
CA GLY A 821 -28.11 26.44 8.29
C GLY A 821 -27.26 27.21 9.29
N LYS A 822 -26.87 26.54 10.37
CA LYS A 822 -26.15 27.17 11.49
C LYS A 822 -25.03 26.27 12.02
N VAL A 823 -23.91 26.88 12.38
CA VAL A 823 -22.84 26.19 13.10
C VAL A 823 -22.78 26.78 14.50
N VAL A 824 -23.06 25.95 15.51
CA VAL A 824 -22.91 26.33 16.91
C VAL A 824 -21.52 25.89 17.38
N VAL A 825 -20.90 26.72 18.20
CA VAL A 825 -19.52 26.53 18.61
C VAL A 825 -19.38 26.83 20.12
N ILE A 826 -18.69 25.94 20.84
CA ILE A 826 -18.42 26.11 22.26
C ILE A 826 -16.93 26.40 22.45
N VAL A 827 -16.62 27.57 23.02
CA VAL A 827 -15.25 28.04 23.22
C VAL A 827 -15.11 28.49 24.67
N ARG A 828 -13.93 28.28 25.24
CA ARG A 828 -13.69 28.67 26.64
C ARG A 828 -13.44 30.17 26.73
N GLY A 829 -14.07 30.80 27.72
CA GLY A 829 -13.96 32.25 27.94
C GLY A 829 -14.87 32.71 29.06
N LYS A 830 -14.57 33.89 29.62
CA LYS A 830 -15.39 34.45 30.70
C LYS A 830 -16.85 34.63 30.36
N ASP A 831 -17.14 35.11 29.15
CA ASP A 831 -18.51 35.24 28.65
C ASP A 831 -18.55 35.03 27.14
N ASP A 832 -19.74 35.04 26.57
CA ASP A 832 -19.92 34.81 25.11
C ASP A 832 -19.09 35.77 24.24
N LYS A 833 -19.04 37.06 24.63
CA LYS A 833 -18.22 38.11 23.96
C LYS A 833 -16.74 37.73 23.90
N ALA A 834 -16.15 37.40 25.05
CA ALA A 834 -14.73 37.04 25.11
C ALA A 834 -14.42 35.75 24.36
N ALA A 835 -15.33 34.79 24.44
CA ALA A 835 -15.19 33.53 23.71
C ALA A 835 -15.13 33.76 22.19
N LYS A 836 -16.03 34.59 21.68
CA LYS A 836 -16.04 34.94 20.25
C LYS A 836 -14.77 35.68 19.81
N ALA A 837 -14.25 36.54 20.68
CA ALA A 837 -12.99 37.25 20.41
C ALA A 837 -11.79 36.30 20.31
N ARG A 838 -11.76 35.28 21.17
CA ARG A 838 -10.71 34.24 21.10
C ARG A 838 -10.75 33.45 19.77
N LEU A 839 -11.95 33.10 19.31
CA LEU A 839 -12.12 32.41 18.03
C LEU A 839 -11.78 33.31 16.85
N ASP A 840 -12.26 34.56 16.87
CA ASP A 840 -11.95 35.54 15.81
C ASP A 840 -10.44 35.67 15.56
N SER A 841 -9.67 35.75 16.65
CA SER A 841 -8.23 36.03 16.54
C SER A 841 -7.38 34.95 15.85
N VAL A 842 -7.80 33.70 15.87
CA VAL A 842 -7.02 32.63 15.18
C VAL A 842 -7.08 32.73 13.64
N PHE A 843 -8.12 33.41 13.13
CA PHE A 843 -8.22 33.71 11.69
C PHE A 843 -7.47 34.97 11.25
N GLU A 844 -6.94 35.70 12.21
CA GLU A 844 -6.05 36.80 11.97
C GLU A 844 -4.59 36.28 11.91
N SER A 845 -4.09 35.99 10.72
CA SER A 845 -2.71 35.51 10.54
C SER A 845 -1.93 36.26 9.46
N GLY A 846 -2.42 37.46 9.11
CA GLY A 846 -1.85 38.25 8.02
C GLY A 846 -2.36 37.89 6.63
N ASP A 847 -3.49 37.18 6.57
CA ASP A 847 -4.13 36.83 5.29
C ASP A 847 -5.46 37.58 5.20
N PRO A 848 -5.52 38.67 4.40
CA PRO A 848 -6.76 39.44 4.27
C PRO A 848 -7.96 38.64 3.74
N ALA A 849 -7.71 37.77 2.76
CA ALA A 849 -8.77 36.95 2.14
C ALA A 849 -9.43 35.98 3.14
N LEU A 850 -8.62 35.35 3.99
CA LEU A 850 -9.14 34.46 5.05
C LEU A 850 -10.03 35.21 6.03
N LEU A 851 -9.55 36.35 6.52
CA LEU A 851 -10.29 37.17 7.48
C LEU A 851 -11.64 37.63 6.95
N ALA A 852 -11.66 38.10 5.71
CA ALA A 852 -12.89 38.52 5.04
C ALA A 852 -13.85 37.35 4.81
N HIS A 853 -13.30 36.20 4.42
CA HIS A 853 -14.07 34.96 4.20
C HIS A 853 -14.71 34.49 5.50
N TYR A 854 -13.92 34.43 6.58
CA TYR A 854 -14.42 34.06 7.91
C TYR A 854 -15.53 34.99 8.40
N GLU A 855 -15.29 36.30 8.34
CA GLU A 855 -16.24 37.28 8.87
C GLU A 855 -17.55 37.29 8.09
N ASP A 856 -17.47 37.13 6.77
CA ASP A 856 -18.67 37.00 5.92
C ASP A 856 -19.55 35.83 6.38
N LEU A 857 -18.94 34.65 6.51
CA LEU A 857 -19.67 33.45 6.91
C LEU A 857 -20.10 33.46 8.39
N ALA A 858 -19.26 34.01 9.27
CA ALA A 858 -19.55 34.07 10.71
C ALA A 858 -20.79 34.90 11.02
N ASP A 859 -20.92 36.08 10.39
CA ASP A 859 -22.12 36.93 10.53
C ASP A 859 -23.40 36.19 10.15
N LYS A 860 -23.35 35.41 9.07
CA LYS A 860 -24.54 34.73 8.56
C LYS A 860 -24.93 33.43 9.27
N GLY A 861 -23.96 32.69 9.83
CA GLY A 861 -24.25 31.36 10.37
C GLY A 861 -23.52 30.82 11.59
N LEU A 862 -22.71 31.64 12.25
CA LEU A 862 -21.94 31.20 13.42
C LEU A 862 -22.55 31.72 14.73
N GLU A 863 -22.86 30.80 15.63
CA GLU A 863 -23.27 31.12 16.99
C GLU A 863 -22.16 30.64 17.95
N VAL A 864 -21.56 31.59 18.69
CA VAL A 864 -20.52 31.28 19.66
C VAL A 864 -21.08 31.33 21.09
N LEU A 865 -20.92 30.24 21.82
CA LEU A 865 -21.30 30.15 23.23
C LEU A 865 -20.06 29.90 24.06
N ALA A 866 -19.94 30.62 25.18
CA ALA A 866 -18.89 30.34 26.16
C ALA A 866 -19.26 29.07 26.89
N GLY A 867 -18.27 28.22 27.16
CA GLY A 867 -18.54 26.94 27.81
C GLY A 867 -17.29 26.15 28.09
N ASP A 868 -17.49 24.92 28.57
CA ASP A 868 -16.41 24.02 28.95
C ASP A 868 -16.99 22.61 29.00
N PHE A 869 -16.54 21.72 28.10
CA PHE A 869 -17.14 20.38 27.98
C PHE A 869 -16.83 19.43 29.14
N SER A 870 -15.80 19.71 29.94
CA SER A 870 -15.52 18.92 31.15
C SER A 870 -16.57 19.14 32.27
N ASP A 871 -17.21 20.31 32.28
CA ASP A 871 -18.27 20.63 33.25
C ASP A 871 -19.63 20.09 32.81
N ALA A 872 -20.57 20.08 33.76
CA ALA A 872 -21.93 19.61 33.52
C ALA A 872 -22.67 20.54 32.57
N ASP A 873 -23.53 19.96 31.73
CA ASP A 873 -24.24 20.68 30.67
C ASP A 873 -23.29 21.44 29.72
N LEU A 874 -22.09 20.88 29.52
CA LEU A 874 -21.04 21.48 28.68
C LEU A 874 -20.64 22.90 29.10
N GLY A 875 -20.81 23.20 30.39
CA GLY A 875 -20.55 24.55 30.93
C GLY A 875 -21.45 25.66 30.41
N LEU A 876 -22.61 25.29 29.87
CA LEU A 876 -23.55 26.24 29.27
C LEU A 876 -24.66 26.61 30.25
N ARG A 877 -25.46 27.59 29.86
CA ARG A 877 -26.74 27.88 30.52
C ARG A 877 -27.69 26.73 30.21
N LYS A 878 -28.48 26.31 31.19
CA LYS A 878 -29.39 25.17 31.06
C LYS A 878 -30.38 25.35 29.89
N ALA A 879 -30.84 26.59 29.66
CA ALA A 879 -31.72 26.88 28.53
C ALA A 879 -31.04 26.67 27.16
N ASP A 880 -29.75 27.00 27.08
CA ASP A 880 -28.99 26.76 25.85
C ASP A 880 -28.73 25.27 25.62
N TRP A 881 -28.34 24.53 26.66
CA TRP A 881 -28.14 23.08 26.56
C TRP A 881 -29.41 22.36 26.11
N ASP A 882 -30.55 22.72 26.71
CA ASP A 882 -31.85 22.17 26.33
C ASP A 882 -32.23 22.51 24.88
N ARG A 883 -31.93 23.73 24.44
CA ARG A 883 -32.16 24.16 23.05
C ARG A 883 -31.31 23.34 22.06
N LEU A 884 -30.03 23.14 22.37
CA LEU A 884 -29.13 22.36 21.51
C LEU A 884 -29.53 20.88 21.41
N ALA A 885 -30.02 20.32 22.51
CA ALA A 885 -30.57 18.96 22.52
C ALA A 885 -31.73 18.76 21.53
N ASP A 886 -32.50 19.82 21.31
CA ASP A 886 -33.58 19.83 20.32
C ASP A 886 -33.11 20.19 18.91
N GLU A 887 -32.17 21.14 18.81
CA GLU A 887 -31.85 21.85 17.55
C GLU A 887 -30.69 21.24 16.75
N VAL A 888 -29.68 20.70 17.43
CA VAL A 888 -28.47 20.18 16.80
C VAL A 888 -28.72 18.85 16.09
N ASP A 889 -28.31 18.77 14.81
CA ASP A 889 -28.43 17.55 14.01
C ASP A 889 -27.21 16.64 14.08
N LEU A 890 -26.02 17.23 14.24
CA LEU A 890 -24.75 16.48 14.23
C LEU A 890 -23.72 17.17 15.13
N ILE A 891 -22.87 16.38 15.80
CA ILE A 891 -21.86 16.91 16.72
C ILE A 891 -20.46 16.50 16.26
N VAL A 892 -19.57 17.48 16.12
CA VAL A 892 -18.18 17.25 15.78
C VAL A 892 -17.36 17.57 17.02
N HIS A 893 -16.78 16.54 17.63
CA HIS A 893 -16.01 16.71 18.84
C HIS A 893 -14.52 16.63 18.55
N SER A 894 -13.96 17.81 18.23
CA SER A 894 -12.53 18.01 17.96
C SER A 894 -11.75 18.56 19.17
N GLY A 895 -12.45 19.00 20.21
CA GLY A 895 -11.81 19.61 21.36
C GLY A 895 -11.24 18.59 22.34
N ALA A 896 -10.07 18.90 22.87
CA ALA A 896 -9.38 18.05 23.83
C ALA A 896 -8.14 18.79 24.35
N LEU A 897 -7.61 18.34 25.48
CA LEU A 897 -6.33 18.81 25.97
C LEU A 897 -5.26 17.93 25.34
N VAL A 898 -4.61 18.46 24.31
CA VAL A 898 -3.62 17.73 23.52
C VAL A 898 -2.25 18.03 24.08
N ASN A 899 -1.80 17.18 24.99
CA ASN A 899 -0.52 17.34 25.65
C ASN A 899 0.13 15.98 25.83
N HIS A 900 1.38 15.85 25.38
CA HIS A 900 2.07 14.56 25.36
C HIS A 900 2.87 14.23 26.63
N VAL A 901 3.02 15.19 27.55
CA VAL A 901 3.77 14.97 28.81
C VAL A 901 2.90 14.86 30.07
N LEU A 902 1.66 15.36 30.03
CA LEU A 902 0.79 15.31 31.21
C LEU A 902 0.29 13.88 31.48
N PRO A 903 0.12 13.51 32.77
CA PRO A 903 -0.40 12.19 33.10
C PRO A 903 -1.90 12.06 32.86
N TYR A 904 -2.37 10.81 32.84
CA TYR A 904 -3.77 10.48 32.59
C TYR A 904 -4.76 11.16 33.54
N SER A 905 -4.35 11.35 34.81
CA SER A 905 -5.19 12.00 35.83
C SER A 905 -5.54 13.44 35.47
N GLN A 906 -4.56 14.18 34.95
CA GLN A 906 -4.76 15.54 34.47
C GLN A 906 -5.63 15.65 33.20
N LEU A 907 -5.56 14.64 32.34
CA LEU A 907 -6.30 14.64 31.07
C LEU A 907 -7.66 13.96 31.17
N PHE A 908 -7.99 13.39 32.33
CA PHE A 908 -9.26 12.68 32.52
C PHE A 908 -10.49 13.60 32.39
N GLY A 909 -10.42 14.79 32.97
CA GLY A 909 -11.52 15.75 32.93
C GLY A 909 -11.83 16.26 31.52
N PRO A 910 -10.83 16.83 30.84
CA PRO A 910 -11.07 17.34 29.48
C PRO A 910 -11.44 16.23 28.47
N ASN A 911 -10.65 15.16 28.41
CA ASN A 911 -10.72 14.21 27.30
C ASN A 911 -11.68 13.05 27.50
N VAL A 912 -11.83 12.57 28.73
CA VAL A 912 -12.72 11.43 29.03
C VAL A 912 -14.10 11.91 29.46
N VAL A 913 -14.16 12.71 30.52
CA VAL A 913 -15.44 13.25 31.03
C VAL A 913 -16.06 14.17 29.98
N GLY A 914 -15.21 14.95 29.31
CA GLY A 914 -15.65 15.80 28.20
C GLY A 914 -16.36 15.05 27.10
N THR A 915 -15.79 13.92 26.69
CA THR A 915 -16.40 13.06 25.67
C THR A 915 -17.74 12.49 26.15
N ALA A 916 -17.81 12.12 27.43
CA ALA A 916 -19.06 11.64 28.03
C ALA A 916 -20.16 12.70 28.00
N GLU A 917 -19.80 13.95 28.30
CA GLU A 917 -20.76 15.07 28.24
C GLU A 917 -21.26 15.34 26.81
N VAL A 918 -20.38 15.18 25.82
CA VAL A 918 -20.77 15.28 24.41
C VAL A 918 -21.78 14.18 24.06
N ALA A 919 -21.45 12.96 24.47
CA ALA A 919 -22.35 11.80 24.26
C ALA A 919 -23.72 12.03 24.90
N LYS A 920 -23.74 12.58 26.11
CA LYS A 920 -24.99 12.91 26.81
C LYS A 920 -25.90 13.80 25.97
N LEU A 921 -25.34 14.82 25.32
CA LEU A 921 -26.14 15.68 24.43
C LEU A 921 -26.63 14.93 23.19
N ALA A 922 -25.79 14.02 22.67
CA ALA A 922 -26.16 13.17 21.55
C ALA A 922 -27.23 12.12 21.88
N LEU A 923 -27.39 11.79 23.16
CA LEU A 923 -28.39 10.82 23.64
C LEU A 923 -29.60 11.46 24.37
N THR A 924 -29.98 12.67 23.97
CA THR A 924 -31.07 13.45 24.60
C THR A 924 -31.96 14.08 23.53
N LYS A 925 -33.27 13.99 23.76
CA LYS A 925 -34.34 14.38 22.83
C LYS A 925 -34.38 13.62 21.50
N ARG A 926 -33.31 13.70 20.72
CA ARG A 926 -33.10 12.86 19.52
C ARG A 926 -31.63 12.52 19.30
N LEU A 927 -31.39 11.44 18.57
CA LEU A 927 -30.03 10.93 18.33
C LEU A 927 -29.29 11.82 17.35
N LYS A 928 -28.02 12.11 17.67
CA LYS A 928 -27.18 13.02 16.89
C LYS A 928 -25.86 12.30 16.58
N PRO A 929 -25.58 12.03 15.29
CA PRO A 929 -24.29 11.41 14.96
C PRO A 929 -23.09 12.21 15.49
N VAL A 930 -22.05 11.51 15.94
CA VAL A 930 -20.88 12.11 16.54
C VAL A 930 -19.64 11.82 15.70
N THR A 931 -18.99 12.87 15.21
CA THR A 931 -17.63 12.78 14.69
C THR A 931 -16.71 12.99 15.89
N TYR A 932 -15.79 12.06 16.10
CA TYR A 932 -14.84 12.13 17.22
C TYR A 932 -13.42 12.13 16.69
N LEU A 933 -12.63 13.10 17.12
CA LEU A 933 -11.22 13.15 16.76
C LEU A 933 -10.43 12.37 17.78
N SER A 934 -9.49 11.56 17.30
CA SER A 934 -8.66 10.72 18.13
C SER A 934 -7.22 10.74 17.61
N THR A 935 -6.40 9.76 18.03
CA THR A 935 -4.96 9.82 17.80
C THR A 935 -4.37 8.42 17.57
N VAL A 936 -3.26 8.38 16.83
CA VAL A 936 -2.47 7.16 16.64
C VAL A 936 -1.91 6.66 17.98
N ALA A 937 -1.71 7.58 18.93
CA ALA A 937 -1.28 7.25 20.29
C ALA A 937 -2.18 6.27 21.07
N VAL A 938 -3.41 6.00 20.60
CA VAL A 938 -4.20 4.89 21.17
C VAL A 938 -3.63 3.51 20.82
N ALA A 939 -2.76 3.44 19.80
CA ALA A 939 -2.02 2.20 19.46
C ALA A 939 -0.74 1.97 20.29
N VAL A 940 -0.47 2.82 21.28
CA VAL A 940 0.64 2.63 22.22
C VAL A 940 0.23 1.40 23.06
N GLY A 941 1.12 0.41 23.16
CA GLY A 941 0.83 -0.85 23.85
C GLY A 941 0.46 -2.02 22.94
N VAL A 942 0.16 -1.74 21.67
CA VAL A 942 -0.16 -2.76 20.66
C VAL A 942 0.86 -2.70 19.54
N GLU A 943 1.19 -3.85 18.95
CA GLU A 943 2.04 -3.89 17.74
C GLU A 943 1.26 -3.30 16.56
N PRO A 944 1.90 -2.43 15.73
CA PRO A 944 1.23 -1.79 14.57
C PRO A 944 0.40 -2.72 13.66
N SER A 945 0.89 -3.93 13.40
CA SER A 945 0.19 -4.92 12.56
C SER A 945 -1.11 -5.45 13.18
N ALA A 946 -1.17 -5.50 14.52
CA ALA A 946 -2.36 -5.95 15.25
C ALA A 946 -3.40 -4.86 15.51
N PHE A 947 -3.06 -3.60 15.23
CA PHE A 947 -3.97 -2.49 15.44
C PHE A 947 -4.98 -2.43 14.30
N GLU A 948 -6.19 -2.93 14.53
CA GLU A 948 -7.24 -2.90 13.51
C GLU A 948 -7.86 -1.52 13.41
N GLU A 949 -7.57 -0.83 12.31
CA GLU A 949 -8.16 0.46 11.98
C GLU A 949 -9.65 0.55 12.34
N ASP A 950 -10.44 -0.38 11.80
CA ASP A 950 -11.90 -0.37 11.99
C ASP A 950 -12.39 -1.53 12.88
N GLY A 951 -11.59 -1.95 13.85
CA GLY A 951 -12.00 -2.98 14.80
C GLY A 951 -12.72 -2.38 15.99
N ASP A 952 -13.19 -3.24 16.89
CA ASP A 952 -13.70 -2.80 18.18
C ASP A 952 -12.50 -2.40 19.05
N ILE A 953 -12.47 -1.14 19.48
CA ILE A 953 -11.36 -0.61 20.27
C ILE A 953 -11.24 -1.25 21.66
N ARG A 954 -12.36 -1.72 22.22
CA ARG A 954 -12.36 -2.40 23.52
C ARG A 954 -11.59 -3.74 23.49
N ASP A 955 -11.65 -4.45 22.35
CA ASP A 955 -10.91 -5.70 22.14
C ASP A 955 -9.44 -5.42 21.79
N VAL A 956 -9.22 -4.44 20.92
CA VAL A 956 -7.87 -4.01 20.53
C VAL A 956 -7.36 -3.18 21.72
N SER A 957 -6.75 -3.85 22.68
CA SER A 957 -6.36 -3.24 23.97
C SER A 957 -7.55 -3.03 24.94
N ALA A 958 -7.79 -4.05 25.78
CA ALA A 958 -8.80 -4.00 26.85
C ALA A 958 -8.20 -3.56 28.20
N VAL A 959 -6.87 -3.69 28.35
CA VAL A 959 -6.16 -3.31 29.57
C VAL A 959 -4.96 -2.47 29.18
N ARG A 960 -4.65 -1.46 30.00
CA ARG A 960 -3.60 -0.50 29.73
C ARG A 960 -2.88 -0.05 31.00
N SER A 961 -1.60 0.27 30.86
CA SER A 961 -0.77 0.77 31.97
C SER A 961 -0.68 2.30 31.96
N ILE A 962 -0.56 2.90 33.16
CA ILE A 962 -0.35 4.37 33.34
C ILE A 962 1.00 4.76 33.97
N ALA A 967 3.52 10.55 25.50
CA ALA A 967 2.11 10.49 25.05
C ALA A 967 1.27 9.37 25.68
N ASN A 968 1.69 8.85 26.83
CA ASN A 968 1.02 7.71 27.46
C ASN A 968 -0.35 8.13 28.01
N GLY A 969 -0.37 9.22 28.77
CA GLY A 969 -1.62 9.79 29.30
C GLY A 969 -2.54 10.29 28.21
N TYR A 970 -1.98 10.96 27.21
CA TYR A 970 -2.74 11.44 26.05
C TYR A 970 -3.41 10.27 25.33
N GLY A 971 -2.60 9.28 24.96
CA GLY A 971 -3.11 8.06 24.30
C GLY A 971 -4.21 7.37 25.08
N ASN A 972 -4.00 7.22 26.39
CA ASN A 972 -4.99 6.61 27.28
C ASN A 972 -6.29 7.40 27.36
N SER A 973 -6.19 8.73 27.43
CA SER A 973 -7.36 9.60 27.52
C SER A 973 -8.22 9.56 26.26
N LYS A 974 -7.57 9.60 25.10
CA LYS A 974 -8.29 9.53 23.81
C LYS A 974 -8.88 8.14 23.57
N TRP A 975 -8.12 7.11 23.93
CA TRP A 975 -8.62 5.72 23.95
C TRP A 975 -9.90 5.58 24.77
N ALA A 976 -9.89 6.14 25.98
CA ALA A 976 -11.06 6.09 26.88
C ALA A 976 -12.31 6.74 26.26
N GLY A 977 -12.11 7.84 25.53
CA GLY A 977 -13.19 8.49 24.80
C GLY A 977 -13.79 7.60 23.72
N GLU A 978 -12.92 6.92 22.97
CA GLU A 978 -13.36 5.93 21.97
C GLU A 978 -14.21 4.83 22.59
N VAL A 979 -13.75 4.29 23.72
CA VAL A 979 -14.48 3.24 24.44
C VAL A 979 -15.90 3.68 24.82
N LEU A 980 -16.02 4.87 25.42
CA LEU A 980 -17.33 5.39 25.82
C LEU A 980 -18.27 5.60 24.64
N LEU A 981 -17.74 6.09 23.53
CA LEU A 981 -18.55 6.27 22.31
C LEU A 981 -18.97 4.93 21.72
N ARG A 982 -18.10 3.92 21.84
CA ARG A 982 -18.48 2.56 21.44
C ARG A 982 -19.57 1.98 22.35
N GLU A 983 -19.46 2.22 23.66
CA GLU A 983 -20.53 1.85 24.61
C GLU A 983 -21.86 2.52 24.26
N ALA A 984 -21.80 3.79 23.88
CA ALA A 984 -23.00 4.54 23.46
C ALA A 984 -23.64 3.98 22.19
N TYR A 985 -22.80 3.52 21.25
CA TYR A 985 -23.29 2.86 20.04
C TYR A 985 -23.99 1.55 20.38
N GLU A 986 -23.34 0.73 21.20
CA GLU A 986 -23.87 -0.57 21.60
C GLU A 986 -25.18 -0.47 22.40
N HIS A 987 -25.26 0.52 23.29
CA HIS A 987 -26.44 0.74 24.13
C HIS A 987 -27.65 1.31 23.39
N ALA A 988 -27.42 2.30 22.52
CA ALA A 988 -28.53 3.06 21.89
C ALA A 988 -28.49 3.20 20.36
N GLY A 989 -27.50 2.60 19.70
CA GLY A 989 -27.34 2.73 18.25
C GLY A 989 -26.91 4.11 17.77
N LEU A 990 -26.17 4.83 18.61
CA LEU A 990 -25.63 6.15 18.27
C LEU A 990 -24.58 6.07 17.15
N PRO A 991 -24.84 6.71 15.99
CA PRO A 991 -23.84 6.64 14.92
C PRO A 991 -22.57 7.43 15.27
N VAL A 992 -21.41 6.81 15.05
CA VAL A 992 -20.13 7.43 15.39
C VAL A 992 -19.15 7.25 14.24
N ARG A 993 -18.34 8.28 13.99
CA ARG A 993 -17.20 8.18 13.08
C ARG A 993 -15.97 8.72 13.80
N VAL A 994 -15.03 7.82 14.08
CA VAL A 994 -13.77 8.18 14.71
C VAL A 994 -12.67 8.42 13.67
N PHE A 995 -11.90 9.50 13.85
CA PHE A 995 -10.81 9.88 12.96
C PHE A 995 -9.52 10.07 13.76
N ARG A 996 -8.56 9.17 13.56
CA ARG A 996 -7.29 9.22 14.26
C ARG A 996 -6.26 10.01 13.45
N SER A 997 -5.77 11.11 14.02
CA SER A 997 -4.96 12.08 13.28
C SER A 997 -3.87 12.68 14.15
N ASP A 998 -2.62 12.54 13.72
CA ASP A 998 -1.48 13.25 14.33
C ASP A 998 -0.62 13.86 13.24
N MET A 999 0.07 14.95 13.55
CA MET A 999 0.85 15.77 12.60
C MET A 999 0.00 16.20 11.41
N ILE A 1000 -0.87 17.15 11.70
CA ILE A 1000 -1.69 17.80 10.70
C ILE A 1000 -0.93 19.06 10.29
N LEU A 1001 -0.41 19.02 9.06
CA LEU A 1001 0.51 20.04 8.56
C LEU A 1001 -0.25 21.28 8.08
N ALA A 1002 0.50 22.30 7.65
CA ALA A 1002 -0.03 23.64 7.32
C ALA A 1002 -1.12 23.64 6.26
N HIS A 1003 -1.92 24.72 6.27
CA HIS A 1003 -2.90 24.97 5.22
C HIS A 1003 -2.14 25.31 3.94
N ARG A 1004 -2.58 24.77 2.80
CA ARG A 1004 -1.85 24.95 1.53
C ARG A 1004 -2.18 26.26 0.77
N LYS A 1005 -3.25 26.95 1.16
CA LYS A 1005 -3.76 28.17 0.51
C LYS A 1005 -3.59 29.42 1.41
N TYR A 1006 -4.11 29.39 2.64
CA TYR A 1006 -4.11 30.55 3.55
C TYR A 1006 -2.78 30.78 4.25
N THR A 1007 -2.24 32.00 4.07
CA THR A 1007 -0.92 32.34 4.58
C THR A 1007 -0.94 32.57 6.09
N GLY A 1008 0.17 32.26 6.74
CA GLY A 1008 0.29 32.34 8.19
C GLY A 1008 -0.46 31.25 8.97
N GLN A 1009 -1.09 30.30 8.28
CA GLN A 1009 -1.87 29.25 8.94
C GLN A 1009 -1.05 27.97 8.98
N LEU A 1010 -0.43 27.75 10.14
CA LEU A 1010 0.31 26.54 10.45
C LEU A 1010 0.27 26.35 11.96
N ASN A 1011 0.43 25.11 12.41
CA ASN A 1011 0.42 24.80 13.84
C ASN A 1011 1.81 25.10 14.39
N VAL A 1012 1.95 26.28 14.99
CA VAL A 1012 3.28 26.82 15.40
C VAL A 1012 3.97 25.94 16.44
N PRO A 1013 3.23 25.49 17.48
CA PRO A 1013 3.87 24.67 18.54
C PRO A 1013 4.35 23.26 18.18
N ASP A 1014 3.88 22.66 17.07
CA ASP A 1014 4.17 21.22 16.82
C ASP A 1014 5.61 20.96 16.37
N GLN A 1015 6.01 19.70 16.41
CA GLN A 1015 7.42 19.31 16.18
C GLN A 1015 7.91 19.63 14.76
N PHE A 1016 7.03 19.46 13.77
CA PHE A 1016 7.43 19.70 12.38
C PHE A 1016 7.74 21.17 12.12
N THR A 1017 6.86 22.07 12.55
CA THR A 1017 7.10 23.51 12.42
C THR A 1017 8.37 23.93 13.17
N ARG A 1018 8.54 23.40 14.38
CA ARG A 1018 9.74 23.66 15.18
C ARG A 1018 11.01 23.22 14.45
N LEU A 1019 10.97 22.04 13.83
CA LEU A 1019 12.12 21.53 13.06
C LEU A 1019 12.46 22.42 11.88
N ILE A 1020 11.45 22.82 11.10
CA ILE A 1020 11.66 23.65 9.91
C ILE A 1020 12.22 25.03 10.30
N LEU A 1021 11.64 25.62 11.35
CA LEU A 1021 12.15 26.88 11.89
C LEU A 1021 13.60 26.75 12.36
N SER A 1022 13.92 25.65 13.03
CA SER A 1022 15.27 25.39 13.53
C SER A 1022 16.32 25.24 12.43
N LEU A 1023 15.96 24.54 11.35
CA LEU A 1023 16.86 24.38 10.20
C LEU A 1023 17.16 25.70 9.49
N LEU A 1024 16.14 26.56 9.38
CA LEU A 1024 16.31 27.89 8.81
C LEU A 1024 17.11 28.84 9.72
N ALA A 1025 16.92 28.70 11.04
CA ALA A 1025 17.61 29.54 12.02
C ALA A 1025 19.09 29.18 12.17
N THR A 1026 19.38 27.89 12.37
CA THR A 1026 20.75 27.40 12.50
C THR A 1026 21.49 27.34 11.17
N GLY A 1027 20.76 27.05 10.09
CA GLY A 1027 21.33 26.96 8.75
C GLY A 1027 22.18 25.72 8.50
N ILE A 1028 21.97 24.66 9.28
CA ILE A 1028 22.69 23.39 9.09
C ILE A 1028 21.76 22.19 9.22
N ALA A 1029 21.99 21.17 8.40
CA ALA A 1029 21.16 19.95 8.35
C ALA A 1029 22.04 18.72 8.10
N PRO A 1030 21.59 17.54 8.58
CA PRO A 1030 22.37 16.34 8.34
C PRO A 1030 22.18 15.85 6.90
N LYS A 1031 23.15 15.07 6.42
CA LYS A 1031 23.02 14.35 5.15
C LYS A 1031 21.72 13.55 5.11
N SER A 1032 21.35 12.97 6.25
CA SER A 1032 20.07 12.30 6.41
C SER A 1032 19.61 12.31 7.86
N PHE A 1033 18.31 12.53 8.05
CA PHE A 1033 17.64 12.31 9.34
C PHE A 1033 17.41 10.82 9.61
N TYR A 1034 17.53 9.99 8.57
CA TYR A 1034 17.28 8.56 8.68
C TYR A 1034 18.58 7.77 8.71
N GLN A 1035 18.47 6.47 9.01
CA GLN A 1035 19.66 5.62 9.04
C GLN A 1035 20.24 5.44 7.64
N LEU A 1036 21.56 5.47 7.55
CA LEU A 1036 22.26 5.33 6.29
C LEU A 1036 22.41 3.83 5.99
N ASP A 1037 22.62 3.48 4.73
CA ASP A 1037 22.83 2.07 4.34
C ASP A 1037 24.29 1.64 4.64
N ALA A 1038 24.61 0.38 4.33
CA ALA A 1038 25.96 -0.17 4.56
C ALA A 1038 27.10 0.64 3.92
N THR A 1039 26.85 1.21 2.73
CA THR A 1039 27.84 2.05 2.03
C THR A 1039 27.78 3.56 2.41
N GLY A 1040 27.12 3.91 3.52
CA GLY A 1040 27.02 5.30 3.98
C GLY A 1040 26.08 6.23 3.21
N GLY A 1041 25.24 5.67 2.33
CA GLY A 1041 24.36 6.45 1.46
C GLY A 1041 22.97 6.69 2.05
N ARG A 1042 22.25 7.63 1.42
CA ARG A 1042 20.91 8.03 1.85
C ARG A 1042 19.87 7.02 1.40
N GLN A 1043 18.99 6.60 2.32
CA GLN A 1043 17.96 5.60 2.02
C GLN A 1043 16.58 6.23 1.77
N ARG A 1044 15.71 5.44 1.15
CA ARG A 1044 14.34 5.84 0.84
C ARG A 1044 13.52 5.89 2.14
N ALA A 1045 12.83 7.01 2.37
CA ALA A 1045 12.03 7.23 3.58
C ALA A 1045 10.79 8.07 3.28
N HIS A 1046 9.80 7.97 4.17
CA HIS A 1046 8.52 8.65 4.01
C HIS A 1046 8.14 9.40 5.29
N TYR A 1047 7.73 10.66 5.15
CA TYR A 1047 7.19 11.41 6.28
C TYR A 1047 5.66 11.30 6.29
N ASP A 1048 5.12 10.80 7.40
CA ASP A 1048 3.67 10.65 7.58
C ASP A 1048 3.10 12.00 8.03
N GLY A 1049 2.46 12.70 7.10
CA GLY A 1049 1.76 13.94 7.41
C GLY A 1049 0.77 14.31 6.33
N ILE A 1050 -0.33 14.96 6.73
CA ILE A 1050 -1.38 15.40 5.81
C ILE A 1050 -1.67 16.89 6.07
N PRO A 1051 -1.83 17.70 5.00
CA PRO A 1051 -2.19 19.11 5.23
C PRO A 1051 -3.59 19.29 5.83
N VAL A 1052 -3.77 20.34 6.62
CA VAL A 1052 -5.02 20.58 7.34
C VAL A 1052 -6.24 20.83 6.43
N ASP A 1053 -6.01 21.44 5.27
CA ASP A 1053 -7.10 21.77 4.34
C ASP A 1053 -7.76 20.53 3.76
N PHE A 1054 -6.95 19.53 3.41
CA PHE A 1054 -7.47 18.23 2.98
C PHE A 1054 -8.12 17.49 4.16
N THR A 1055 -7.43 17.44 5.31
CA THR A 1055 -7.93 16.75 6.49
C THR A 1055 -9.31 17.24 6.90
N ALA A 1056 -9.49 18.56 6.92
CA ALA A 1056 -10.78 19.16 7.28
C ALA A 1056 -11.91 18.79 6.30
N GLU A 1057 -11.64 18.86 5.00
CA GLU A 1057 -12.61 18.45 3.99
C GLU A 1057 -12.96 16.97 4.06
N ALA A 1058 -11.95 16.12 4.25
CA ALA A 1058 -12.15 14.67 4.33
C ALA A 1058 -13.00 14.29 5.53
N ILE A 1059 -12.64 14.81 6.70
CA ILE A 1059 -13.36 14.52 7.95
C ILE A 1059 -14.81 15.01 7.89
N THR A 1060 -15.03 16.17 7.29
CA THR A 1060 -16.36 16.74 7.14
C THR A 1060 -17.22 15.93 6.16
N THR A 1061 -16.62 15.52 5.04
CA THR A 1061 -17.33 14.71 4.03
C THR A 1061 -17.72 13.34 4.56
N LEU A 1062 -16.78 12.65 5.20
CA LEU A 1062 -17.03 11.31 5.73
C LEU A 1062 -17.91 11.33 6.98
N GLY A 1063 -17.75 12.34 7.83
CA GLY A 1063 -18.62 12.53 9.01
C GLY A 1063 -20.06 12.82 8.66
N LEU A 1064 -20.27 13.60 7.60
CA LEU A 1064 -21.62 13.89 7.09
C LEU A 1064 -22.32 12.64 6.57
N ALA A 1065 -21.54 11.71 6.01
CA ALA A 1065 -22.06 10.43 5.50
C ALA A 1065 -22.27 9.36 6.57
N GLY A 1066 -21.92 9.65 7.83
CA GLY A 1066 -22.01 8.66 8.92
C GLY A 1066 -23.24 8.78 9.79
N SER A 1067 -24.41 8.63 9.16
CA SER A 1067 -25.69 8.64 9.88
C SER A 1067 -26.13 7.27 10.42
N ASP A 1068 -25.37 6.21 10.12
CA ASP A 1068 -25.62 4.86 10.66
C ASP A 1068 -24.32 4.15 11.02
N GLY A 1069 -24.38 3.31 12.05
CA GLY A 1069 -23.28 2.43 12.41
C GLY A 1069 -22.10 3.12 13.10
N TYR A 1070 -21.07 2.33 13.39
CA TYR A 1070 -19.84 2.78 14.03
C TYR A 1070 -18.67 2.40 13.14
N HIS A 1071 -17.86 3.38 12.73
CA HIS A 1071 -16.65 3.14 11.93
C HIS A 1071 -15.51 4.06 12.37
N SER A 1072 -14.28 3.57 12.23
CA SER A 1072 -13.09 4.31 12.58
C SER A 1072 -12.18 4.42 11.37
N PHE A 1073 -11.45 5.53 11.29
CA PHE A 1073 -10.52 5.82 10.19
C PHE A 1073 -9.19 6.25 10.78
N ASP A 1074 -8.10 5.79 10.17
CA ASP A 1074 -6.75 6.23 10.51
C ASP A 1074 -6.30 7.26 9.47
N VAL A 1075 -6.30 8.53 9.85
CA VAL A 1075 -6.04 9.65 8.96
C VAL A 1075 -4.52 9.87 8.90
N PHE A 1076 -3.83 8.98 8.18
CA PHE A 1076 -2.39 9.04 7.99
C PHE A 1076 -2.04 9.01 6.52
N ASN A 1077 -0.82 9.43 6.21
CA ASN A 1077 -0.29 9.45 4.85
C ASN A 1077 0.36 8.10 4.57
N PRO A 1078 -0.29 7.23 3.76
CA PRO A 1078 0.19 5.87 3.55
C PRO A 1078 1.11 5.66 2.34
N HIS A 1079 1.38 6.71 1.57
CA HIS A 1079 2.05 6.55 0.28
C HIS A 1079 3.48 6.02 0.41
N HIS A 1080 3.83 5.05 -0.44
CA HIS A 1080 5.20 4.57 -0.57
C HIS A 1080 5.86 5.41 -1.66
N ASP A 1081 6.04 6.69 -1.38
CA ASP A 1081 6.50 7.68 -2.38
C ASP A 1081 7.93 8.20 -2.18
N GLY A 1082 8.60 7.77 -1.13
CA GLY A 1082 9.96 8.22 -0.85
C GLY A 1082 10.11 9.70 -0.58
N VAL A 1083 9.04 10.34 -0.10
CA VAL A 1083 9.05 11.76 0.21
C VAL A 1083 9.12 11.89 1.74
N GLY A 1084 10.30 12.27 2.23
CA GLY A 1084 10.53 12.40 3.67
C GLY A 1084 11.33 13.64 3.99
N LEU A 1085 11.88 13.67 5.19
CA LEU A 1085 12.54 14.87 5.72
C LEU A 1085 13.74 15.33 4.90
N ASP A 1086 14.46 14.40 4.28
CA ASP A 1086 15.63 14.74 3.45
C ASP A 1086 15.23 15.47 2.17
N GLU A 1087 14.10 15.07 1.59
CA GLU A 1087 13.55 15.75 0.41
C GLU A 1087 13.10 17.17 0.74
N PHE A 1088 12.53 17.36 1.94
CA PHE A 1088 12.09 18.68 2.39
C PHE A 1088 13.27 19.64 2.50
N VAL A 1089 14.38 19.14 3.03
CA VAL A 1089 15.62 19.92 3.12
C VAL A 1089 16.18 20.25 1.73
N ASP A 1090 16.16 19.29 0.80
CA ASP A 1090 16.56 19.53 -0.60
C ASP A 1090 15.74 20.67 -1.21
N TRP A 1091 14.43 20.66 -0.95
CA TRP A 1091 13.51 21.65 -1.51
C TRP A 1091 13.73 23.07 -0.94
N LEU A 1092 14.03 23.16 0.35
CA LEU A 1092 14.38 24.44 0.97
C LEU A 1092 15.67 25.02 0.35
N VAL A 1093 16.66 24.16 0.12
CA VAL A 1093 17.91 24.56 -0.53
C VAL A 1093 17.67 25.03 -1.97
N GLU A 1094 16.89 24.28 -2.74
CA GLU A 1094 16.48 24.68 -4.10
C GLU A 1094 15.76 26.04 -4.14
N ALA A 1095 14.96 26.31 -3.11
CA ALA A 1095 14.23 27.58 -3.01
C ALA A 1095 15.11 28.77 -2.57
N GLY A 1096 16.36 28.51 -2.19
CA GLY A 1096 17.35 29.55 -1.94
C GLY A 1096 17.81 29.74 -0.49
N HIS A 1097 17.21 29.00 0.44
CA HIS A 1097 17.53 29.16 1.85
C HIS A 1097 18.91 28.56 2.13
N PRO A 1098 19.78 29.32 2.83
CA PRO A 1098 21.14 28.84 3.08
C PRO A 1098 21.17 27.77 4.17
N ILE A 1099 21.19 26.51 3.75
CA ILE A 1099 21.27 25.36 4.65
C ILE A 1099 22.44 24.49 4.19
N SER A 1100 23.43 24.33 5.07
CA SER A 1100 24.61 23.53 4.77
C SER A 1100 24.36 22.08 5.15
N ARG A 1101 24.94 21.17 4.37
CA ARG A 1101 24.75 19.74 4.56
C ARG A 1101 25.96 19.12 5.27
N VAL A 1102 25.85 18.96 6.58
CA VAL A 1102 26.88 18.29 7.39
C VAL A 1102 26.76 16.78 7.21
N ASP A 1103 27.89 16.13 6.93
CA ASP A 1103 27.92 14.73 6.48
C ASP A 1103 27.69 13.71 7.60
N ASP A 1104 28.30 13.94 8.75
CA ASP A 1104 28.16 13.05 9.91
C ASP A 1104 26.96 13.46 10.77
N TYR A 1105 26.13 12.48 11.16
CA TYR A 1105 24.92 12.76 11.94
C TYR A 1105 25.23 13.19 13.38
N ALA A 1106 26.19 12.50 14.02
CA ALA A 1106 26.61 12.83 15.38
C ALA A 1106 27.23 14.23 15.46
N GLU A 1107 28.02 14.60 14.45
CA GLU A 1107 28.59 15.95 14.35
C GLU A 1107 27.51 17.01 14.12
N TRP A 1108 26.49 16.67 13.32
CA TRP A 1108 25.34 17.56 13.12
C TRP A 1108 24.66 17.88 14.44
N LEU A 1109 24.27 16.83 15.16
CA LEU A 1109 23.47 16.97 16.38
C LEU A 1109 24.09 17.88 17.44
N SER A 1110 25.41 17.76 17.64
CA SER A 1110 26.14 18.62 18.59
C SER A 1110 26.27 20.05 18.09
N ARG A 1111 26.65 20.22 16.83
CA ARG A 1111 26.69 21.55 16.17
C ARG A 1111 25.31 22.24 16.12
N PHE A 1112 24.27 21.44 15.89
CA PHE A 1112 22.87 21.90 15.88
C PHE A 1112 22.44 22.42 17.25
N GLU A 1113 22.79 21.67 18.30
CA GLU A 1113 22.46 22.06 19.68
C GLU A 1113 23.19 23.33 20.13
N THR A 1114 24.47 23.47 19.75
CA THR A 1114 25.24 24.68 20.05
C THR A 1114 24.65 25.91 19.36
N SER A 1115 24.37 25.78 18.06
CA SER A 1115 23.81 26.87 17.28
C SER A 1115 22.43 27.31 17.78
N LEU A 1116 21.60 26.33 18.16
CA LEU A 1116 20.28 26.60 18.75
C LEU A 1116 20.36 27.41 20.04
N ARG A 1117 21.27 27.02 20.94
CA ARG A 1117 21.48 27.72 22.21
C ARG A 1117 21.98 29.17 22.05
N GLY A 1118 22.68 29.45 20.96
CA GLY A 1118 23.16 30.79 20.64
C GLY A 1118 22.14 31.77 20.04
N LEU A 1119 20.94 31.28 19.70
CA LEU A 1119 19.87 32.13 19.15
C LEU A 1119 19.25 33.02 20.23
N PRO A 1120 18.60 34.14 19.84
CA PRO A 1120 17.82 34.97 20.78
C PRO A 1120 16.70 34.20 21.51
N GLU A 1121 16.30 34.72 22.68
CA GLU A 1121 15.33 34.05 23.56
C GLU A 1121 13.98 33.76 22.87
N ALA A 1122 13.51 34.71 22.07
CA ALA A 1122 12.26 34.56 21.30
C ALA A 1122 12.29 33.33 20.39
N GLN A 1123 13.38 33.19 19.64
CA GLN A 1123 13.53 32.10 18.67
C GLN A 1123 13.80 30.73 19.30
N ARG A 1124 14.55 30.70 20.41
CA ARG A 1124 14.87 29.44 21.10
C ARG A 1124 13.64 28.72 21.64
N GLN A 1125 12.65 29.48 22.09
CA GLN A 1125 11.42 28.92 22.66
C GLN A 1125 10.53 28.33 21.54
N HIS A 1126 10.56 28.95 20.36
CA HIS A 1126 9.88 28.43 19.16
C HIS A 1126 10.66 27.34 18.41
N SER A 1127 11.90 27.08 18.81
CA SER A 1127 12.74 26.09 18.14
C SER A 1127 12.42 24.67 18.61
N VAL A 1128 13.19 23.71 18.11
CA VAL A 1128 13.04 22.30 18.46
C VAL A 1128 13.89 21.90 19.70
N LEU A 1129 14.58 22.86 20.31
CA LEU A 1129 15.50 22.61 21.44
C LEU A 1129 14.90 21.85 22.64
N PRO A 1130 13.65 22.17 23.06
CA PRO A 1130 12.97 21.35 24.07
C PRO A 1130 12.76 19.86 23.70
N LEU A 1131 12.62 19.56 22.41
CA LEU A 1131 12.39 18.19 21.92
C LEU A 1131 13.66 17.52 21.36
N LEU A 1132 14.85 18.00 21.74
CA LEU A 1132 16.12 17.49 21.20
C LEU A 1132 16.39 16.00 21.46
N HIS A 1133 15.88 15.48 22.58
CA HIS A 1133 15.96 14.04 22.91
C HIS A 1133 15.47 13.11 21.77
N ALA A 1134 14.44 13.54 21.04
CA ALA A 1134 13.88 12.76 19.92
C ALA A 1134 14.84 12.58 18.73
N PHE A 1135 15.78 13.51 18.57
CA PHE A 1135 16.78 13.46 17.49
C PHE A 1135 18.13 12.82 17.91
N ALA A 1136 18.19 12.22 19.10
CA ALA A 1136 19.43 11.60 19.62
C ALA A 1136 20.05 10.62 18.62
N GLN A 1137 19.24 9.67 18.16
CA GLN A 1137 19.62 8.74 17.09
C GLN A 1137 18.87 9.09 15.81
N PRO A 1138 19.43 8.74 14.64
CA PRO A 1138 18.67 8.90 13.40
C PRO A 1138 17.52 7.89 13.31
N ALA A 1139 16.40 8.31 12.73
CA ALA A 1139 15.19 7.48 12.66
C ALA A 1139 15.36 6.33 11.66
N PRO A 1140 14.56 5.24 11.80
CA PRO A 1140 14.68 4.15 10.83
C PRO A 1140 14.05 4.54 9.49
N ALA A 1141 14.64 4.07 8.40
CA ALA A 1141 14.18 4.40 7.04
C ALA A 1141 12.97 3.56 6.64
N ILE A 1142 11.77 4.03 7.00
CA ILE A 1142 10.50 3.40 6.62
C ILE A 1142 9.84 4.19 5.49
N ASP A 1143 9.51 3.51 4.39
CA ASP A 1143 8.62 4.05 3.35
C ASP A 1143 7.19 3.62 3.68
N GLY A 1144 6.21 4.43 3.29
CA GLY A 1144 4.81 4.20 3.67
C GLY A 1144 4.57 4.40 5.16
N SER A 1145 3.44 3.88 5.64
CA SER A 1145 3.08 3.91 7.05
C SER A 1145 2.95 2.48 7.58
N PRO A 1146 3.41 2.24 8.83
CA PRO A 1146 3.25 0.90 9.41
C PRO A 1146 1.81 0.57 9.83
N PHE A 1147 0.98 1.57 10.06
CA PHE A 1147 -0.42 1.36 10.48
C PHE A 1147 -1.32 1.19 9.27
N GLN A 1148 -2.42 0.45 9.44
CA GLN A 1148 -3.36 0.24 8.34
C GLN A 1148 -4.28 1.46 8.13
N THR A 1149 -4.44 1.84 6.85
CA THR A 1149 -5.19 3.03 6.42
C THR A 1149 -6.33 2.76 5.42
N LYS A 1150 -6.39 1.55 4.84
CA LYS A 1150 -7.34 1.22 3.76
C LYS A 1150 -8.73 1.82 3.86
N ASN A 1151 -9.30 1.81 5.06
CA ASN A 1151 -10.65 2.33 5.26
C ASN A 1151 -10.72 3.84 4.98
N PHE A 1152 -9.75 4.59 5.50
CA PHE A 1152 -9.68 6.03 5.24
C PHE A 1152 -9.37 6.32 3.76
N GLN A 1153 -8.35 5.66 3.21
CA GLN A 1153 -7.93 5.94 1.83
C GLN A 1153 -9.00 5.59 0.81
N SER A 1154 -9.60 4.41 0.95
CA SER A 1154 -10.65 3.98 0.03
C SER A 1154 -11.94 4.81 0.16
N SER A 1155 -12.26 5.25 1.38
CA SER A 1155 -13.42 6.12 1.59
C SER A 1155 -13.21 7.50 0.96
N VAL A 1156 -12.02 8.04 1.12
CA VAL A 1156 -11.59 9.29 0.46
C VAL A 1156 -11.64 9.17 -1.09
N GLN A 1157 -11.20 8.03 -1.62
CA GLN A 1157 -11.25 7.78 -3.07
C GLN A 1157 -12.67 7.66 -3.60
N GLU A 1158 -13.52 6.91 -2.89
CA GLU A 1158 -14.96 6.73 -3.22
C GLU A 1158 -15.73 8.06 -3.17
N ALA A 1159 -15.46 8.88 -2.15
CA ALA A 1159 -16.10 10.20 -1.99
C ALA A 1159 -15.55 11.29 -2.92
N LYS A 1160 -14.36 11.05 -3.51
CA LYS A 1160 -13.76 11.92 -4.51
C LYS A 1160 -13.45 13.29 -3.93
N VAL A 1161 -12.66 13.27 -2.86
CA VAL A 1161 -12.30 14.46 -2.11
C VAL A 1161 -11.17 15.20 -2.82
N GLY A 1162 -11.32 16.52 -2.96
CA GLY A 1162 -10.26 17.40 -3.45
C GLY A 1162 -9.90 17.23 -4.90
N ALA A 1163 -8.74 17.79 -5.26
CA ALA A 1163 -8.20 17.65 -6.62
C ALA A 1163 -7.58 16.28 -6.85
N GLU A 1164 -7.27 15.58 -5.78
CA GLU A 1164 -6.49 14.34 -5.84
C GLU A 1164 -7.38 13.09 -5.97
N HIS A 1165 -8.62 13.16 -5.47
CA HIS A 1165 -9.51 11.99 -5.29
C HIS A 1165 -8.76 10.89 -4.53
N ASP A 1166 -7.99 11.32 -3.53
CA ASP A 1166 -7.02 10.46 -2.84
C ASP A 1166 -6.35 11.30 -1.75
N ILE A 1167 -5.65 10.66 -0.83
CA ILE A 1167 -4.80 11.34 0.13
C ILE A 1167 -3.68 12.02 -0.65
N PRO A 1168 -3.42 13.31 -0.40
CA PRO A 1168 -2.39 13.99 -1.21
C PRO A 1168 -0.98 13.56 -0.86
N HIS A 1169 -0.06 13.83 -1.77
CA HIS A 1169 1.38 13.72 -1.49
C HIS A 1169 1.88 15.08 -1.02
N LEU A 1170 2.79 15.07 -0.06
CA LEU A 1170 3.47 16.29 0.38
C LEU A 1170 4.45 16.72 -0.71
N ASP A 1171 4.45 18.01 -1.05
CA ASP A 1171 5.19 18.54 -2.20
C ASP A 1171 5.98 19.78 -1.86
N LYS A 1172 6.80 20.23 -2.80
CA LYS A 1172 7.67 21.40 -2.65
C LYS A 1172 6.92 22.68 -2.26
N ALA A 1173 5.77 22.91 -2.89
CA ALA A 1173 4.96 24.11 -2.61
C ALA A 1173 4.60 24.24 -1.12
N LEU A 1174 4.26 23.12 -0.49
CA LEU A 1174 3.93 23.13 0.94
C LEU A 1174 5.13 23.48 1.83
N ILE A 1175 6.29 22.91 1.51
CA ILE A 1175 7.51 23.14 2.29
C ILE A 1175 8.03 24.57 2.13
N VAL A 1176 8.00 25.08 0.90
CA VAL A 1176 8.36 26.48 0.63
C VAL A 1176 7.43 27.43 1.41
N LYS A 1177 6.13 27.10 1.46
CA LYS A 1177 5.16 27.89 2.20
C LYS A 1177 5.42 27.92 3.71
N TYR A 1178 5.95 26.83 4.28
CA TYR A 1178 6.37 26.83 5.69
C TYR A 1178 7.36 27.96 5.99
N ALA A 1179 8.36 28.10 5.14
CA ALA A 1179 9.39 29.15 5.28
C ALA A 1179 8.80 30.55 5.17
N GLU A 1180 7.90 30.76 4.22
CA GLU A 1180 7.19 32.04 4.08
C GLU A 1180 6.22 32.33 5.24
N ASP A 1181 5.55 31.30 5.75
CA ASP A 1181 4.67 31.44 6.93
C ASP A 1181 5.46 31.86 8.18
N ILE A 1182 6.63 31.23 8.37
CA ILE A 1182 7.50 31.52 9.50
C ILE A 1182 7.99 32.97 9.48
N LYS A 1183 8.37 33.46 8.29
CA LYS A 1183 8.75 34.86 8.12
C LYS A 1183 7.56 35.81 8.35
N GLN A 1184 6.43 35.52 7.71
CA GLN A 1184 5.21 36.35 7.83
C GLN A 1184 4.71 36.54 9.26
N LEU A 1185 4.80 35.48 10.07
CA LEU A 1185 4.43 35.53 11.49
C LEU A 1185 5.54 36.13 12.39
N GLY A 1186 6.74 36.32 11.85
CA GLY A 1186 7.80 37.05 12.52
C GLY A 1186 8.52 36.28 13.61
N LEU A 1187 8.91 35.03 13.31
CA LEU A 1187 9.54 34.14 14.28
C LEU A 1187 11.06 34.01 14.12
N GLY B 666 -20.70 -31.31 -49.20
CA GLY B 666 -19.30 -30.88 -49.54
C GLY B 666 -19.02 -31.13 -51.01
N GLU B 667 -17.98 -31.91 -51.31
CA GLU B 667 -17.71 -32.31 -52.71
C GLU B 667 -17.94 -33.80 -53.08
N ARG B 668 -17.59 -34.85 -52.32
CA ARG B 668 -16.80 -35.01 -51.04
C ARG B 668 -17.51 -34.85 -49.69
N PRO B 669 -17.56 -35.94 -48.89
CA PRO B 669 -18.10 -35.82 -47.52
C PRO B 669 -17.16 -35.07 -46.57
N VAL B 670 -17.76 -34.34 -45.64
CA VAL B 670 -17.03 -33.41 -44.77
C VAL B 670 -15.98 -34.10 -43.91
N ILE B 671 -16.34 -35.25 -43.34
CA ILE B 671 -15.41 -36.03 -42.52
C ILE B 671 -14.08 -36.34 -43.22
N GLU B 672 -14.10 -36.61 -44.53
CA GLU B 672 -12.87 -36.89 -45.27
C GLU B 672 -11.91 -35.69 -45.33
N THR B 673 -12.45 -34.51 -45.62
CA THR B 673 -11.67 -33.27 -45.60
C THR B 673 -11.07 -33.01 -44.21
N VAL B 674 -11.87 -33.24 -43.17
CA VAL B 674 -11.45 -33.12 -41.77
C VAL B 674 -10.27 -34.06 -41.45
N GLN B 675 -10.33 -35.31 -41.92
CA GLN B 675 -9.25 -36.28 -41.67
C GLN B 675 -7.98 -35.95 -42.43
N ARG B 676 -8.11 -35.63 -43.73
CA ARG B 676 -6.95 -35.31 -44.57
C ARG B 676 -6.23 -34.04 -44.12
N ALA B 677 -7.00 -33.02 -43.74
CA ALA B 677 -6.43 -31.78 -43.20
C ALA B 677 -5.60 -32.04 -41.93
N ALA B 678 -6.14 -32.88 -41.04
CA ALA B 678 -5.46 -33.25 -39.80
C ALA B 678 -4.17 -34.04 -40.07
N ALA B 679 -4.26 -34.98 -41.00
CA ALA B 679 -3.12 -35.78 -41.47
C ALA B 679 -2.02 -34.90 -42.06
N ALA B 680 -2.41 -33.93 -42.89
CA ALA B 680 -1.46 -32.99 -43.50
C ALA B 680 -0.78 -32.11 -42.44
N LEU B 681 -1.59 -31.54 -41.55
CA LEU B 681 -1.12 -30.63 -40.52
C LEU B 681 -0.18 -31.26 -39.49
N LEU B 682 -0.45 -32.50 -39.10
CA LEU B 682 0.25 -33.15 -37.97
C LEU B 682 1.26 -34.23 -38.36
N GLY B 683 1.22 -34.68 -39.62
CA GLY B 683 2.06 -35.76 -40.12
C GLY B 683 1.30 -37.06 -40.19
N ALA B 684 2.03 -38.16 -40.36
CA ALA B 684 1.47 -39.40 -40.90
C ALA B 684 0.72 -40.28 -39.90
N SER B 685 0.18 -41.41 -40.33
CA SER B 685 -0.22 -41.75 -41.70
C SER B 685 -1.74 -41.68 -41.81
N ALA B 686 -2.26 -41.53 -43.03
CA ALA B 686 -3.71 -41.36 -43.25
C ALA B 686 -4.59 -42.59 -42.86
N ALA B 687 -3.98 -43.67 -42.35
CA ALA B 687 -4.72 -44.75 -41.67
C ALA B 687 -4.82 -44.53 -40.15
N GLU B 688 -3.79 -43.90 -39.54
CA GLU B 688 -3.84 -43.50 -38.11
C GLU B 688 -4.85 -42.35 -37.82
N VAL B 689 -5.43 -41.73 -38.86
CA VAL B 689 -6.28 -40.57 -38.71
C VAL B 689 -7.79 -41.00 -38.77
N ASP B 690 -8.06 -42.11 -38.08
CA ASP B 690 -9.41 -42.65 -37.86
C ASP B 690 -10.39 -41.54 -37.35
N PRO B 691 -11.65 -41.53 -37.84
CA PRO B 691 -12.62 -40.52 -37.38
C PRO B 691 -12.95 -40.46 -35.87
N GLU B 692 -12.73 -41.56 -35.15
CA GLU B 692 -12.89 -41.62 -33.69
C GLU B 692 -11.68 -41.09 -32.89
N ALA B 693 -10.58 -40.74 -33.58
CA ALA B 693 -9.40 -40.17 -32.92
C ALA B 693 -9.60 -38.71 -32.52
N HIS B 694 -8.82 -38.28 -31.52
CA HIS B 694 -8.87 -36.91 -30.99
C HIS B 694 -7.67 -36.13 -31.50
N PHE B 695 -7.87 -34.84 -31.74
CA PHE B 695 -6.83 -33.95 -32.30
C PHE B 695 -5.54 -33.97 -31.47
N SER B 696 -5.68 -33.93 -30.15
CA SER B 696 -4.53 -33.96 -29.23
C SER B 696 -3.76 -35.28 -29.24
N ASP B 697 -4.47 -36.40 -29.38
CA ASP B 697 -3.83 -37.74 -29.47
C ASP B 697 -2.94 -37.90 -30.71
N LEU B 698 -3.24 -37.16 -31.77
CA LEU B 698 -2.45 -37.17 -33.01
C LEU B 698 -1.22 -36.25 -33.00
N GLY B 699 -0.95 -35.58 -31.87
CA GLY B 699 0.15 -34.62 -31.74
C GLY B 699 -0.28 -33.16 -31.74
N GLY B 700 -1.59 -32.90 -31.77
CA GLY B 700 -2.11 -31.54 -31.82
C GLY B 700 -2.02 -30.79 -30.50
N ASP B 701 -2.03 -29.46 -30.59
CA ASP B 701 -2.10 -28.55 -29.43
C ASP B 701 -2.84 -27.28 -29.83
N SER B 702 -2.96 -26.29 -28.92
CA SER B 702 -3.71 -25.06 -29.21
C SER B 702 -3.11 -24.17 -30.32
N LEU B 703 -1.83 -24.33 -30.61
CA LEU B 703 -1.19 -23.61 -31.72
C LEU B 703 -1.60 -24.19 -33.08
N SER B 704 -1.41 -25.50 -33.25
CA SER B 704 -1.85 -26.19 -34.48
C SER B 704 -3.39 -26.23 -34.62
N ALA B 705 -4.11 -26.21 -33.50
CA ALA B 705 -5.58 -26.12 -33.53
C ALA B 705 -6.10 -24.84 -34.19
N LEU B 706 -5.37 -23.73 -34.05
CA LEU B 706 -5.74 -22.46 -34.70
C LEU B 706 -5.53 -22.53 -36.21
N THR B 707 -4.39 -23.06 -36.63
CA THR B 707 -4.09 -23.32 -38.05
C THR B 707 -5.20 -24.17 -38.69
N TYR B 708 -5.53 -25.27 -38.00
CA TYR B 708 -6.60 -26.19 -38.38
C TYR B 708 -7.95 -25.47 -38.47
N SER B 709 -8.27 -24.67 -37.45
CA SER B 709 -9.51 -23.91 -37.39
C SER B 709 -9.67 -22.94 -38.58
N ASN B 710 -8.62 -22.17 -38.87
CA ASN B 710 -8.61 -21.21 -39.99
C ASN B 710 -8.68 -21.90 -41.35
N PHE B 711 -8.04 -23.06 -41.47
CA PHE B 711 -8.07 -23.86 -42.70
C PHE B 711 -9.48 -24.35 -43.02
N LEU B 712 -10.13 -24.95 -42.02
CA LEU B 712 -11.52 -25.43 -42.18
C LEU B 712 -12.52 -24.28 -42.31
N HIS B 713 -12.22 -23.15 -41.66
CA HIS B 713 -13.05 -21.94 -41.79
C HIS B 713 -13.09 -21.45 -43.24
N GLU B 714 -11.93 -21.38 -43.88
CA GLU B 714 -11.81 -20.92 -45.27
C GLU B 714 -12.50 -21.87 -46.26
N ILE B 715 -12.35 -23.18 -46.04
CA ILE B 715 -12.93 -24.21 -46.92
C ILE B 715 -14.46 -24.21 -46.86
N PHE B 716 -15.02 -24.28 -45.66
CA PHE B 716 -16.46 -24.50 -45.47
C PHE B 716 -17.27 -23.23 -45.17
N GLN B 717 -16.60 -22.09 -44.98
CA GLN B 717 -17.25 -20.79 -44.72
C GLN B 717 -18.15 -20.77 -43.46
N VAL B 718 -17.77 -21.52 -42.43
CA VAL B 718 -18.43 -21.48 -41.12
C VAL B 718 -17.37 -21.47 -40.03
N GLU B 719 -17.72 -20.93 -38.87
CA GLU B 719 -16.77 -20.86 -37.75
C GLU B 719 -16.54 -22.25 -37.18
N VAL B 720 -15.27 -22.59 -36.98
CA VAL B 720 -14.85 -23.86 -36.39
C VAL B 720 -13.96 -23.49 -35.22
N PRO B 721 -14.55 -23.18 -34.05
CA PRO B 721 -13.73 -22.67 -32.94
C PRO B 721 -12.67 -23.68 -32.48
N VAL B 722 -11.54 -23.15 -32.02
CA VAL B 722 -10.48 -23.95 -31.41
C VAL B 722 -11.01 -24.80 -30.25
N SER B 723 -11.94 -24.24 -29.48
CA SER B 723 -12.60 -24.92 -28.37
C SER B 723 -13.25 -26.28 -28.77
N VAL B 724 -13.84 -26.33 -29.97
CA VAL B 724 -14.45 -27.55 -30.51
C VAL B 724 -13.38 -28.60 -30.86
N ILE B 725 -12.26 -28.15 -31.43
CA ILE B 725 -11.18 -29.04 -31.86
C ILE B 725 -10.43 -29.69 -30.67
N VAL B 726 -10.13 -28.89 -29.64
CA VAL B 726 -9.28 -29.37 -28.51
C VAL B 726 -10.04 -30.03 -27.34
N SER B 727 -11.35 -29.83 -27.25
CA SER B 727 -12.14 -30.40 -26.16
C SER B 727 -11.98 -31.93 -26.05
N ALA B 728 -11.84 -32.42 -24.83
CA ALA B 728 -11.69 -33.86 -24.56
C ALA B 728 -12.94 -34.67 -24.94
N ALA B 729 -14.10 -34.02 -24.98
CA ALA B 729 -15.35 -34.67 -25.41
C ALA B 729 -15.43 -34.94 -26.92
N ASN B 730 -14.65 -34.22 -27.73
CA ASN B 730 -14.80 -34.21 -29.18
C ASN B 730 -13.69 -34.97 -29.89
N ASN B 731 -14.09 -35.74 -30.90
CA ASN B 731 -13.15 -36.40 -31.82
C ASN B 731 -13.32 -35.74 -33.19
N LEU B 732 -12.62 -36.25 -34.21
CA LEU B 732 -12.71 -35.67 -35.56
C LEU B 732 -14.12 -35.74 -36.15
N ARG B 733 -14.86 -36.78 -35.80
CA ARG B 733 -16.28 -36.90 -36.15
C ARG B 733 -17.11 -35.71 -35.63
N SER B 734 -16.86 -35.32 -34.38
CA SER B 734 -17.54 -34.16 -33.77
C SER B 734 -17.22 -32.84 -34.48
N VAL B 735 -15.99 -32.71 -34.99
CA VAL B 735 -15.58 -31.53 -35.76
C VAL B 735 -16.37 -31.49 -37.08
N ALA B 736 -16.44 -32.64 -37.76
CA ALA B 736 -17.24 -32.76 -38.99
C ALA B 736 -18.72 -32.48 -38.75
N ALA B 737 -19.27 -33.06 -37.69
CA ALA B 737 -20.67 -32.84 -37.30
C ALA B 737 -20.97 -31.36 -37.03
N HIS B 738 -20.04 -30.68 -36.35
CA HIS B 738 -20.19 -29.25 -36.04
C HIS B 738 -20.24 -28.40 -37.31
N ILE B 739 -19.38 -28.72 -38.28
CA ILE B 739 -19.34 -28.00 -39.57
C ILE B 739 -20.68 -28.14 -40.30
N GLU B 740 -21.19 -29.36 -40.41
CA GLU B 740 -22.44 -29.63 -41.13
C GLU B 740 -23.68 -29.02 -40.47
N LYS B 741 -23.71 -29.06 -39.14
CA LYS B 741 -24.77 -28.38 -38.37
C LYS B 741 -24.77 -26.87 -38.65
N GLU B 742 -23.58 -26.28 -38.70
CA GLU B 742 -23.42 -24.84 -38.93
C GLU B 742 -23.86 -24.40 -40.32
N ARG B 743 -23.67 -25.26 -41.32
CA ARG B 743 -24.06 -24.93 -42.71
C ARG B 743 -25.58 -24.92 -42.93
N SER B 744 -26.27 -25.93 -42.40
CA SER B 744 -27.71 -26.07 -42.58
C SER B 744 -28.49 -25.12 -41.67
N SER B 747 -27.58 -23.17 -34.96
CA SER B 747 -26.83 -22.41 -33.96
C SER B 747 -27.32 -20.98 -33.73
N ASP B 748 -28.06 -20.79 -32.64
CA ASP B 748 -28.38 -19.44 -32.12
C ASP B 748 -29.01 -19.51 -30.72
N ARG B 749 -28.26 -19.38 -29.61
CA ARG B 749 -26.77 -19.37 -29.45
C ARG B 749 -26.08 -18.01 -29.76
N PRO B 750 -25.77 -17.21 -28.71
CA PRO B 750 -25.12 -15.92 -28.89
C PRO B 750 -23.74 -16.05 -29.57
N THR B 751 -23.37 -15.10 -30.42
CA THR B 751 -22.09 -15.11 -31.15
C THR B 751 -21.50 -13.71 -31.15
N PHE B 752 -20.25 -13.61 -31.60
CA PHE B 752 -19.52 -12.35 -31.75
C PHE B 752 -20.28 -11.34 -32.62
N ALA B 753 -20.90 -11.82 -33.69
CA ALA B 753 -21.67 -10.98 -34.61
C ALA B 753 -22.93 -10.41 -33.98
N SER B 754 -23.73 -11.25 -33.31
CA SER B 754 -25.01 -10.83 -32.74
C SER B 754 -24.88 -9.88 -31.54
N VAL B 755 -23.74 -9.91 -30.86
CA VAL B 755 -23.49 -9.09 -29.68
C VAL B 755 -22.71 -7.81 -30.03
N HIS B 756 -21.60 -7.95 -30.77
CA HIS B 756 -20.70 -6.84 -31.08
C HIS B 756 -20.80 -6.30 -32.53
N GLY B 757 -21.66 -6.89 -33.36
CA GLY B 757 -21.73 -6.55 -34.78
C GLY B 757 -20.67 -7.27 -35.59
N ALA B 758 -21.08 -7.83 -36.73
CA ALA B 758 -20.20 -8.67 -37.56
C ALA B 758 -18.99 -7.88 -38.07
N GLY B 759 -17.80 -8.49 -37.95
CA GLY B 759 -16.55 -7.88 -38.40
C GLY B 759 -16.13 -6.61 -37.68
N ALA B 760 -16.67 -6.36 -36.48
CA ALA B 760 -16.39 -5.14 -35.73
C ALA B 760 -14.95 -5.15 -35.22
N THR B 761 -14.32 -3.97 -35.20
CA THR B 761 -12.93 -3.80 -34.80
C THR B 761 -12.77 -3.23 -33.36
N THR B 762 -13.87 -2.78 -32.76
CA THR B 762 -13.90 -2.40 -31.35
C THR B 762 -15.14 -2.98 -30.67
N ILE B 763 -15.13 -2.97 -29.34
CA ILE B 763 -16.22 -3.50 -28.54
C ILE B 763 -16.55 -2.53 -27.41
N ARG B 764 -17.81 -2.53 -26.97
CA ARG B 764 -18.30 -1.59 -25.95
C ARG B 764 -19.04 -2.32 -24.84
N ALA B 765 -18.95 -1.78 -23.63
CA ALA B 765 -19.67 -2.32 -22.46
C ALA B 765 -21.18 -2.30 -22.65
N SER B 766 -21.68 -1.29 -23.35
CA SER B 766 -23.12 -1.17 -23.69
C SER B 766 -23.64 -2.29 -24.61
N ASP B 767 -22.75 -2.90 -25.40
CA ASP B 767 -23.09 -4.09 -26.20
C ASP B 767 -23.51 -5.28 -25.32
N LEU B 768 -22.80 -5.46 -24.21
CA LEU B 768 -22.93 -6.64 -23.37
C LEU B 768 -24.09 -6.52 -22.38
N LYS B 769 -25.31 -6.69 -22.89
CA LYS B 769 -26.52 -6.72 -22.07
C LYS B 769 -27.00 -8.16 -21.96
N LEU B 770 -27.66 -8.48 -20.85
CA LEU B 770 -28.16 -9.84 -20.61
C LEU B 770 -29.25 -10.31 -21.57
N GLU B 771 -29.95 -9.35 -22.19
CA GLU B 771 -30.97 -9.64 -23.21
C GLU B 771 -30.39 -10.37 -24.42
N LYS B 772 -29.13 -10.10 -24.75
CA LYS B 772 -28.45 -10.75 -25.87
C LYS B 772 -27.95 -12.19 -25.60
N PHE B 773 -27.87 -12.58 -24.32
CA PHE B 773 -27.41 -13.93 -23.92
C PHE B 773 -28.49 -14.82 -23.30
N LEU B 774 -29.33 -14.24 -22.45
CA LEU B 774 -30.35 -14.98 -21.69
C LEU B 774 -31.75 -14.69 -22.25
N ASP B 775 -32.66 -15.64 -22.05
CA ASP B 775 -34.06 -15.48 -22.48
C ASP B 775 -34.82 -14.51 -21.58
N ALA B 776 -35.92 -13.97 -22.12
CA ALA B 776 -36.70 -12.92 -21.46
C ALA B 776 -37.45 -13.40 -20.21
N GLN B 777 -37.81 -14.68 -20.16
CA GLN B 777 -38.54 -15.24 -19.01
C GLN B 777 -37.69 -15.31 -17.74
N THR B 778 -36.42 -15.70 -17.90
CA THR B 778 -35.46 -15.73 -16.78
C THR B 778 -35.23 -14.31 -16.25
N LEU B 779 -34.97 -13.38 -17.17
CA LEU B 779 -34.70 -11.98 -16.82
C LEU B 779 -35.90 -11.30 -16.16
N ALA B 780 -37.10 -11.56 -16.67
CA ALA B 780 -38.33 -11.00 -16.09
C ALA B 780 -38.58 -11.48 -14.65
N ALA B 781 -38.37 -12.78 -14.41
CA ALA B 781 -38.57 -13.37 -13.08
C ALA B 781 -37.41 -13.14 -12.10
N ALA B 782 -36.27 -12.65 -12.60
CA ALA B 782 -35.04 -12.56 -11.80
C ALA B 782 -35.04 -11.60 -10.60
N PRO B 783 -35.50 -10.34 -10.78
CA PRO B 783 -35.52 -9.36 -9.67
C PRO B 783 -36.27 -9.82 -8.40
N SER B 784 -37.36 -10.56 -8.57
CA SER B 784 -38.20 -11.01 -7.45
C SER B 784 -37.83 -12.40 -6.88
N LEU B 785 -36.72 -12.98 -7.31
CA LEU B 785 -36.30 -14.32 -6.84
C LEU B 785 -35.94 -14.32 -5.34
N PRO B 786 -36.02 -15.49 -4.68
CA PRO B 786 -35.58 -15.60 -3.29
C PRO B 786 -34.08 -15.32 -3.11
N ARG B 787 -33.72 -14.73 -1.98
CA ARG B 787 -32.36 -14.31 -1.68
C ARG B 787 -31.45 -15.52 -1.36
N PRO B 788 -30.11 -15.32 -1.39
CA PRO B 788 -29.16 -16.42 -1.10
C PRO B 788 -29.42 -17.16 0.21
N ALA B 789 -29.17 -18.47 0.21
CA ALA B 789 -29.30 -19.29 1.40
C ALA B 789 -28.29 -18.84 2.46
N SER B 790 -28.75 -18.77 3.70
CA SER B 790 -27.90 -18.34 4.83
C SER B 790 -26.71 -19.29 5.06
N GLU B 791 -26.92 -20.59 4.82
CA GLU B 791 -25.86 -21.60 4.98
C GLU B 791 -25.53 -22.27 3.65
N VAL B 792 -24.25 -22.22 3.28
CA VAL B 792 -23.74 -22.85 2.05
C VAL B 792 -23.40 -24.30 2.34
N ARG B 793 -24.20 -25.21 1.77
CA ARG B 793 -23.95 -26.66 1.88
C ARG B 793 -23.57 -27.34 0.56
N THR B 794 -24.01 -26.79 -0.57
CA THR B 794 -23.66 -27.33 -1.88
C THR B 794 -23.09 -26.23 -2.82
N VAL B 795 -21.93 -26.53 -3.41
CA VAL B 795 -21.20 -25.59 -4.26
C VAL B 795 -21.00 -26.19 -5.64
N LEU B 796 -21.26 -25.40 -6.68
CA LEU B 796 -20.91 -25.75 -8.05
C LEU B 796 -19.60 -25.06 -8.40
N LEU B 797 -18.63 -25.84 -8.88
CA LEU B 797 -17.31 -25.34 -9.22
C LEU B 797 -17.01 -25.66 -10.68
N THR B 798 -16.57 -24.64 -11.42
CA THR B 798 -16.12 -24.84 -12.82
C THR B 798 -14.60 -24.68 -12.84
N GLY B 799 -13.98 -25.27 -13.86
CA GLY B 799 -12.53 -25.30 -14.01
C GLY B 799 -11.75 -26.13 -13.00
N SER B 800 -12.39 -27.13 -12.39
CA SER B 800 -11.77 -27.91 -11.30
C SER B 800 -10.53 -28.73 -11.68
N ASN B 801 -10.41 -29.12 -12.95
CA ASN B 801 -9.17 -29.78 -13.40
C ASN B 801 -8.08 -28.80 -13.84
N GLY B 802 -8.37 -27.50 -13.81
CA GLY B 802 -7.37 -26.48 -14.07
C GLY B 802 -6.38 -26.32 -12.92
N TRP B 803 -5.49 -25.35 -13.06
CA TRP B 803 -4.42 -25.13 -12.09
C TRP B 803 -4.94 -24.60 -10.76
N LEU B 804 -5.64 -23.48 -10.80
CA LEU B 804 -6.23 -22.92 -9.58
C LEU B 804 -7.42 -23.76 -9.11
N GLY B 805 -8.28 -24.14 -10.05
CA GLY B 805 -9.54 -24.82 -9.73
C GLY B 805 -9.45 -26.08 -8.90
N ARG B 806 -8.38 -26.86 -9.11
CA ARG B 806 -8.19 -28.11 -8.35
C ARG B 806 -8.02 -27.85 -6.86
N PHE B 807 -7.37 -26.74 -6.52
CA PHE B 807 -7.18 -26.36 -5.12
C PHE B 807 -8.36 -25.56 -4.55
N LEU B 808 -9.14 -24.91 -5.40
CA LEU B 808 -10.44 -24.41 -4.99
C LEU B 808 -11.36 -25.59 -4.64
N ALA B 809 -11.36 -26.63 -5.47
CA ALA B 809 -12.13 -27.86 -5.23
C ALA B 809 -11.76 -28.50 -3.90
N LEU B 810 -10.47 -28.63 -3.68
CA LEU B 810 -9.93 -29.24 -2.47
C LEU B 810 -10.31 -28.42 -1.22
N ALA B 811 -10.20 -27.10 -1.31
CA ALA B 811 -10.59 -26.20 -0.21
C ALA B 811 -12.08 -26.31 0.15
N TRP B 812 -12.94 -26.40 -0.85
CA TRP B 812 -14.39 -26.56 -0.61
C TRP B 812 -14.74 -27.93 -0.05
N LEU B 813 -14.06 -28.98 -0.53
CA LEU B 813 -14.26 -30.33 0.01
C LEU B 813 -13.84 -30.43 1.49
N GLU B 814 -12.71 -29.82 1.84
CA GLU B 814 -12.24 -29.76 3.23
C GLU B 814 -13.26 -29.09 4.17
N ARG B 815 -13.93 -28.04 3.69
CA ARG B 815 -14.96 -27.35 4.47
C ARG B 815 -16.31 -28.09 4.51
N LEU B 816 -16.78 -28.56 3.37
CA LEU B 816 -18.16 -29.08 3.25
C LEU B 816 -18.34 -30.56 3.65
N VAL B 817 -17.35 -31.41 3.41
CA VAL B 817 -17.48 -32.85 3.71
C VAL B 817 -17.77 -33.11 5.20
N PRO B 818 -17.05 -32.43 6.12
CA PRO B 818 -17.37 -32.54 7.56
C PRO B 818 -18.79 -32.13 7.99
N GLN B 819 -19.48 -31.32 7.19
CA GLN B 819 -20.83 -30.90 7.48
C GLN B 819 -21.87 -31.62 6.62
N GLY B 820 -21.46 -32.74 6.00
CA GLY B 820 -22.32 -33.48 5.09
C GLY B 820 -22.73 -32.75 3.82
N GLY B 821 -21.92 -31.78 3.40
CA GLY B 821 -22.18 -31.00 2.19
C GLY B 821 -21.63 -31.66 0.95
N LYS B 822 -21.74 -30.96 -0.18
CA LYS B 822 -21.36 -31.51 -1.48
C LYS B 822 -20.71 -30.46 -2.37
N VAL B 823 -19.70 -30.90 -3.14
CA VAL B 823 -19.12 -30.08 -4.20
C VAL B 823 -19.49 -30.72 -5.54
N VAL B 824 -20.25 -29.98 -6.36
CA VAL B 824 -20.55 -30.40 -7.73
C VAL B 824 -19.53 -29.75 -8.67
N VAL B 825 -19.11 -30.50 -9.67
CA VAL B 825 -18.01 -30.11 -10.55
C VAL B 825 -18.37 -30.45 -12.00
N ILE B 826 -18.14 -29.50 -12.91
CA ILE B 826 -18.37 -29.68 -14.34
C ILE B 826 -17.03 -29.73 -15.05
N VAL B 827 -16.76 -30.86 -15.73
CA VAL B 827 -15.50 -31.12 -16.43
C VAL B 827 -15.79 -31.61 -17.84
N ARG B 828 -14.95 -31.23 -18.79
CA ARG B 828 -15.15 -31.63 -20.19
C ARG B 828 -14.72 -33.09 -20.38
N GLY B 829 -15.54 -33.86 -21.08
CA GLY B 829 -15.26 -35.28 -21.36
C GLY B 829 -16.43 -35.96 -22.07
N LYS B 830 -16.15 -37.10 -22.73
CA LYS B 830 -17.17 -37.87 -23.49
C LYS B 830 -18.38 -38.24 -22.63
N ASP B 831 -18.13 -38.68 -21.40
CA ASP B 831 -19.20 -39.00 -20.44
C ASP B 831 -18.72 -38.73 -19.01
N ASP B 832 -19.61 -38.92 -18.04
CA ASP B 832 -19.31 -38.63 -16.63
C ASP B 832 -18.08 -39.40 -16.12
N LYS B 833 -17.97 -40.66 -16.51
CA LYS B 833 -16.81 -41.49 -16.19
C LYS B 833 -15.47 -40.91 -16.67
N ALA B 834 -15.40 -40.57 -17.95
CA ALA B 834 -14.17 -40.00 -18.52
C ALA B 834 -13.83 -38.63 -17.92
N ALA B 835 -14.86 -37.82 -17.64
CA ALA B 835 -14.69 -36.53 -16.98
C ALA B 835 -14.04 -36.68 -15.61
N LYS B 836 -14.55 -37.63 -14.81
CA LYS B 836 -13.99 -37.90 -13.48
C LYS B 836 -12.55 -38.40 -13.55
N ALA B 837 -12.23 -39.22 -14.55
CA ALA B 837 -10.85 -39.69 -14.77
C ALA B 837 -9.89 -38.54 -15.09
N ARG B 838 -10.35 -37.56 -15.87
CA ARG B 838 -9.53 -36.38 -16.17
C ARG B 838 -9.22 -35.54 -14.93
N LEU B 839 -10.21 -35.38 -14.06
CA LEU B 839 -10.02 -34.65 -12.79
C LEU B 839 -9.13 -35.42 -11.83
N ASP B 840 -9.36 -36.73 -11.70
CA ASP B 840 -8.52 -37.59 -10.85
C ASP B 840 -7.04 -37.46 -11.18
N SER B 841 -6.71 -37.47 -12.47
CA SER B 841 -5.30 -37.50 -12.91
C SER B 841 -4.46 -36.26 -12.57
N VAL B 842 -5.08 -35.08 -12.40
CA VAL B 842 -4.29 -33.87 -12.04
C VAL B 842 -3.79 -33.90 -10.59
N PHE B 843 -4.41 -34.72 -9.74
CA PHE B 843 -3.93 -34.98 -8.38
C PHE B 843 -2.85 -36.09 -8.28
N GLU B 844 -2.58 -36.80 -9.39
CA GLU B 844 -1.42 -37.72 -9.50
C GLU B 844 -0.22 -36.92 -10.01
N SER B 845 0.63 -36.45 -9.10
CA SER B 845 1.84 -35.72 -9.48
C SER B 845 3.09 -36.28 -8.79
N GLY B 846 3.00 -37.52 -8.32
CA GLY B 846 4.07 -38.15 -7.54
C GLY B 846 4.04 -37.85 -6.05
N ASP B 847 2.92 -37.34 -5.54
CA ASP B 847 2.72 -37.07 -4.11
C ASP B 847 1.67 -38.03 -3.54
N PRO B 848 2.10 -39.07 -2.81
CA PRO B 848 1.15 -40.04 -2.22
C PRO B 848 0.13 -39.44 -1.24
N ALA B 849 0.56 -38.49 -0.42
CA ALA B 849 -0.31 -37.85 0.57
C ALA B 849 -1.46 -37.05 -0.08
N LEU B 850 -1.16 -36.33 -1.16
CA LEU B 850 -2.17 -35.58 -1.90
C LEU B 850 -3.23 -36.50 -2.49
N LEU B 851 -2.77 -37.57 -3.15
CA LEU B 851 -3.67 -38.54 -3.78
C LEU B 851 -4.63 -39.18 -2.78
N ALA B 852 -4.10 -39.59 -1.63
CA ALA B 852 -4.92 -40.18 -0.57
C ALA B 852 -5.90 -39.18 0.04
N HIS B 853 -5.45 -37.94 0.21
CA HIS B 853 -6.30 -36.85 0.71
C HIS B 853 -7.45 -36.54 -0.25
N TYR B 854 -7.13 -36.40 -1.54
CA TYR B 854 -8.13 -36.17 -2.57
C TYR B 854 -9.18 -37.30 -2.64
N GLU B 855 -8.70 -38.54 -2.70
CA GLU B 855 -9.60 -39.71 -2.85
C GLU B 855 -10.52 -39.90 -1.66
N ASP B 856 -10.00 -39.67 -0.45
CA ASP B 856 -10.80 -39.69 0.77
C ASP B 856 -11.98 -38.71 0.69
N LEU B 857 -11.68 -37.45 0.37
CA LEU B 857 -12.70 -36.41 0.28
C LEU B 857 -13.64 -36.55 -0.94
N ALA B 858 -13.08 -36.99 -2.07
CA ALA B 858 -13.88 -37.18 -3.29
C ALA B 858 -14.99 -38.23 -3.15
N ASP B 859 -14.67 -39.35 -2.53
CA ASP B 859 -15.67 -40.41 -2.25
C ASP B 859 -16.83 -39.89 -1.41
N LYS B 860 -16.52 -39.06 -0.41
CA LYS B 860 -17.53 -38.56 0.53
C LYS B 860 -18.36 -37.37 0.02
N GLY B 861 -17.81 -36.52 -0.82
CA GLY B 861 -18.51 -35.27 -1.21
C GLY B 861 -18.37 -34.68 -2.61
N LEU B 862 -17.74 -35.38 -3.55
CA LEU B 862 -17.55 -34.88 -4.90
C LEU B 862 -18.51 -35.55 -5.91
N GLU B 863 -19.28 -34.74 -6.63
CA GLU B 863 -20.09 -35.19 -7.76
C GLU B 863 -19.52 -34.58 -9.04
N VAL B 864 -19.07 -35.43 -9.97
CA VAL B 864 -18.51 -35.01 -11.25
C VAL B 864 -19.53 -35.22 -12.37
N LEU B 865 -19.82 -34.15 -13.11
CA LEU B 865 -20.68 -34.19 -14.28
C LEU B 865 -19.88 -33.78 -15.51
N ALA B 866 -20.05 -34.52 -16.60
CA ALA B 866 -19.49 -34.11 -17.89
C ALA B 866 -20.31 -32.94 -18.42
N GLY B 867 -19.63 -31.95 -18.99
CA GLY B 867 -20.32 -30.76 -19.48
C GLY B 867 -19.40 -29.78 -20.19
N ASP B 868 -19.96 -28.64 -20.55
CA ASP B 868 -19.26 -27.58 -21.27
C ASP B 868 -20.05 -26.29 -21.09
N PHE B 869 -19.47 -25.32 -20.40
CA PHE B 869 -20.21 -24.10 -20.04
C PHE B 869 -20.49 -23.13 -21.21
N SER B 870 -19.79 -23.29 -22.33
CA SER B 870 -20.10 -22.52 -23.55
C SER B 870 -21.42 -22.96 -24.21
N ASP B 871 -21.82 -24.22 -24.02
CA ASP B 871 -23.08 -24.74 -24.56
C ASP B 871 -24.26 -24.41 -23.65
N ALA B 872 -25.46 -24.58 -24.21
CA ALA B 872 -26.71 -24.35 -23.48
C ALA B 872 -26.90 -25.35 -22.36
N ASP B 873 -27.49 -24.89 -21.26
CA ASP B 873 -27.63 -25.67 -20.02
C ASP B 873 -26.29 -26.22 -19.48
N LEU B 874 -25.22 -25.47 -19.71
CA LEU B 874 -23.86 -25.84 -19.30
C LEU B 874 -23.41 -27.21 -19.88
N GLY B 875 -23.96 -27.58 -21.03
CA GLY B 875 -23.69 -28.88 -21.65
C GLY B 875 -24.14 -30.11 -20.87
N LEU B 876 -25.07 -29.91 -19.94
CA LEU B 876 -25.55 -30.97 -19.06
C LEU B 876 -26.85 -31.57 -19.59
N ARG B 877 -27.29 -32.65 -18.95
CA ARG B 877 -28.65 -33.15 -19.13
C ARG B 877 -29.61 -32.15 -18.46
N LYS B 878 -30.75 -31.91 -19.11
CA LYS B 878 -31.73 -30.94 -18.61
C LYS B 878 -32.19 -31.23 -17.18
N ALA B 879 -32.33 -32.51 -16.82
CA ALA B 879 -32.69 -32.89 -15.45
C ALA B 879 -31.63 -32.49 -14.42
N ASP B 880 -30.35 -32.61 -14.81
CA ASP B 880 -29.25 -32.21 -13.93
C ASP B 880 -29.17 -30.69 -13.77
N TRP B 881 -29.32 -29.96 -14.87
CA TRP B 881 -29.34 -28.48 -14.82
C TRP B 881 -30.47 -27.97 -13.92
N ASP B 882 -31.67 -28.53 -14.09
CA ASP B 882 -32.83 -28.18 -13.26
C ASP B 882 -32.58 -28.51 -11.78
N ARG B 883 -31.94 -29.65 -11.51
CA ARG B 883 -31.60 -30.04 -10.14
C ARG B 883 -30.62 -29.06 -9.50
N LEU B 884 -29.59 -28.65 -10.25
CA LEU B 884 -28.58 -27.71 -9.75
C LEU B 884 -29.16 -26.32 -9.49
N ALA B 885 -30.10 -25.89 -10.32
CA ALA B 885 -30.83 -24.64 -10.10
C ALA B 885 -31.58 -24.60 -8.76
N ASP B 886 -32.03 -25.76 -8.30
CA ASP B 886 -32.68 -25.92 -6.99
C ASP B 886 -31.67 -26.14 -5.84
N GLU B 887 -30.62 -26.91 -6.11
CA GLU B 887 -29.76 -27.49 -5.06
C GLU B 887 -28.51 -26.66 -4.71
N VAL B 888 -27.93 -25.98 -5.71
CA VAL B 888 -26.67 -25.25 -5.54
C VAL B 888 -26.86 -23.94 -4.76
N ASP B 889 -26.05 -23.75 -3.72
CA ASP B 889 -26.09 -22.54 -2.89
C ASP B 889 -25.14 -21.44 -3.38
N LEU B 890 -24.01 -21.83 -3.97
CA LEU B 890 -22.97 -20.88 -4.40
C LEU B 890 -22.23 -21.43 -5.62
N ILE B 891 -21.82 -20.54 -6.53
CA ILE B 891 -21.13 -20.93 -7.77
C ILE B 891 -19.75 -20.28 -7.83
N VAL B 892 -18.72 -21.09 -8.03
CA VAL B 892 -17.35 -20.62 -8.20
C VAL B 892 -16.98 -20.86 -9.65
N HIS B 893 -16.86 -19.77 -10.41
CA HIS B 893 -16.54 -19.86 -11.83
C HIS B 893 -15.08 -19.53 -12.09
N SER B 894 -14.26 -20.57 -12.02
CA SER B 894 -12.83 -20.52 -12.29
C SER B 894 -12.44 -20.99 -13.71
N GLY B 895 -13.39 -21.58 -14.44
CA GLY B 895 -13.10 -22.14 -15.76
C GLY B 895 -13.11 -21.11 -16.86
N ALA B 896 -12.16 -21.27 -17.80
CA ALA B 896 -11.99 -20.37 -18.93
C ALA B 896 -10.91 -20.92 -19.86
N LEU B 897 -10.92 -20.46 -21.10
CA LEU B 897 -9.83 -20.73 -22.03
C LEU B 897 -8.77 -19.66 -21.82
N VAL B 898 -7.72 -20.04 -21.09
CA VAL B 898 -6.65 -19.12 -20.70
C VAL B 898 -5.52 -19.23 -21.72
N ASN B 899 -5.58 -18.37 -22.73
CA ASN B 899 -4.61 -18.37 -23.83
C ASN B 899 -4.31 -16.92 -24.20
N HIS B 900 -3.03 -16.56 -24.21
CA HIS B 900 -2.61 -15.18 -24.41
C HIS B 900 -2.37 -14.79 -25.87
N VAL B 901 -2.41 -15.75 -26.80
CA VAL B 901 -2.19 -15.47 -28.24
C VAL B 901 -3.45 -15.56 -29.11
N LEU B 902 -4.50 -16.25 -28.66
CA LEU B 902 -5.74 -16.38 -29.44
C LEU B 902 -6.52 -15.06 -29.48
N PRO B 903 -7.19 -14.77 -30.61
CA PRO B 903 -8.02 -13.57 -30.70
C PRO B 903 -9.34 -13.65 -29.94
N TYR B 904 -9.95 -12.50 -29.72
CA TYR B 904 -11.21 -12.39 -28.95
C TYR B 904 -12.35 -13.26 -29.51
N SER B 905 -12.39 -13.43 -30.83
CA SER B 905 -13.43 -14.24 -31.49
C SER B 905 -13.39 -15.71 -31.06
N GLN B 906 -12.18 -16.24 -30.94
CA GLN B 906 -11.97 -17.62 -30.46
C GLN B 906 -12.29 -17.81 -28.97
N LEU B 907 -12.09 -16.77 -28.16
CA LEU B 907 -12.31 -16.83 -26.71
C LEU B 907 -13.71 -16.37 -26.29
N PHE B 908 -14.52 -15.92 -27.25
CA PHE B 908 -15.88 -15.43 -26.96
C PHE B 908 -16.79 -16.52 -26.40
N GLY B 909 -16.75 -17.71 -27.01
CA GLY B 909 -17.58 -18.83 -26.59
C GLY B 909 -17.29 -19.34 -25.18
N PRO B 910 -16.03 -19.71 -24.91
CA PRO B 910 -15.68 -20.18 -23.57
C PRO B 910 -15.84 -19.11 -22.48
N ASN B 911 -15.26 -17.93 -22.69
CA ASN B 911 -15.09 -16.96 -21.61
C ASN B 911 -16.24 -15.96 -21.42
N VAL B 912 -16.92 -15.57 -22.51
CA VAL B 912 -18.03 -14.60 -22.43
C VAL B 912 -19.37 -15.32 -22.34
N VAL B 913 -19.67 -16.15 -23.35
CA VAL B 913 -20.93 -16.91 -23.37
C VAL B 913 -20.97 -17.89 -22.19
N GLY B 914 -19.82 -18.49 -21.87
CA GLY B 914 -19.68 -19.35 -20.69
C GLY B 914 -20.08 -18.67 -19.40
N THR B 915 -19.59 -17.44 -19.20
CA THR B 915 -19.94 -16.66 -18.01
C THR B 915 -21.43 -16.33 -17.98
N ALA B 916 -22.01 -16.03 -19.13
CA ALA B 916 -23.46 -15.78 -19.23
C ALA B 916 -24.28 -17.01 -18.83
N GLU B 917 -23.85 -18.19 -19.28
CA GLU B 917 -24.52 -19.45 -18.88
C GLU B 917 -24.42 -19.73 -17.38
N VAL B 918 -23.29 -19.39 -16.77
CA VAL B 918 -23.14 -19.50 -15.30
C VAL B 918 -24.13 -18.56 -14.61
N ALA B 919 -24.18 -17.30 -15.08
CA ALA B 919 -25.12 -16.31 -14.54
C ALA B 919 -26.56 -16.79 -14.65
N LYS B 920 -26.91 -17.39 -15.79
CA LYS B 920 -28.26 -17.93 -15.99
C LYS B 920 -28.66 -18.93 -14.89
N LEU B 921 -27.74 -19.81 -14.50
CA LEU B 921 -28.01 -20.76 -13.40
C LEU B 921 -28.14 -20.05 -12.07
N ALA B 922 -27.34 -19.01 -11.87
CA ALA B 922 -27.44 -18.17 -10.66
C ALA B 922 -28.72 -17.32 -10.57
N LEU B 923 -29.38 -17.08 -11.71
CA LEU B 923 -30.62 -16.29 -11.78
C LEU B 923 -31.90 -17.12 -12.00
N THR B 924 -31.97 -18.31 -11.45
CA THR B 924 -33.19 -19.11 -11.48
C THR B 924 -32.95 -20.15 -10.43
N LYS B 925 -33.88 -20.80 -9.74
CA LYS B 925 -35.17 -20.34 -9.26
C LYS B 925 -34.89 -19.80 -7.82
N ARG B 926 -33.61 -19.78 -7.40
CA ARG B 926 -33.14 -18.91 -6.30
C ARG B 926 -31.77 -18.34 -6.61
N LEU B 927 -31.48 -17.19 -5.99
CA LEU B 927 -30.24 -16.46 -6.25
C LEU B 927 -29.04 -17.16 -5.60
N LYS B 928 -27.95 -17.26 -6.36
CA LYS B 928 -26.75 -17.98 -5.96
C LYS B 928 -25.55 -17.04 -6.12
N PRO B 929 -24.88 -16.66 -5.01
CA PRO B 929 -23.68 -15.83 -5.15
C PRO B 929 -22.64 -16.45 -6.08
N VAL B 930 -21.96 -15.61 -6.85
CA VAL B 930 -20.99 -16.05 -7.86
C VAL B 930 -19.60 -15.51 -7.50
N THR B 931 -18.66 -16.42 -7.27
CA THR B 931 -17.24 -16.09 -7.29
C THR B 931 -16.78 -16.19 -8.75
N TYR B 932 -16.17 -15.13 -9.27
CA TYR B 932 -15.68 -15.09 -10.65
C TYR B 932 -14.20 -14.82 -10.68
N LEU B 933 -13.44 -15.67 -11.37
CA LEU B 933 -12.01 -15.48 -11.53
C LEU B 933 -11.76 -14.64 -12.77
N SER B 934 -10.88 -13.67 -12.63
CA SER B 934 -10.55 -12.74 -13.71
C SER B 934 -9.05 -12.50 -13.73
N THR B 935 -8.61 -11.44 -14.40
CA THR B 935 -7.19 -11.24 -14.70
C THR B 935 -6.80 -9.77 -14.67
N VAL B 936 -5.53 -9.51 -14.37
CA VAL B 936 -4.95 -8.17 -14.47
C VAL B 936 -4.97 -7.65 -15.91
N ALA B 937 -4.97 -8.58 -16.87
CA ALA B 937 -5.11 -8.26 -18.29
C ALA B 937 -6.38 -7.48 -18.68
N VAL B 938 -7.38 -7.38 -17.81
CA VAL B 938 -8.50 -6.44 -18.03
C VAL B 938 -8.07 -4.97 -17.91
N ALA B 939 -6.93 -4.71 -17.27
CA ALA B 939 -6.35 -3.36 -17.19
C ALA B 939 -5.51 -2.95 -18.43
N VAL B 940 -5.48 -3.76 -19.48
CA VAL B 940 -4.70 -3.44 -20.72
C VAL B 940 -4.73 -2.09 -21.48
N GLY B 941 -5.88 -1.48 -21.62
CA GLY B 941 -5.98 -0.15 -22.23
C GLY B 941 -6.11 1.00 -21.25
N VAL B 942 -5.83 0.75 -19.97
CA VAL B 942 -5.93 1.76 -18.90
C VAL B 942 -4.58 1.91 -18.22
N GLU B 943 -4.27 3.13 -17.77
CA GLU B 943 -3.07 3.36 -16.96
C GLU B 943 -3.27 2.74 -15.56
N PRO B 944 -2.24 2.03 -15.03
CA PRO B 944 -2.35 1.37 -13.72
C PRO B 944 -2.96 2.19 -12.57
N SER B 945 -2.62 3.48 -12.49
CA SER B 945 -3.15 4.37 -11.44
C SER B 945 -4.64 4.64 -11.55
N ALA B 946 -5.17 4.61 -12.77
CA ALA B 946 -6.59 4.84 -13.03
C ALA B 946 -7.45 3.58 -12.92
N PHE B 947 -6.82 2.41 -12.79
CA PHE B 947 -7.56 1.15 -12.66
C PHE B 947 -8.05 0.97 -11.22
N GLU B 948 -9.34 1.26 -11.00
CA GLU B 948 -9.93 1.11 -9.66
C GLU B 948 -10.23 -0.35 -9.37
N GLU B 949 -9.46 -0.93 -8.46
CA GLU B 949 -9.68 -2.28 -7.95
C GLU B 949 -11.15 -2.61 -7.75
N ASP B 950 -11.85 -1.81 -6.95
CA ASP B 950 -13.25 -2.07 -6.61
C ASP B 950 -14.22 -1.05 -7.23
N GLY B 951 -13.89 -0.55 -8.42
CA GLY B 951 -14.77 0.36 -9.15
C GLY B 951 -15.74 -0.41 -10.01
N ASP B 952 -16.64 0.31 -10.68
CA ASP B 952 -17.50 -0.27 -11.70
C ASP B 952 -16.64 -0.49 -12.94
N ILE B 953 -16.53 -1.75 -13.36
CA ILE B 953 -15.71 -2.13 -14.52
C ILE B 953 -16.20 -1.53 -15.85
N ARG B 954 -17.51 -1.27 -15.95
CA ARG B 954 -18.09 -0.65 -17.15
C ARG B 954 -17.61 0.80 -17.36
N ASP B 955 -17.39 1.53 -16.27
CA ASP B 955 -16.83 2.89 -16.33
C ASP B 955 -15.32 2.89 -16.54
N VAL B 956 -14.61 1.98 -15.86
CA VAL B 956 -13.14 1.87 -15.96
C VAL B 956 -12.50 1.65 -17.36
N SER B 957 -13.27 1.14 -18.31
CA SER B 957 -12.89 1.00 -19.71
C SER B 957 -14.25 0.61 -20.24
N ALA B 958 -14.93 1.57 -20.87
CA ALA B 958 -16.23 1.34 -21.49
C ALA B 958 -16.07 0.94 -22.96
N VAL B 959 -14.92 1.28 -23.55
CA VAL B 959 -14.64 0.97 -24.96
C VAL B 959 -13.25 0.35 -25.05
N ARG B 960 -13.10 -0.63 -25.94
CA ARG B 960 -11.86 -1.40 -26.08
C ARG B 960 -11.59 -1.78 -27.53
N SER B 961 -10.31 -1.88 -27.87
CA SER B 961 -9.85 -2.26 -29.21
C SER B 961 -9.51 -3.76 -29.26
N ILE B 962 -9.72 -4.35 -30.44
CA ILE B 962 -9.30 -5.71 -30.74
C ILE B 962 -8.03 -5.63 -31.60
N ASP B 963 -6.89 -6.08 -31.08
CA ASP B 963 -5.63 -6.05 -31.82
C ASP B 963 -4.73 -7.26 -31.49
N GLU B 964 -3.60 -7.35 -32.21
CA GLU B 964 -2.65 -8.48 -32.08
C GLU B 964 -1.74 -8.45 -30.84
N GLY B 965 -1.87 -7.46 -29.97
CA GLY B 965 -1.07 -7.37 -28.74
C GLY B 965 -1.22 -8.59 -27.82
N TYR B 966 -0.18 -8.84 -27.03
CA TYR B 966 -0.15 -9.99 -26.11
C TYR B 966 -1.28 -9.91 -25.09
N ALA B 967 -2.02 -11.01 -24.97
CA ALA B 967 -3.15 -11.14 -24.03
C ALA B 967 -4.33 -10.19 -24.28
N ASN B 968 -4.44 -9.67 -25.50
CA ASN B 968 -5.46 -8.67 -25.82
C ASN B 968 -6.85 -9.33 -25.86
N GLY B 969 -6.96 -10.44 -26.59
CA GLY B 969 -8.18 -11.23 -26.65
C GLY B 969 -8.58 -11.82 -25.31
N TYR B 970 -7.59 -12.35 -24.59
CA TYR B 970 -7.79 -12.89 -23.25
C TYR B 970 -8.35 -11.81 -22.30
N GLY B 971 -7.64 -10.69 -22.22
CA GLY B 971 -8.07 -9.54 -21.40
C GLY B 971 -9.48 -9.08 -21.73
N ASN B 972 -9.77 -8.95 -23.02
CA ASN B 972 -11.10 -8.54 -23.48
C ASN B 972 -12.20 -9.54 -23.10
N SER B 973 -11.90 -10.83 -23.23
CA SER B 973 -12.87 -11.89 -22.92
C SER B 973 -13.21 -11.93 -21.43
N LYS B 974 -12.20 -11.80 -20.58
CA LYS B 974 -12.41 -11.80 -19.13
C LYS B 974 -13.11 -10.50 -18.67
N TRP B 975 -12.72 -9.38 -19.26
CA TRP B 975 -13.41 -8.09 -19.06
C TRP B 975 -14.91 -8.21 -19.36
N ALA B 976 -15.23 -8.80 -20.51
CA ALA B 976 -16.63 -8.99 -20.92
C ALA B 976 -17.45 -9.80 -19.92
N GLY B 977 -16.83 -10.81 -19.32
CA GLY B 977 -17.46 -11.60 -18.26
C GLY B 977 -17.77 -10.77 -17.02
N GLU B 978 -16.82 -9.93 -16.61
CA GLU B 978 -17.04 -8.97 -15.50
C GLU B 978 -18.22 -8.05 -15.75
N VAL B 979 -18.30 -7.51 -16.98
CA VAL B 979 -19.39 -6.62 -17.36
C VAL B 979 -20.76 -7.30 -17.21
N LEU B 980 -20.89 -8.51 -17.76
CA LEU B 980 -22.14 -9.28 -17.68
C LEU B 980 -22.56 -9.58 -16.25
N LEU B 981 -21.59 -9.93 -15.39
CA LEU B 981 -21.88 -10.17 -13.99
C LEU B 981 -22.28 -8.88 -13.25
N ARG B 982 -21.70 -7.75 -13.65
CA ARG B 982 -22.12 -6.45 -13.12
C ARG B 982 -23.55 -6.10 -13.58
N GLU B 983 -23.87 -6.37 -14.84
CA GLU B 983 -25.25 -6.23 -15.34
C GLU B 983 -26.24 -7.09 -14.54
N ALA B 984 -25.84 -8.32 -14.23
CA ALA B 984 -26.67 -9.23 -13.43
C ALA B 984 -26.90 -8.73 -12.01
N TYR B 985 -25.88 -8.09 -11.42
CA TYR B 985 -26.01 -7.48 -10.11
C TYR B 985 -26.99 -6.31 -10.14
N GLU B 986 -26.83 -5.42 -11.13
CA GLU B 986 -27.73 -4.26 -11.25
C GLU B 986 -29.16 -4.65 -11.54
N HIS B 987 -29.36 -5.65 -12.39
CA HIS B 987 -30.71 -6.10 -12.77
C HIS B 987 -31.47 -6.82 -11.65
N ALA B 988 -30.79 -7.72 -10.93
CA ALA B 988 -31.45 -8.63 -9.96
C ALA B 988 -30.85 -8.69 -8.55
N GLY B 989 -29.81 -7.91 -8.28
CA GLY B 989 -29.13 -7.93 -6.98
C GLY B 989 -28.33 -9.20 -6.71
N LEU B 990 -27.83 -9.83 -7.77
CA LEU B 990 -26.98 -11.03 -7.67
C LEU B 990 -25.64 -10.72 -6.99
N PRO B 991 -25.36 -11.33 -5.82
CA PRO B 991 -24.07 -11.06 -5.19
C PRO B 991 -22.90 -11.63 -6.00
N VAL B 992 -21.86 -10.84 -6.19
CA VAL B 992 -20.69 -11.25 -6.98
C VAL B 992 -19.42 -10.86 -6.23
N ARG B 993 -18.42 -11.74 -6.31
CA ARG B 993 -17.07 -11.41 -5.87
C ARG B 993 -16.09 -11.77 -6.99
N VAL B 994 -15.50 -10.74 -7.60
CA VAL B 994 -14.49 -10.95 -8.63
C VAL B 994 -13.06 -10.93 -8.05
N PHE B 995 -12.24 -11.87 -8.51
CA PHE B 995 -10.86 -12.02 -8.06
C PHE B 995 -9.93 -12.03 -9.27
N ARG B 996 -9.12 -10.98 -9.41
CA ARG B 996 -8.19 -10.84 -10.53
C ARG B 996 -6.84 -11.41 -10.15
N SER B 997 -6.40 -12.44 -10.88
CA SER B 997 -5.23 -13.22 -10.50
C SER B 997 -4.45 -13.67 -11.71
N ASP B 998 -3.18 -13.28 -11.77
CA ASP B 998 -2.25 -13.81 -12.76
C ASP B 998 -0.98 -14.23 -12.07
N MET B 999 -0.34 -15.24 -12.64
CA MET B 999 0.88 -15.74 -12.08
C MET B 999 0.63 -16.26 -10.65
N ILE B 1000 -0.11 -17.37 -10.62
CA ILE B 1000 -0.37 -18.13 -9.41
C ILE B 1000 0.68 -19.21 -9.33
N LEU B 1001 1.60 -19.04 -8.38
CA LEU B 1001 2.80 -19.85 -8.29
C LEU B 1001 2.49 -21.20 -7.62
N ALA B 1002 3.52 -22.05 -7.53
CA ALA B 1002 3.39 -23.43 -7.09
C ALA B 1002 2.80 -23.61 -5.69
N HIS B 1003 2.25 -24.79 -5.44
CA HIS B 1003 1.78 -25.20 -4.11
C HIS B 1003 3.02 -25.35 -3.22
N ARG B 1004 2.96 -24.85 -1.99
CA ARG B 1004 4.13 -24.85 -1.09
C ARG B 1004 4.35 -26.18 -0.32
N LYS B 1005 3.35 -27.06 -0.32
CA LYS B 1005 3.36 -28.32 0.41
C LYS B 1005 3.41 -29.54 -0.53
N TYR B 1006 2.46 -29.64 -1.46
CA TYR B 1006 2.30 -30.83 -2.31
C TYR B 1006 3.31 -30.85 -3.47
N THR B 1007 4.08 -31.93 -3.56
CA THR B 1007 5.15 -32.06 -4.55
C THR B 1007 4.60 -32.36 -5.94
N GLY B 1008 5.32 -31.89 -6.96
CA GLY B 1008 4.88 -31.97 -8.34
C GLY B 1008 3.71 -31.07 -8.75
N GLN B 1009 3.23 -30.23 -7.83
CA GLN B 1009 2.10 -29.35 -8.10
C GLN B 1009 2.60 -27.94 -8.41
N LEU B 1010 2.69 -27.65 -9.71
CA LEU B 1010 3.02 -26.32 -10.23
C LEU B 1010 2.38 -26.18 -11.62
N ASN B 1011 2.15 -24.95 -12.04
CA ASN B 1011 1.55 -24.69 -13.36
C ASN B 1011 2.65 -24.74 -14.40
N VAL B 1012 2.75 -25.89 -15.07
CA VAL B 1012 3.89 -26.19 -15.95
C VAL B 1012 3.97 -25.22 -17.15
N PRO B 1013 2.83 -24.92 -17.81
CA PRO B 1013 2.87 -24.04 -18.99
C PRO B 1013 3.18 -22.55 -18.78
N ASP B 1014 3.05 -22.01 -17.56
CA ASP B 1014 3.16 -20.55 -17.36
C ASP B 1014 4.59 -20.01 -17.46
N GLN B 1015 4.71 -18.69 -17.60
CA GLN B 1015 6.01 -18.04 -17.89
C GLN B 1015 7.05 -18.23 -16.79
N PHE B 1016 6.61 -18.20 -15.53
CA PHE B 1016 7.53 -18.33 -14.41
C PHE B 1016 8.18 -19.72 -14.36
N THR B 1017 7.37 -20.78 -14.47
CA THR B 1017 7.88 -22.15 -14.51
C THR B 1017 8.84 -22.33 -15.69
N ARG B 1018 8.44 -21.82 -16.85
CA ARG B 1018 9.27 -21.86 -18.07
C ARG B 1018 10.62 -21.18 -17.85
N LEU B 1019 10.62 -20.01 -17.21
CA LEU B 1019 11.85 -19.28 -16.91
C LEU B 1019 12.77 -20.06 -15.97
N ILE B 1020 12.22 -20.62 -14.89
CA ILE B 1020 13.01 -21.37 -13.91
C ILE B 1020 13.60 -22.64 -14.54
N LEU B 1021 12.79 -23.35 -15.32
CA LEU B 1021 13.27 -24.52 -16.08
C LEU B 1021 14.38 -24.14 -17.07
N SER B 1022 14.22 -23.01 -17.74
CA SER B 1022 15.21 -22.52 -18.71
C SER B 1022 16.54 -22.14 -18.08
N LEU B 1023 16.51 -21.50 -16.91
CA LEU B 1023 17.74 -21.14 -16.18
C LEU B 1023 18.51 -22.38 -15.71
N LEU B 1024 17.77 -23.40 -15.27
CA LEU B 1024 18.38 -24.67 -14.87
C LEU B 1024 18.94 -25.46 -16.05
N ALA B 1025 18.25 -25.39 -17.19
CA ALA B 1025 18.65 -26.12 -18.40
C ALA B 1025 19.86 -25.50 -19.09
N THR B 1026 19.82 -24.18 -19.32
CA THR B 1026 20.94 -23.45 -19.94
C THR B 1026 22.09 -23.22 -18.98
N GLY B 1027 21.80 -23.05 -17.69
CA GLY B 1027 22.81 -22.82 -16.67
C GLY B 1027 23.45 -21.45 -16.69
N ILE B 1028 22.77 -20.46 -17.28
CA ILE B 1028 23.28 -19.08 -17.32
C ILE B 1028 22.16 -18.07 -17.03
N ALA B 1029 22.51 -17.01 -16.32
CA ALA B 1029 21.57 -15.97 -15.90
C ALA B 1029 22.23 -14.59 -15.93
N PRO B 1030 21.44 -13.53 -16.16
CA PRO B 1030 22.03 -12.20 -16.17
C PRO B 1030 22.31 -11.71 -14.74
N LYS B 1031 23.25 -10.75 -14.62
CA LYS B 1031 23.49 -10.04 -13.36
C LYS B 1031 22.18 -9.50 -12.80
N SER B 1032 21.31 -9.01 -13.69
CA SER B 1032 19.98 -8.59 -13.32
C SER B 1032 19.01 -8.70 -14.48
N PHE B 1033 17.79 -9.17 -14.18
CA PHE B 1033 16.66 -9.10 -15.11
C PHE B 1033 16.09 -7.68 -15.21
N TYR B 1034 16.45 -6.81 -14.25
CA TYR B 1034 15.94 -5.45 -14.18
C TYR B 1034 16.98 -4.44 -14.65
N GLN B 1035 16.55 -3.20 -14.83
CA GLN B 1035 17.47 -2.15 -15.26
C GLN B 1035 18.48 -1.84 -14.17
N LEU B 1036 19.72 -1.63 -14.59
CA LEU B 1036 20.82 -1.33 -13.67
C LEU B 1036 20.80 0.17 -13.37
N ASP B 1037 21.41 0.58 -12.26
CA ASP B 1037 21.51 2.01 -11.91
C ASP B 1037 22.65 2.70 -12.70
N ALA B 1038 22.84 4.00 -12.47
CA ALA B 1038 23.89 4.78 -13.16
C ALA B 1038 25.31 4.19 -13.04
N THR B 1039 25.63 3.61 -11.88
CA THR B 1039 26.94 2.97 -11.64
C THR B 1039 27.00 1.47 -12.05
N GLY B 1040 26.04 0.98 -12.84
CA GLY B 1040 26.01 -0.42 -13.31
C GLY B 1040 25.62 -1.48 -12.30
N GLY B 1041 25.09 -1.06 -11.13
CA GLY B 1041 24.73 -1.97 -10.05
C GLY B 1041 23.30 -2.47 -10.07
N ARG B 1042 23.04 -3.50 -9.27
CA ARG B 1042 21.72 -4.15 -9.20
C ARG B 1042 20.77 -3.32 -8.34
N GLN B 1043 19.56 -3.08 -8.84
CA GLN B 1043 18.55 -2.28 -8.12
C GLN B 1043 17.50 -3.13 -7.40
N ARG B 1044 16.79 -2.50 -6.47
CA ARG B 1044 15.73 -3.14 -5.68
C ARG B 1044 14.51 -3.36 -6.58
N ALA B 1045 14.00 -4.60 -6.57
CA ALA B 1045 12.87 -4.99 -7.42
C ALA B 1045 11.99 -6.03 -6.74
N HIS B 1046 10.75 -6.14 -7.20
CA HIS B 1046 9.76 -7.04 -6.60
C HIS B 1046 9.07 -7.87 -7.68
N TYR B 1047 8.96 -9.18 -7.45
CA TYR B 1047 8.19 -10.06 -8.32
C TYR B 1047 6.78 -10.24 -7.77
N ASP B 1048 5.80 -9.90 -8.59
CA ASP B 1048 4.41 -10.02 -8.23
C ASP B 1048 3.95 -11.47 -8.49
N GLY B 1049 3.81 -12.23 -7.41
CA GLY B 1049 3.27 -13.59 -7.48
C GLY B 1049 2.84 -14.09 -6.12
N ILE B 1050 1.81 -14.94 -6.11
CA ILE B 1050 1.27 -15.53 -4.88
C ILE B 1050 1.16 -17.06 -5.06
N PRO B 1051 1.52 -17.84 -4.03
CA PRO B 1051 1.39 -19.31 -4.17
C PRO B 1051 -0.08 -19.77 -4.21
N VAL B 1052 -0.34 -20.84 -4.94
CA VAL B 1052 -1.71 -21.34 -5.16
C VAL B 1052 -2.44 -21.77 -3.88
N ASP B 1053 -1.69 -22.28 -2.90
CA ASP B 1053 -2.31 -22.74 -1.65
C ASP B 1053 -2.93 -21.60 -0.84
N PHE B 1054 -2.24 -20.46 -0.78
CA PHE B 1054 -2.79 -19.26 -0.15
C PHE B 1054 -3.94 -18.69 -0.97
N THR B 1055 -3.73 -18.58 -2.29
CA THR B 1055 -4.73 -18.02 -3.19
C THR B 1055 -6.07 -18.75 -3.10
N ALA B 1056 -6.01 -20.08 -3.08
CA ALA B 1056 -7.20 -20.91 -2.97
C ALA B 1056 -7.95 -20.70 -1.65
N GLU B 1057 -7.21 -20.67 -0.54
CA GLU B 1057 -7.83 -20.37 0.78
C GLU B 1057 -8.44 -18.97 0.87
N ALA B 1058 -7.73 -17.98 0.36
CA ALA B 1058 -8.20 -16.59 0.38
C ALA B 1058 -9.47 -16.41 -0.43
N ILE B 1059 -9.46 -16.90 -1.67
CA ILE B 1059 -10.62 -16.79 -2.56
C ILE B 1059 -11.84 -17.50 -1.99
N THR B 1060 -11.63 -18.66 -1.39
CA THR B 1060 -12.71 -19.44 -0.78
C THR B 1060 -13.27 -18.74 0.46
N THR B 1061 -12.40 -18.20 1.31
CA THR B 1061 -12.83 -17.48 2.52
C THR B 1061 -13.62 -16.21 2.19
N LEU B 1062 -13.10 -15.41 1.26
CA LEU B 1062 -13.76 -14.15 0.89
C LEU B 1062 -15.01 -14.36 0.04
N GLY B 1063 -14.98 -15.37 -0.84
CA GLY B 1063 -16.16 -15.75 -1.63
C GLY B 1063 -17.32 -16.27 -0.80
N LEU B 1064 -17.00 -17.03 0.25
CA LEU B 1064 -18.00 -17.52 1.20
C LEU B 1064 -18.69 -16.37 1.95
N ALA B 1065 -17.94 -15.30 2.22
CA ALA B 1065 -18.45 -14.12 2.91
C ALA B 1065 -19.20 -13.13 2.00
N GLY B 1066 -19.28 -13.41 0.70
CA GLY B 1066 -19.90 -12.49 -0.27
C GLY B 1066 -21.33 -12.85 -0.63
N SER B 1067 -22.21 -12.86 0.37
CA SER B 1067 -23.64 -13.11 0.16
C SER B 1067 -24.47 -11.85 -0.17
N ASP B 1068 -23.85 -10.68 -0.15
CA ASP B 1068 -24.50 -9.41 -0.53
C ASP B 1068 -23.56 -8.51 -1.31
N GLY B 1069 -24.12 -7.74 -2.24
CA GLY B 1069 -23.37 -6.72 -2.96
C GLY B 1069 -22.41 -7.23 -4.03
N TYR B 1070 -21.71 -6.29 -4.65
CA TYR B 1070 -20.73 -6.57 -5.71
C TYR B 1070 -19.40 -5.96 -5.29
N HIS B 1071 -18.35 -6.78 -5.20
CA HIS B 1071 -17.00 -6.31 -4.89
C HIS B 1071 -15.96 -7.05 -5.73
N SER B 1072 -14.86 -6.36 -6.04
CA SER B 1072 -13.75 -6.90 -6.81
C SER B 1072 -12.47 -6.80 -6.00
N PHE B 1073 -11.59 -7.77 -6.20
CA PHE B 1073 -10.32 -7.86 -5.51
C PHE B 1073 -9.22 -8.09 -6.54
N ASP B 1074 -8.08 -7.42 -6.35
CA ASP B 1074 -6.89 -7.65 -7.17
C ASP B 1074 -5.94 -8.54 -6.36
N VAL B 1075 -5.86 -9.80 -6.75
CA VAL B 1075 -5.10 -10.82 -6.03
C VAL B 1075 -3.65 -10.77 -6.51
N PHE B 1076 -2.94 -9.75 -6.06
CA PHE B 1076 -1.53 -9.54 -6.41
C PHE B 1076 -0.70 -9.38 -5.15
N ASN B 1077 0.60 -9.58 -5.30
CA ASN B 1077 1.57 -9.46 -4.21
C ASN B 1077 2.05 -7.99 -4.15
N PRO B 1078 1.60 -7.22 -3.13
CA PRO B 1078 1.86 -5.79 -3.08
C PRO B 1078 3.08 -5.39 -2.25
N HIS B 1079 3.80 -6.34 -1.67
CA HIS B 1079 4.85 -6.03 -0.70
C HIS B 1079 6.01 -5.25 -1.32
N HIS B 1080 6.45 -4.21 -0.62
CA HIS B 1080 7.68 -3.50 -0.96
C HIS B 1080 8.83 -4.17 -0.21
N ASP B 1081 9.13 -5.42 -0.60
CA ASP B 1081 10.08 -6.27 0.13
C ASP B 1081 11.41 -6.53 -0.60
N GLY B 1082 11.56 -6.02 -1.82
CA GLY B 1082 12.79 -6.23 -2.60
C GLY B 1082 13.08 -7.67 -2.97
N VAL B 1083 12.05 -8.51 -3.04
CA VAL B 1083 12.19 -9.91 -3.40
C VAL B 1083 11.71 -10.06 -4.84
N GLY B 1084 12.67 -10.23 -5.76
CA GLY B 1084 12.36 -10.35 -7.19
C GLY B 1084 13.18 -11.44 -7.85
N LEU B 1085 13.24 -11.39 -9.17
CA LEU B 1085 13.86 -12.47 -9.97
C LEU B 1085 15.33 -12.69 -9.67
N ASP B 1086 16.06 -11.62 -9.35
CA ASP B 1086 17.49 -11.72 -9.03
C ASP B 1086 17.73 -12.49 -7.72
N GLU B 1087 16.84 -12.28 -6.74
CA GLU B 1087 16.92 -13.02 -5.47
C GLU B 1087 16.63 -14.51 -5.68
N PHE B 1088 15.70 -14.82 -6.58
CA PHE B 1088 15.36 -16.22 -6.89
C PHE B 1088 16.56 -16.95 -7.48
N VAL B 1089 17.28 -16.27 -8.37
CA VAL B 1089 18.51 -16.81 -8.95
C VAL B 1089 19.60 -17.00 -7.89
N ASP B 1090 19.78 -16.04 -6.99
CA ASP B 1090 20.70 -16.18 -5.86
C ASP B 1090 20.39 -17.43 -5.04
N TRP B 1091 19.11 -17.65 -4.78
CA TRP B 1091 18.66 -18.78 -3.95
C TRP B 1091 18.87 -20.14 -4.63
N LEU B 1092 18.68 -20.21 -5.95
CA LEU B 1092 19.00 -21.43 -6.71
C LEU B 1092 20.50 -21.75 -6.67
N VAL B 1093 21.34 -20.71 -6.78
CA VAL B 1093 22.79 -20.86 -6.67
C VAL B 1093 23.20 -21.34 -5.27
N GLU B 1094 22.64 -20.73 -4.22
CA GLU B 1094 22.87 -21.17 -2.82
C GLU B 1094 22.46 -22.63 -2.59
N ALA B 1095 21.39 -23.06 -3.25
CA ALA B 1095 20.91 -24.45 -3.14
C ALA B 1095 21.71 -25.47 -3.98
N GLY B 1096 22.68 -25.00 -4.77
CA GLY B 1096 23.67 -25.86 -5.40
C GLY B 1096 23.58 -25.99 -6.91
N HIS B 1097 22.55 -25.39 -7.51
CA HIS B 1097 22.34 -25.52 -8.95
C HIS B 1097 23.39 -24.69 -9.71
N PRO B 1098 24.05 -25.30 -10.72
CA PRO B 1098 25.11 -24.58 -11.44
C PRO B 1098 24.54 -23.54 -12.40
N ILE B 1099 24.50 -22.29 -11.95
CA ILE B 1099 24.02 -21.18 -12.77
C ILE B 1099 25.10 -20.09 -12.75
N SER B 1100 25.64 -19.78 -13.92
CA SER B 1100 26.69 -18.77 -14.06
C SER B 1100 26.06 -17.40 -14.25
N ARG B 1101 26.72 -16.38 -13.71
CA ARG B 1101 26.22 -15.01 -13.73
C ARG B 1101 26.94 -14.20 -14.81
N VAL B 1102 26.31 -14.08 -15.98
CA VAL B 1102 26.82 -13.28 -17.09
C VAL B 1102 26.52 -11.80 -16.81
N ASP B 1103 27.54 -10.95 -16.95
CA ASP B 1103 27.51 -9.56 -16.46
C ASP B 1103 26.69 -8.62 -17.36
N ASP B 1104 26.83 -8.77 -18.68
CA ASP B 1104 26.12 -7.94 -19.65
C ASP B 1104 24.77 -8.58 -20.01
N TYR B 1105 23.70 -7.78 -20.01
CA TYR B 1105 22.35 -8.29 -20.29
C TYR B 1105 22.15 -8.68 -21.76
N ALA B 1106 22.66 -7.86 -22.67
CA ALA B 1106 22.58 -8.14 -24.10
C ALA B 1106 23.35 -9.40 -24.49
N GLU B 1107 24.52 -9.61 -23.86
CA GLU B 1107 25.31 -10.82 -24.05
C GLU B 1107 24.59 -12.05 -23.49
N TRP B 1108 23.92 -11.88 -22.34
CA TRP B 1108 23.12 -12.96 -21.76
C TRP B 1108 22.05 -13.42 -22.74
N LEU B 1109 21.24 -12.48 -23.22
CA LEU B 1109 20.06 -12.79 -24.04
C LEU B 1109 20.39 -13.60 -25.30
N SER B 1110 21.49 -13.25 -25.97
CA SER B 1110 21.94 -13.97 -27.18
C SER B 1110 22.49 -15.36 -26.83
N ARG B 1111 23.35 -15.43 -25.81
CA ARG B 1111 23.87 -16.71 -25.30
C ARG B 1111 22.76 -17.64 -24.77
N PHE B 1112 21.77 -17.04 -24.12
CA PHE B 1112 20.58 -17.74 -23.59
C PHE B 1112 19.77 -18.36 -24.72
N GLU B 1113 19.55 -17.59 -25.79
CA GLU B 1113 18.79 -18.06 -26.96
C GLU B 1113 19.51 -19.19 -27.71
N THR B 1114 20.82 -19.07 -27.86
CA THR B 1114 21.64 -20.13 -28.48
C THR B 1114 21.58 -21.43 -27.68
N SER B 1115 21.80 -21.32 -26.37
CA SER B 1115 21.80 -22.49 -25.49
C SER B 1115 20.43 -23.18 -25.46
N LEU B 1116 19.35 -22.38 -25.45
CA LEU B 1116 17.98 -22.90 -25.49
C LEU B 1116 17.69 -23.71 -26.76
N ARG B 1117 18.10 -23.17 -27.90
CA ARG B 1117 17.93 -23.86 -29.20
C ARG B 1117 18.70 -25.19 -29.32
N GLY B 1118 19.81 -25.31 -28.59
CA GLY B 1118 20.61 -26.54 -28.54
C GLY B 1118 20.08 -27.67 -27.65
N LEU B 1119 19.04 -27.40 -26.86
CA LEU B 1119 18.43 -28.42 -25.98
C LEU B 1119 17.62 -29.43 -26.79
N PRO B 1120 17.39 -30.64 -26.23
CA PRO B 1120 16.46 -31.61 -26.84
C PRO B 1120 15.03 -31.09 -27.06
N GLU B 1121 14.33 -31.68 -28.01
CA GLU B 1121 12.98 -31.25 -28.42
C GLU B 1121 11.97 -31.19 -27.25
N ALA B 1122 12.01 -32.19 -26.38
CA ALA B 1122 11.14 -32.25 -25.19
C ALA B 1122 11.30 -31.02 -24.29
N GLN B 1123 12.55 -30.66 -24.01
CA GLN B 1123 12.87 -29.54 -23.12
C GLN B 1123 12.63 -28.16 -23.74
N ARG B 1124 12.88 -28.02 -25.05
CA ARG B 1124 12.69 -26.74 -25.75
C ARG B 1124 11.24 -26.26 -25.74
N GLN B 1125 10.30 -27.20 -25.82
CA GLN B 1125 8.87 -26.86 -25.83
C GLN B 1125 8.38 -26.46 -24.45
N HIS B 1126 8.98 -27.04 -23.40
CA HIS B 1126 8.72 -26.63 -22.00
C HIS B 1126 9.51 -25.39 -21.55
N SER B 1127 10.44 -24.91 -22.38
CA SER B 1127 11.29 -23.77 -22.05
C SER B 1127 10.57 -22.45 -22.29
N VAL B 1128 11.28 -21.35 -22.07
CA VAL B 1128 10.75 -19.99 -22.28
C VAL B 1128 10.98 -19.48 -23.72
N LEU B 1129 11.55 -20.31 -24.60
CA LEU B 1129 11.90 -19.91 -25.97
C LEU B 1129 10.76 -19.30 -26.81
N PRO B 1130 9.53 -19.85 -26.72
CA PRO B 1130 8.38 -19.19 -27.37
C PRO B 1130 8.07 -17.76 -26.88
N LEU B 1131 8.38 -17.45 -25.62
CA LEU B 1131 8.12 -16.14 -25.02
C LEU B 1131 9.36 -15.23 -24.95
N LEU B 1132 10.38 -15.49 -25.78
CA LEU B 1132 11.66 -14.74 -25.74
C LEU B 1132 11.54 -13.24 -26.01
N HIS B 1133 10.55 -12.84 -26.82
CA HIS B 1133 10.24 -11.43 -27.07
C HIS B 1133 10.06 -10.58 -25.80
N ALA B 1134 9.49 -11.17 -24.75
CA ALA B 1134 9.28 -10.48 -23.46
C ALA B 1134 10.57 -10.10 -22.73
N PHE B 1135 11.65 -10.84 -22.97
CA PHE B 1135 12.96 -10.58 -22.37
C PHE B 1135 13.91 -9.71 -23.22
N ALA B 1136 13.40 -9.13 -24.31
CA ALA B 1136 14.22 -8.32 -25.23
C ALA B 1136 15.00 -7.22 -24.51
N GLN B 1137 14.28 -6.42 -23.73
CA GLN B 1137 14.87 -5.41 -22.85
C GLN B 1137 14.75 -5.86 -21.40
N PRO B 1138 15.64 -5.38 -20.51
CA PRO B 1138 15.47 -5.64 -19.07
C PRO B 1138 14.29 -4.85 -18.51
N ALA B 1139 13.56 -5.45 -17.58
CA ALA B 1139 12.34 -4.84 -17.02
C ALA B 1139 12.68 -3.67 -16.12
N PRO B 1140 11.71 -2.75 -15.90
CA PRO B 1140 12.00 -1.64 -14.99
C PRO B 1140 12.01 -2.09 -13.53
N ALA B 1141 12.88 -1.50 -12.72
CA ALA B 1141 13.03 -1.89 -11.31
C ALA B 1141 11.94 -1.25 -10.44
N ILE B 1142 10.80 -1.95 -10.35
CA ILE B 1142 9.67 -1.54 -9.49
C ILE B 1142 9.64 -2.44 -8.24
N ASP B 1143 9.62 -1.81 -7.07
CA ASP B 1143 9.29 -2.47 -5.81
C ASP B 1143 7.79 -2.31 -5.58
N GLY B 1144 7.17 -3.28 -4.90
CA GLY B 1144 5.72 -3.32 -4.76
C GLY B 1144 5.00 -3.63 -6.07
N SER B 1145 3.71 -3.34 -6.10
CA SER B 1145 2.91 -3.51 -7.32
C SER B 1145 2.38 -2.16 -7.78
N PRO B 1146 2.35 -1.92 -9.11
CA PRO B 1146 1.75 -0.66 -9.60
C PRO B 1146 0.22 -0.58 -9.48
N PHE B 1147 -0.45 -1.74 -9.41
CA PHE B 1147 -1.91 -1.79 -9.31
C PHE B 1147 -2.34 -1.71 -7.86
N GLN B 1148 -3.54 -1.18 -7.62
CA GLN B 1148 -4.04 -1.07 -6.24
C GLN B 1148 -4.60 -2.43 -5.72
N THR B 1149 -4.23 -2.76 -4.49
CA THR B 1149 -4.57 -4.04 -3.84
C THR B 1149 -5.28 -3.91 -2.48
N LYS B 1150 -5.33 -2.72 -1.88
CA LYS B 1150 -5.85 -2.52 -0.51
C LYS B 1150 -7.11 -3.30 -0.13
N ASN B 1151 -8.05 -3.44 -1.06
CA ASN B 1151 -9.28 -4.21 -0.78
C ASN B 1151 -8.97 -5.70 -0.53
N PHE B 1152 -8.14 -6.31 -1.38
CA PHE B 1152 -7.75 -7.70 -1.18
C PHE B 1152 -6.91 -7.88 0.08
N GLN B 1153 -5.88 -7.04 0.25
CA GLN B 1153 -4.95 -7.20 1.39
C GLN B 1153 -5.65 -6.99 2.72
N SER B 1154 -6.46 -5.93 2.83
CA SER B 1154 -7.16 -5.64 4.08
C SER B 1154 -8.23 -6.67 4.39
N SER B 1155 -8.88 -7.21 3.36
CA SER B 1155 -9.88 -8.29 3.55
C SER B 1155 -9.23 -9.59 4.03
N VAL B 1156 -8.07 -9.91 3.45
CA VAL B 1156 -7.24 -11.02 3.91
C VAL B 1156 -6.76 -10.87 5.36
N GLN B 1157 -6.37 -9.64 5.73
CA GLN B 1157 -5.92 -9.34 7.11
C GLN B 1157 -7.05 -9.46 8.12
N GLU B 1158 -8.20 -8.89 7.76
CA GLU B 1158 -9.40 -8.98 8.61
C GLU B 1158 -9.90 -10.40 8.80
N ALA B 1159 -9.91 -11.19 7.72
CA ALA B 1159 -10.34 -12.59 7.78
C ALA B 1159 -9.29 -13.52 8.44
N LYS B 1160 -8.06 -13.05 8.58
CA LYS B 1160 -6.98 -13.76 9.28
C LYS B 1160 -6.67 -15.09 8.59
N VAL B 1161 -6.32 -14.99 7.31
CA VAL B 1161 -6.06 -16.14 6.46
C VAL B 1161 -4.63 -16.65 6.70
N GLY B 1162 -4.50 -17.97 6.86
CA GLY B 1162 -3.20 -18.63 6.91
C GLY B 1162 -2.37 -18.34 8.14
N ALA B 1163 -1.09 -18.68 8.06
CA ALA B 1163 -0.13 -18.40 9.12
C ALA B 1163 0.30 -16.93 9.14
N GLU B 1164 0.08 -16.23 8.03
CA GLU B 1164 0.60 -14.88 7.84
C GLU B 1164 -0.39 -13.79 8.32
N HIS B 1165 -1.70 -14.10 8.30
CA HIS B 1165 -2.78 -13.10 8.48
C HIS B 1165 -2.57 -11.92 7.52
N ASP B 1166 -2.14 -12.26 6.29
CA ASP B 1166 -1.65 -11.28 5.32
C ASP B 1166 -1.28 -12.05 4.06
N ILE B 1167 -1.09 -11.34 2.96
CA ILE B 1167 -0.54 -11.91 1.75
C ILE B 1167 0.89 -12.35 2.07
N PRO B 1168 1.27 -13.61 1.73
CA PRO B 1168 2.62 -14.06 2.05
C PRO B 1168 3.73 -13.42 1.21
N HIS B 1169 4.95 -13.50 1.72
CA HIS B 1169 6.15 -13.16 0.95
C HIS B 1169 6.68 -14.42 0.27
N LEU B 1170 7.18 -14.27 -0.95
CA LEU B 1170 7.85 -15.37 -1.65
C LEU B 1170 9.22 -15.57 -1.02
N ASP B 1171 9.59 -16.83 -0.77
CA ASP B 1171 10.79 -17.19 -0.01
C ASP B 1171 11.62 -18.27 -0.70
N LYS B 1172 12.80 -18.55 -0.15
CA LYS B 1172 13.73 -19.55 -0.68
C LYS B 1172 13.13 -20.95 -0.81
N ALA B 1173 12.37 -21.37 0.19
CA ALA B 1173 11.74 -22.70 0.19
C ALA B 1173 10.88 -22.93 -1.06
N LEU B 1174 10.12 -21.91 -1.47
CA LEU B 1174 9.28 -22.03 -2.66
C LEU B 1174 10.10 -22.16 -3.94
N ILE B 1175 11.18 -21.39 -4.07
CA ILE B 1175 12.03 -21.42 -5.26
C ILE B 1175 12.80 -22.73 -5.38
N VAL B 1176 13.34 -23.21 -4.25
CA VAL B 1176 14.01 -24.51 -4.21
C VAL B 1176 13.04 -25.63 -4.61
N LYS B 1177 11.80 -25.54 -4.16
CA LYS B 1177 10.76 -26.51 -4.50
C LYS B 1177 10.44 -26.55 -6.00
N TYR B 1178 10.51 -25.40 -6.68
CA TYR B 1178 10.35 -25.36 -8.15
C TYR B 1178 11.34 -26.29 -8.84
N ALA B 1179 12.60 -26.21 -8.45
CA ALA B 1179 13.67 -27.07 -9.01
C ALA B 1179 13.42 -28.56 -8.75
N GLU B 1180 12.99 -28.89 -7.54
CA GLU B 1180 12.64 -30.27 -7.18
C GLU B 1180 11.39 -30.78 -7.90
N ASP B 1181 10.39 -29.90 -8.07
CA ASP B 1181 9.18 -30.24 -8.83
C ASP B 1181 9.49 -30.54 -10.30
N ILE B 1182 10.35 -29.72 -10.90
CA ILE B 1182 10.76 -29.88 -12.30
C ILE B 1182 11.49 -31.22 -12.52
N LYS B 1183 12.36 -31.59 -11.60
CA LYS B 1183 13.03 -32.89 -11.64
C LYS B 1183 12.02 -34.04 -11.44
N GLN B 1184 11.18 -33.95 -10.41
CA GLN B 1184 10.20 -34.99 -10.06
C GLN B 1184 9.23 -35.30 -11.21
N LEU B 1185 8.82 -34.27 -11.95
CA LEU B 1185 7.95 -34.43 -13.14
C LEU B 1185 8.71 -34.83 -14.41
N GLY B 1186 10.04 -34.78 -14.38
CA GLY B 1186 10.89 -35.33 -15.45
C GLY B 1186 11.00 -34.46 -16.68
N LEU B 1187 11.25 -33.17 -16.51
CA LEU B 1187 11.29 -32.20 -17.61
C LEU B 1187 12.70 -31.77 -18.05
N GLY C 666 -1.46 57.36 -53.29
CA GLY C 666 -2.92 57.05 -53.16
C GLY C 666 -3.73 57.96 -54.07
N GLU C 667 -4.67 58.72 -53.50
CA GLU C 667 -5.42 59.73 -54.28
C GLU C 667 -5.16 61.22 -53.97
N ARG C 668 -5.03 61.75 -52.75
CA ARG C 668 -5.22 61.20 -51.36
C ARG C 668 -4.04 60.47 -50.66
N PRO C 669 -3.49 61.05 -49.56
CA PRO C 669 -2.46 60.33 -48.80
C PRO C 669 -3.02 59.15 -47.99
N VAL C 670 -2.23 58.10 -47.86
CA VAL C 670 -2.67 56.82 -47.31
C VAL C 670 -3.15 56.94 -45.87
N ILE C 671 -2.42 57.71 -45.06
CA ILE C 671 -2.80 57.93 -43.66
C ILE C 671 -4.23 58.43 -43.49
N GLU C 672 -4.70 59.29 -44.39
CA GLU C 672 -6.08 59.83 -44.31
C GLU C 672 -7.15 58.73 -44.49
N THR C 673 -6.95 57.88 -45.49
CA THR C 673 -7.84 56.73 -45.72
C THR C 673 -7.85 55.79 -44.49
N VAL C 674 -6.67 55.55 -43.93
CA VAL C 674 -6.50 54.74 -42.70
C VAL C 674 -7.28 55.33 -41.52
N GLN C 675 -7.23 56.66 -41.34
CA GLN C 675 -7.95 57.31 -40.23
C GLN C 675 -9.46 57.29 -40.42
N ARG C 676 -9.92 57.64 -41.62
CA ARG C 676 -11.35 57.68 -41.94
C ARG C 676 -12.02 56.31 -41.85
N ALA C 677 -11.32 55.29 -42.35
CA ALA C 677 -11.79 53.91 -42.27
C ALA C 677 -11.99 53.47 -40.80
N ALA C 678 -11.01 53.81 -39.97
CA ALA C 678 -11.05 53.51 -38.53
C ALA C 678 -12.21 54.23 -37.83
N ALA C 679 -12.36 55.52 -38.15
CA ALA C 679 -13.46 56.35 -37.65
C ALA C 679 -14.83 55.79 -38.03
N ALA C 680 -14.96 55.36 -39.29
CA ALA C 680 -16.21 54.78 -39.79
C ALA C 680 -16.51 53.46 -39.09
N LEU C 681 -15.51 52.59 -39.02
CA LEU C 681 -15.65 51.27 -38.42
C LEU C 681 -15.98 51.25 -36.92
N LEU C 682 -15.38 52.17 -36.16
CA LEU C 682 -15.44 52.16 -34.69
C LEU C 682 -16.34 53.21 -34.04
N GLY C 683 -16.75 54.23 -34.81
CA GLY C 683 -17.49 55.39 -34.29
C GLY C 683 -16.48 56.48 -33.95
N ALA C 684 -16.81 57.34 -33.00
CA ALA C 684 -15.94 58.47 -32.59
C ALA C 684 -15.97 59.50 -33.71
N SER C 685 -15.61 60.75 -33.40
CA SER C 685 -15.61 61.80 -34.43
C SER C 685 -14.20 61.77 -35.04
N ALA C 686 -14.11 62.17 -36.31
CA ALA C 686 -12.82 62.18 -37.04
C ALA C 686 -11.77 63.16 -36.49
N ALA C 687 -12.12 63.93 -35.45
CA ALA C 687 -11.26 64.91 -34.83
C ALA C 687 -11.11 64.62 -33.33
N GLU C 688 -10.32 63.62 -32.93
CA GLU C 688 -9.63 62.59 -33.75
C GLU C 688 -9.81 61.28 -33.01
N VAL C 689 -9.40 60.07 -33.39
CA VAL C 689 -8.75 59.47 -34.60
C VAL C 689 -7.34 59.95 -35.14
N ASP C 690 -6.63 60.59 -34.23
CA ASP C 690 -5.25 61.07 -34.39
C ASP C 690 -4.34 59.93 -34.93
N PRO C 691 -3.40 60.24 -35.86
CA PRO C 691 -2.50 59.20 -36.40
C PRO C 691 -1.60 58.44 -35.40
N GLU C 692 -1.34 59.04 -34.24
CA GLU C 692 -0.58 58.40 -33.16
C GLU C 692 -1.42 57.47 -32.26
N ALA C 693 -2.74 57.43 -32.47
CA ALA C 693 -3.63 56.53 -31.70
C ALA C 693 -3.52 55.06 -32.15
N HIS C 694 -3.87 54.16 -31.25
CA HIS C 694 -3.81 52.71 -31.49
C HIS C 694 -5.23 52.19 -31.72
N PHE C 695 -5.33 51.19 -32.59
CA PHE C 695 -6.63 50.62 -32.99
C PHE C 695 -7.46 50.15 -31.78
N SER C 696 -6.80 49.48 -30.83
CA SER C 696 -7.45 48.98 -29.61
C SER C 696 -7.94 50.09 -28.67
N ASP C 697 -7.19 51.19 -28.56
CA ASP C 697 -7.59 52.35 -27.75
C ASP C 697 -8.87 53.03 -28.24
N LEU C 698 -9.16 52.91 -29.54
CA LEU C 698 -10.37 53.46 -30.15
C LEU C 698 -11.61 52.55 -30.04
N GLY C 699 -11.49 51.42 -29.37
CA GLY C 699 -12.58 50.45 -29.22
C GLY C 699 -12.42 49.20 -30.07
N GLY C 700 -11.30 49.08 -30.78
CA GLY C 700 -11.05 47.96 -31.69
C GLY C 700 -10.70 46.66 -30.97
N ASP C 701 -10.94 45.56 -31.65
CA ASP C 701 -10.57 44.21 -31.20
C ASP C 701 -10.27 43.34 -32.42
N SER C 702 -9.95 42.06 -32.21
CA SER C 702 -9.59 41.17 -33.33
C SER C 702 -10.72 40.88 -34.34
N LEU C 703 -11.98 41.08 -33.95
CA LEU C 703 -13.13 40.95 -34.87
C LEU C 703 -13.18 42.13 -35.83
N SER C 704 -13.20 43.34 -35.29
CA SER C 704 -13.22 44.55 -36.11
C SER C 704 -11.89 44.75 -36.86
N ALA C 705 -10.78 44.24 -36.32
CA ALA C 705 -9.49 44.28 -37.00
C ALA C 705 -9.48 43.51 -38.33
N LEU C 706 -10.26 42.43 -38.42
CA LEU C 706 -10.39 41.66 -39.67
C LEU C 706 -11.18 42.44 -40.73
N THR C 707 -12.31 43.02 -40.33
CA THR C 707 -13.10 43.91 -41.18
C THR C 707 -12.24 45.04 -41.75
N TYR C 708 -11.49 45.69 -40.85
CA TYR C 708 -10.53 46.74 -41.19
C TYR C 708 -9.47 46.24 -42.17
N SER C 709 -8.90 45.07 -41.88
CA SER C 709 -7.87 44.46 -42.72
C SER C 709 -8.35 44.18 -44.15
N ASN C 710 -9.54 43.57 -44.28
CA ASN C 710 -10.15 43.29 -45.58
C ASN C 710 -10.54 44.54 -46.37
N PHE C 711 -10.98 45.58 -45.65
CA PHE C 711 -11.34 46.87 -46.25
C PHE C 711 -10.12 47.54 -46.87
N LEU C 712 -9.04 47.64 -46.11
CA LEU C 712 -7.78 48.22 -46.59
C LEU C 712 -7.10 47.34 -47.66
N HIS C 713 -7.27 46.04 -47.55
CA HIS C 713 -6.77 45.09 -48.55
C HIS C 713 -7.39 45.36 -49.93
N GLU C 714 -8.72 45.53 -49.97
CA GLU C 714 -9.45 45.80 -51.20
C GLU C 714 -9.10 47.14 -51.83
N ILE C 715 -8.94 48.17 -50.99
CA ILE C 715 -8.62 49.52 -51.45
C ILE C 715 -7.22 49.62 -52.06
N PHE C 716 -6.21 49.14 -51.32
CA PHE C 716 -4.80 49.32 -51.71
C PHE C 716 -4.15 48.13 -52.40
N GLN C 717 -4.85 47.00 -52.50
CA GLN C 717 -4.36 45.78 -53.16
C GLN C 717 -3.03 45.22 -52.58
N VAL C 718 -2.85 45.35 -51.27
CA VAL C 718 -1.72 44.74 -50.55
C VAL C 718 -2.24 44.12 -49.25
N GLU C 719 -1.54 43.11 -48.75
CA GLU C 719 -1.95 42.46 -47.49
C GLU C 719 -1.70 43.38 -46.31
N VAL C 720 -2.71 43.49 -45.45
CA VAL C 720 -2.66 44.30 -44.24
C VAL C 720 -3.03 43.35 -43.11
N PRO C 721 -2.07 42.55 -42.61
CA PRO C 721 -2.43 41.53 -41.62
C PRO C 721 -3.03 42.10 -40.33
N VAL C 722 -3.94 41.35 -39.74
CA VAL C 722 -4.54 41.69 -38.44
C VAL C 722 -3.46 41.91 -37.37
N SER C 723 -2.39 41.11 -37.42
CA SER C 723 -1.24 41.23 -36.51
C SER C 723 -0.60 42.64 -36.50
N VAL C 724 -0.54 43.29 -37.66
CA VAL C 724 -0.04 44.67 -37.78
C VAL C 724 -0.97 45.68 -37.12
N ILE C 725 -2.28 45.49 -37.29
CA ILE C 725 -3.29 46.41 -36.76
C ILE C 725 -3.38 46.35 -35.24
N VAL C 726 -3.35 45.14 -34.65
CA VAL C 726 -3.60 44.96 -33.19
C VAL C 726 -2.35 45.06 -32.31
N SER C 727 -1.16 44.92 -32.88
CA SER C 727 0.08 44.94 -32.10
C SER C 727 0.21 46.22 -31.26
N ALA C 728 0.66 46.06 -30.02
CA ALA C 728 0.85 47.18 -29.10
C ALA C 728 1.96 48.15 -29.54
N ALA C 729 2.89 47.66 -30.36
CA ALA C 729 3.95 48.51 -30.92
C ALA C 729 3.47 49.48 -32.03
N ASN C 730 2.33 49.18 -32.65
CA ASN C 730 1.85 49.90 -33.85
C ASN C 730 0.68 50.82 -33.59
N ASN C 731 0.74 52.01 -34.19
CA ASN C 731 -0.37 52.96 -34.20
C ASN C 731 -0.90 53.06 -35.64
N LEU C 732 -1.87 53.94 -35.90
CA LEU C 732 -2.43 54.08 -37.25
C LEU C 732 -1.40 54.52 -38.29
N ARG C 733 -0.41 55.32 -37.86
CA ARG C 733 0.74 55.69 -38.69
C ARG C 733 1.51 54.46 -39.19
N SER C 734 1.74 53.51 -38.29
CA SER C 734 2.42 52.24 -38.64
C SER C 734 1.64 51.40 -39.66
N VAL C 735 0.31 51.45 -39.58
CA VAL C 735 -0.55 50.77 -40.54
C VAL C 735 -0.41 51.41 -41.93
N ALA C 736 -0.45 52.74 -41.97
CA ALA C 736 -0.21 53.51 -43.20
C ALA C 736 1.17 53.25 -43.79
N ALA C 737 2.19 53.30 -42.93
CA ALA C 737 3.58 52.99 -43.33
C ALA C 737 3.74 51.59 -43.92
N HIS C 738 3.08 50.61 -43.31
CA HIS C 738 3.12 49.22 -43.79
C HIS C 738 2.51 49.09 -45.19
N ILE C 739 1.40 49.78 -45.43
CA ILE C 739 0.73 49.76 -46.74
C ILE C 739 1.65 50.32 -47.83
N GLU C 740 2.24 51.48 -47.56
CA GLU C 740 3.13 52.15 -48.55
C GLU C 740 4.42 51.39 -48.83
N LYS C 741 5.00 50.79 -47.79
CA LYS C 741 6.16 49.89 -47.95
C LYS C 741 5.82 48.70 -48.86
N GLU C 742 4.64 48.13 -48.64
CA GLU C 742 4.18 46.96 -49.42
C GLU C 742 3.93 47.26 -50.90
N ARG C 743 3.49 48.48 -51.21
CA ARG C 743 3.23 48.88 -52.61
C ARG C 743 4.52 49.05 -53.41
N SER C 744 5.54 49.66 -52.79
CA SER C 744 6.89 49.74 -53.38
C SER C 744 7.60 48.37 -53.40
N SER C 745 7.74 47.74 -52.23
CA SER C 745 8.45 46.42 -52.11
C SER C 745 8.22 45.78 -50.76
N ARG C 749 11.62 37.61 -46.44
CA ARG C 749 10.39 37.49 -45.64
C ARG C 749 9.42 36.43 -46.24
N PRO C 750 9.35 35.23 -45.63
CA PRO C 750 8.62 34.08 -46.22
C PRO C 750 7.26 34.11 -46.92
N THR C 751 6.17 34.37 -46.24
CA THR C 751 4.82 34.42 -46.86
C THR C 751 4.09 33.14 -47.37
N PHE C 752 2.75 33.22 -47.28
CA PHE C 752 1.83 32.16 -47.72
C PHE C 752 2.04 31.72 -49.17
N ALA C 753 2.29 32.70 -50.05
CA ALA C 753 2.50 32.44 -51.47
C ALA C 753 3.81 31.70 -51.77
N SER C 754 4.92 32.14 -51.17
CA SER C 754 6.24 31.54 -51.43
C SER C 754 6.41 30.12 -50.86
N VAL C 755 5.63 29.78 -49.84
CA VAL C 755 5.71 28.47 -49.18
C VAL C 755 4.67 27.50 -49.74
N HIS C 756 3.41 27.93 -49.80
CA HIS C 756 2.29 27.06 -50.20
C HIS C 756 1.74 27.31 -51.62
N GLY C 757 2.31 28.27 -52.35
CA GLY C 757 1.80 28.65 -53.67
C GLY C 757 0.64 29.63 -53.55
N ALA C 758 0.68 30.70 -54.35
CA ALA C 758 -0.31 31.79 -54.28
C ALA C 758 -1.74 31.30 -54.55
N GLY C 759 -2.67 31.72 -53.71
CA GLY C 759 -4.08 31.34 -53.83
C GLY C 759 -4.40 29.86 -53.66
N ALA C 760 -3.50 29.09 -53.04
CA ALA C 760 -3.67 27.64 -52.91
C ALA C 760 -4.79 27.33 -51.91
N THR C 761 -5.55 26.27 -52.20
CA THR C 761 -6.70 25.86 -51.37
C THR C 761 -6.40 24.66 -50.44
N THR C 762 -5.23 24.03 -50.61
CA THR C 762 -4.73 23.00 -49.69
C THR C 762 -3.25 23.25 -49.39
N ILE C 763 -2.77 22.59 -48.33
CA ILE C 763 -1.37 22.72 -47.89
C ILE C 763 -0.82 21.33 -47.57
N ARG C 764 0.50 21.18 -47.72
CA ARG C 764 1.17 19.89 -47.54
C ARG C 764 2.38 20.01 -46.62
N ALA C 765 2.67 18.95 -45.87
CA ALA C 765 3.84 18.90 -44.99
C ALA C 765 5.16 19.05 -45.76
N SER C 766 5.18 18.52 -46.99
CA SER C 766 6.34 18.63 -47.89
C SER C 766 6.65 20.07 -48.32
N ASP C 767 5.65 20.95 -48.32
CA ASP C 767 5.86 22.40 -48.53
C ASP C 767 6.76 23.02 -47.47
N LEU C 768 6.56 22.60 -46.22
CA LEU C 768 7.18 23.24 -45.07
C LEU C 768 8.58 22.71 -44.81
N LYS C 769 9.53 23.15 -45.63
CA LYS C 769 10.95 22.85 -45.45
C LYS C 769 11.65 24.07 -44.90
N LEU C 770 12.72 23.84 -44.14
CA LEU C 770 13.48 24.94 -43.53
C LEU C 770 14.21 25.84 -44.53
N GLU C 771 14.45 25.33 -45.74
CA GLU C 771 15.06 26.12 -46.83
C GLU C 771 14.20 27.33 -47.23
N LYS C 772 12.88 27.20 -47.09
CA LYS C 772 11.95 28.29 -47.42
C LYS C 772 11.82 29.38 -46.34
N PHE C 773 12.29 29.11 -45.12
CA PHE C 773 12.23 30.09 -44.01
C PHE C 773 13.60 30.61 -43.57
N LEU C 774 14.59 29.73 -43.49
CA LEU C 774 15.92 30.05 -42.97
C LEU C 774 16.95 30.13 -44.10
N ASP C 775 18.01 30.90 -43.88
CA ASP C 775 19.10 31.02 -44.86
C ASP C 775 19.97 29.76 -44.91
N ALA C 776 20.68 29.60 -46.02
CA ALA C 776 21.47 28.39 -46.29
C ALA C 776 22.71 28.23 -45.39
N GLN C 777 23.27 29.35 -44.92
CA GLN C 777 24.45 29.31 -44.04
C GLN C 777 24.15 28.72 -42.65
N THR C 778 23.00 29.09 -42.09
CA THR C 778 22.54 28.55 -40.80
C THR C 778 22.30 27.05 -40.92
N LEU C 779 21.56 26.66 -41.97
CA LEU C 779 21.22 25.25 -42.20
C LEU C 779 22.45 24.38 -42.48
N ALA C 780 23.40 24.91 -43.25
CA ALA C 780 24.65 24.19 -43.56
C ALA C 780 25.48 23.93 -42.30
N ALA C 781 25.61 24.95 -41.43
CA ALA C 781 26.39 24.83 -40.20
C ALA C 781 25.66 24.10 -39.05
N ALA C 782 24.34 23.86 -39.20
CA ALA C 782 23.50 23.36 -38.11
C ALA C 782 23.81 21.94 -37.58
N PRO C 783 23.94 20.94 -38.48
CA PRO C 783 24.22 19.56 -38.05
C PRO C 783 25.44 19.38 -37.14
N SER C 784 26.50 20.16 -37.38
CA SER C 784 27.76 20.04 -36.63
C SER C 784 27.87 20.96 -35.40
N LEU C 785 26.79 21.63 -35.02
CA LEU C 785 26.81 22.55 -33.87
C LEU C 785 27.04 21.83 -32.54
N PRO C 786 27.54 22.55 -31.52
CA PRO C 786 27.68 21.95 -30.18
C PRO C 786 26.33 21.56 -29.56
N ARG C 787 26.33 20.48 -28.78
CA ARG C 787 25.12 19.93 -28.18
C ARG C 787 24.61 20.80 -27.02
N PRO C 788 23.35 20.61 -26.58
CA PRO C 788 22.77 21.39 -25.48
C PRO C 788 23.63 21.42 -24.20
N ALA C 789 23.60 22.56 -23.51
CA ALA C 789 24.31 22.72 -22.25
C ALA C 789 23.71 21.78 -21.20
N SER C 790 24.59 21.14 -20.43
CA SER C 790 24.17 20.19 -19.39
C SER C 790 23.32 20.86 -18.29
N GLU C 791 23.63 22.12 -17.96
CA GLU C 791 22.90 22.90 -16.95
C GLU C 791 22.20 24.11 -17.58
N VAL C 792 20.89 24.20 -17.38
CA VAL C 792 20.07 25.31 -17.87
C VAL C 792 20.11 26.44 -16.85
N ARG C 793 20.78 27.54 -17.20
CA ARG C 793 20.83 28.74 -16.37
C ARG C 793 20.10 29.96 -16.96
N THR C 794 19.98 30.02 -18.29
CA THR C 794 19.26 31.13 -18.96
C THR C 794 18.20 30.59 -19.95
N VAL C 795 16.97 31.09 -19.81
CA VAL C 795 15.84 30.64 -20.61
C VAL C 795 15.23 31.82 -21.36
N LEU C 796 14.95 31.63 -22.65
CA LEU C 796 14.18 32.58 -23.44
C LEU C 796 12.74 32.11 -23.49
N LEU C 797 11.81 32.98 -23.12
CA LEU C 797 10.39 32.66 -23.09
C LEU C 797 9.62 33.62 -23.96
N THR C 798 8.76 33.06 -24.80
CA THR C 798 7.86 33.80 -25.65
C THR C 798 6.45 33.70 -25.09
N GLY C 799 5.62 34.70 -25.40
CA GLY C 799 4.22 34.72 -24.94
C GLY C 799 4.03 34.93 -23.45
N SER C 800 5.01 35.54 -22.77
CA SER C 800 4.98 35.69 -21.30
C SER C 800 3.85 36.54 -20.72
N ASN C 801 3.32 37.48 -21.49
CA ASN C 801 2.13 38.25 -21.05
C ASN C 801 0.80 37.57 -21.39
N GLY C 802 0.86 36.43 -22.08
CA GLY C 802 -0.32 35.61 -22.33
C GLY C 802 -0.82 34.89 -21.09
N TRP C 803 -1.85 34.09 -21.26
CA TRP C 803 -2.49 33.39 -20.14
C TRP C 803 -1.60 32.30 -19.55
N LEU C 804 -1.16 31.37 -20.39
CA LEU C 804 -0.25 30.31 -19.93
C LEU C 804 1.14 30.85 -19.67
N GLY C 805 1.65 31.67 -20.60
CA GLY C 805 3.04 32.15 -20.56
C GLY C 805 3.46 32.88 -19.31
N ARG C 806 2.55 33.62 -18.67
CA ARG C 806 2.87 34.33 -17.42
C ARG C 806 3.24 33.37 -16.28
N PHE C 807 2.58 32.22 -16.24
CA PHE C 807 2.87 31.20 -15.24
C PHE C 807 4.02 30.28 -15.62
N LEU C 808 4.29 30.14 -16.91
CA LEU C 808 5.57 29.55 -17.35
C LEU C 808 6.73 30.45 -16.91
N ALA C 809 6.58 31.76 -17.10
CA ALA C 809 7.59 32.75 -16.67
C ALA C 809 7.86 32.67 -15.17
N LEU C 810 6.79 32.63 -14.40
CA LEU C 810 6.88 32.57 -12.94
C LEU C 810 7.54 31.26 -12.49
N ALA C 811 7.18 30.14 -13.11
CA ALA C 811 7.79 28.83 -12.81
C ALA C 811 9.30 28.80 -13.07
N TRP C 812 9.73 29.41 -14.18
CA TRP C 812 11.16 29.49 -14.50
C TRP C 812 11.93 30.44 -13.58
N LEU C 813 11.31 31.56 -13.23
CA LEU C 813 11.92 32.50 -12.26
C LEU C 813 12.11 31.86 -10.88
N GLU C 814 11.10 31.12 -10.40
CA GLU C 814 11.20 30.39 -9.13
C GLU C 814 12.36 29.37 -9.11
N ARG C 815 12.63 28.71 -10.24
CA ARG C 815 13.74 27.76 -10.35
C ARG C 815 15.10 28.43 -10.53
N LEU C 816 15.18 29.43 -11.43
CA LEU C 816 16.47 29.99 -11.84
C LEU C 816 17.05 31.09 -10.95
N VAL C 817 16.19 31.92 -10.36
CA VAL C 817 16.66 33.04 -9.52
C VAL C 817 17.52 32.58 -8.32
N PRO C 818 17.11 31.51 -7.61
CA PRO C 818 17.95 30.92 -6.55
C PRO C 818 19.33 30.39 -6.97
N GLN C 819 19.52 30.09 -8.25
CA GLN C 819 20.80 29.61 -8.77
C GLN C 819 21.55 30.71 -9.53
N GLY C 820 21.14 31.98 -9.35
CA GLY C 820 21.71 33.10 -10.09
C GLY C 820 21.48 33.09 -11.60
N GLY C 821 20.41 32.42 -12.05
CA GLY C 821 20.07 32.33 -13.47
C GLY C 821 19.21 33.49 -13.94
N LYS C 822 18.77 33.43 -15.19
CA LYS C 822 18.02 34.50 -15.81
C LYS C 822 16.92 34.00 -16.73
N VAL C 823 15.79 34.71 -16.73
CA VAL C 823 14.72 34.48 -17.70
C VAL C 823 14.65 35.69 -18.64
N VAL C 824 14.91 35.48 -19.93
CA VAL C 824 14.75 36.50 -20.95
C VAL C 824 13.36 36.35 -21.57
N VAL C 825 12.72 37.46 -21.85
CA VAL C 825 11.34 37.49 -22.28
C VAL C 825 11.16 38.50 -23.43
N ILE C 826 10.47 38.09 -24.49
CA ILE C 826 10.16 38.95 -25.63
C ILE C 826 8.67 39.28 -25.63
N VAL C 827 8.36 40.57 -25.55
CA VAL C 827 6.98 41.07 -25.46
C VAL C 827 6.80 42.19 -26.49
N ARG C 828 5.61 42.29 -27.08
CA ARG C 828 5.32 43.31 -28.08
C ARG C 828 5.09 44.67 -27.40
N GLY C 829 5.70 45.71 -27.96
CA GLY C 829 5.58 47.07 -27.43
C GLY C 829 6.46 48.05 -28.17
N LYS C 830 6.14 49.34 -28.05
CA LYS C 830 6.90 50.45 -28.67
C LYS C 830 8.40 50.40 -28.36
N ASP C 831 8.73 50.20 -27.10
CA ASP C 831 10.11 50.06 -26.64
C ASP C 831 10.19 49.13 -25.43
N ASP C 832 11.40 48.85 -24.94
CA ASP C 832 11.62 47.93 -23.82
C ASP C 832 10.83 48.30 -22.55
N LYS C 833 10.78 49.59 -22.25
CA LYS C 833 9.98 50.13 -21.15
C LYS C 833 8.48 49.78 -21.25
N ALA C 834 7.86 50.07 -22.39
CA ALA C 834 6.44 49.81 -22.59
C ALA C 834 6.14 48.32 -22.58
N ALA C 835 7.06 47.53 -23.13
CA ALA C 835 6.93 46.07 -23.12
C ALA C 835 6.90 45.50 -21.70
N LYS C 836 7.81 45.97 -20.86
CA LYS C 836 7.85 45.58 -19.45
C LYS C 836 6.60 45.99 -18.68
N ALA C 837 6.07 47.17 -18.98
CA ALA C 837 4.81 47.64 -18.38
C ALA C 837 3.61 46.75 -18.74
N ARG C 838 3.57 46.27 -20.00
CA ARG C 838 2.52 45.34 -20.43
C ARG C 838 2.56 44.01 -19.70
N LEU C 839 3.76 43.48 -19.49
CA LEU C 839 3.96 42.25 -18.72
C LEU C 839 3.64 42.43 -17.24
N ASP C 840 4.12 43.52 -16.64
CA ASP C 840 3.83 43.83 -15.23
C ASP C 840 2.32 43.83 -14.94
N SER C 841 1.53 44.43 -15.82
CA SER C 841 0.10 44.62 -15.58
C SER C 841 -0.74 43.34 -15.51
N VAL C 842 -0.32 42.25 -16.15
CA VAL C 842 -1.09 40.98 -16.09
C VAL C 842 -1.01 40.31 -14.71
N PHE C 843 0.02 40.64 -13.93
CA PHE C 843 0.15 40.19 -12.55
C PHE C 843 -0.60 41.07 -11.52
N GLU C 844 -1.15 42.21 -11.96
CA GLU C 844 -2.09 43.03 -11.15
C GLU C 844 -3.50 42.53 -11.40
N SER C 845 -4.00 41.65 -10.53
CA SER C 845 -5.37 41.14 -10.63
C SER C 845 -6.13 41.26 -9.30
N GLY C 846 -5.66 42.13 -8.40
CA GLY C 846 -6.21 42.26 -7.05
C GLY C 846 -5.67 41.27 -6.03
N ASP C 847 -4.54 40.62 -6.33
CA ASP C 847 -3.88 39.68 -5.42
C ASP C 847 -2.55 40.28 -4.97
N PRO C 848 -2.49 40.83 -3.74
CA PRO C 848 -1.24 41.43 -3.25
C PRO C 848 -0.04 40.49 -3.19
N ALA C 849 -0.28 39.24 -2.78
CA ALA C 849 0.78 38.24 -2.67
C ALA C 849 1.44 37.91 -4.02
N LEU C 850 0.64 37.78 -5.07
CA LEU C 850 1.14 37.53 -6.42
C LEU C 850 2.02 38.67 -6.92
N LEU C 851 1.53 39.90 -6.76
CA LEU C 851 2.26 41.10 -7.20
C LEU C 851 3.62 41.23 -6.51
N ALA C 852 3.65 41.02 -5.20
CA ALA C 852 4.91 41.05 -4.43
C ALA C 852 5.86 39.92 -4.82
N HIS C 853 5.31 38.74 -5.06
CA HIS C 853 6.07 37.57 -5.49
C HIS C 853 6.71 37.82 -6.87
N TYR C 854 5.90 38.30 -7.82
CA TYR C 854 6.38 38.63 -9.15
C TYR C 854 7.49 39.68 -9.13
N GLU C 855 7.25 40.78 -8.42
CA GLU C 855 8.19 41.92 -8.39
C GLU C 855 9.52 41.55 -7.72
N ASP C 856 9.46 40.75 -6.68
CA ASP C 856 10.66 40.21 -6.02
C ASP C 856 11.53 39.43 -7.01
N LEU C 857 10.93 38.47 -7.70
CA LEU C 857 11.65 37.63 -8.67
C LEU C 857 12.05 38.38 -9.95
N ALA C 858 11.21 39.29 -10.43
CA ALA C 858 11.49 40.07 -11.64
C ALA C 858 12.72 40.96 -11.51
N ASP C 859 12.87 41.65 -10.38
CA ASP C 859 14.05 42.48 -10.09
C ASP C 859 15.34 41.65 -10.14
N LYS C 860 15.29 40.44 -9.61
CA LYS C 860 16.49 39.59 -9.50
C LYS C 860 16.85 38.83 -10.78
N GLY C 861 15.89 38.47 -11.61
CA GLY C 861 16.17 37.58 -12.76
C GLY C 861 15.42 37.73 -14.07
N LEU C 862 14.59 38.76 -14.22
CA LEU C 862 13.82 38.96 -15.46
C LEU C 862 14.42 40.07 -16.35
N GLU C 863 14.71 39.73 -17.61
CA GLU C 863 15.10 40.70 -18.63
C GLU C 863 13.99 40.76 -19.69
N VAL C 864 13.38 41.93 -19.85
CA VAL C 864 12.32 42.14 -20.84
C VAL C 864 12.85 42.91 -22.06
N LEU C 865 12.65 42.33 -23.24
CA LEU C 865 13.01 42.96 -24.50
C LEU C 865 11.75 43.15 -25.32
N ALA C 866 11.61 44.33 -25.94
CA ALA C 866 10.55 44.57 -26.92
C ALA C 866 10.90 43.82 -28.19
N GLY C 867 9.91 43.21 -28.82
CA GLY C 867 10.16 42.42 -30.02
C GLY C 867 8.90 41.87 -30.65
N ASP C 868 9.09 41.06 -31.68
CA ASP C 868 8.00 40.45 -32.44
C ASP C 868 8.58 39.26 -33.20
N PHE C 869 8.15 38.05 -32.84
CA PHE C 869 8.76 36.83 -33.41
C PHE C 869 8.41 36.55 -34.89
N SER C 870 7.37 37.20 -35.42
CA SER C 870 7.08 37.13 -36.86
C SER C 870 8.11 37.88 -37.72
N ASP C 871 8.74 38.91 -37.16
CA ASP C 871 9.79 39.69 -37.87
C ASP C 871 11.16 39.01 -37.78
N ALA C 872 12.06 39.47 -38.63
CA ALA C 872 13.44 38.96 -38.69
C ALA C 872 14.21 39.30 -37.41
N ASP C 873 15.08 38.39 -36.99
CA ASP C 873 15.80 38.48 -35.72
C ASP C 873 14.87 38.66 -34.49
N LEU C 874 13.69 38.06 -34.58
CA LEU C 874 12.65 38.15 -33.53
C LEU C 874 12.24 39.59 -33.18
N GLY C 875 12.38 40.50 -34.15
CA GLY C 875 12.11 41.92 -33.95
C GLY C 875 13.02 42.63 -32.97
N LEU C 876 14.19 42.06 -32.69
CA LEU C 876 15.13 42.60 -31.72
C LEU C 876 16.23 43.41 -32.41
N ARG C 877 17.05 44.08 -31.61
CA ARG C 877 18.29 44.65 -32.08
C ARG C 877 19.25 43.50 -32.39
N LYS C 878 20.02 43.64 -33.47
CA LYS C 878 20.94 42.60 -33.92
C LYS C 878 21.95 42.18 -32.84
N ALA C 879 22.42 43.14 -32.03
CA ALA C 879 23.33 42.84 -30.92
C ALA C 879 22.67 41.97 -29.84
N ASP C 880 21.38 42.20 -29.57
CA ASP C 880 20.64 41.38 -28.61
C ASP C 880 20.39 39.97 -29.13
N TRP C 881 19.98 39.85 -30.40
CA TRP C 881 19.78 38.54 -31.03
C TRP C 881 21.06 37.71 -31.01
N ASP C 882 22.19 38.32 -31.38
CA ASP C 882 23.49 37.66 -31.34
C ASP C 882 23.88 37.24 -29.93
N ARG C 883 23.59 38.08 -28.94
CA ARG C 883 23.87 37.76 -27.52
C ARG C 883 23.04 36.55 -27.04
N LEU C 884 21.75 36.52 -27.40
CA LEU C 884 20.87 35.41 -27.02
C LEU C 884 21.27 34.10 -27.67
N ALA C 885 21.75 34.15 -28.91
CA ALA C 885 22.29 32.97 -29.62
C ALA C 885 23.47 32.32 -28.87
N ASP C 886 24.24 33.14 -28.17
CA ASP C 886 25.34 32.67 -27.32
C ASP C 886 24.90 32.28 -25.91
N GLU C 887 23.96 33.04 -25.33
CA GLU C 887 23.67 33.02 -23.89
C GLU C 887 22.51 32.07 -23.48
N VAL C 888 21.50 31.93 -24.32
CA VAL C 888 20.29 31.17 -24.01
C VAL C 888 20.55 29.66 -24.05
N ASP C 889 20.17 28.95 -22.99
CA ASP C 889 20.31 27.49 -22.88
C ASP C 889 19.09 26.72 -23.39
N LEU C 890 17.89 27.30 -23.22
CA LEU C 890 16.62 26.65 -23.56
C LEU C 890 15.57 27.69 -23.99
N ILE C 891 14.72 27.33 -24.94
CA ILE C 891 13.70 28.22 -25.46
C ILE C 891 12.31 27.63 -25.25
N VAL C 892 11.42 28.41 -24.62
CA VAL C 892 10.03 28.02 -24.42
C VAL C 892 9.19 28.91 -25.32
N HIS C 893 8.61 28.31 -26.36
CA HIS C 893 7.80 29.07 -27.32
C HIS C 893 6.32 28.84 -27.08
N SER C 894 5.77 29.70 -26.22
CA SER C 894 4.35 29.73 -25.86
C SER C 894 3.55 30.79 -26.61
N GLY C 895 4.23 31.70 -27.30
CA GLY C 895 3.56 32.79 -27.99
C GLY C 895 2.97 32.39 -29.33
N ALA C 896 1.80 32.92 -29.62
CA ALA C 896 1.07 32.67 -30.87
C ALA C 896 -0.18 33.55 -30.92
N LEU C 897 -0.72 33.72 -32.11
CA LEU C 897 -2.02 34.36 -32.26
C LEU C 897 -3.07 33.27 -32.15
N VAL C 898 -3.70 33.20 -30.98
CA VAL C 898 -4.67 32.16 -30.64
C VAL C 898 -6.06 32.69 -30.94
N ASN C 899 -6.53 32.40 -32.14
CA ASN C 899 -7.84 32.86 -32.62
C ASN C 899 -8.49 31.76 -33.45
N HIS C 900 -9.72 31.40 -33.09
CA HIS C 900 -10.41 30.27 -33.73
C HIS C 900 -11.25 30.61 -34.96
N VAL C 901 -11.42 31.90 -35.27
CA VAL C 901 -12.20 32.34 -36.44
C VAL C 901 -11.35 32.89 -37.60
N LEU C 902 -10.11 33.31 -37.35
CA LEU C 902 -9.26 33.87 -38.41
C LEU C 902 -8.77 32.77 -39.37
N PRO C 903 -8.62 33.11 -40.67
CA PRO C 903 -8.10 32.14 -41.64
C PRO C 903 -6.60 31.93 -41.54
N TYR C 904 -6.13 30.85 -42.16
CA TYR C 904 -4.71 30.44 -42.11
C TYR C 904 -3.74 31.52 -42.62
N SER C 905 -4.19 32.31 -43.60
CA SER C 905 -3.37 33.38 -44.17
C SER C 905 -3.01 34.47 -43.15
N GLN C 906 -3.99 34.83 -42.31
CA GLN C 906 -3.79 35.78 -41.21
C GLN C 906 -2.89 35.25 -40.08
N LEU C 907 -2.93 33.94 -39.84
CA LEU C 907 -2.16 33.31 -38.77
C LEU C 907 -0.80 32.78 -39.22
N PHE C 908 -0.49 32.88 -40.51
CA PHE C 908 0.77 32.37 -41.05
C PHE C 908 2.00 33.10 -40.48
N GLY C 909 1.92 34.42 -40.40
CA GLY C 909 3.02 35.24 -39.90
C GLY C 909 3.37 34.99 -38.45
N PRO C 910 2.38 35.14 -37.55
CA PRO C 910 2.64 34.89 -36.13
C PRO C 910 3.03 33.45 -35.81
N ASN C 911 2.24 32.48 -36.28
CA ASN C 911 2.35 31.10 -35.80
C ASN C 911 3.30 30.20 -36.57
N VAL C 912 3.44 30.40 -37.88
CA VAL C 912 4.32 29.57 -38.72
C VAL C 912 5.70 30.20 -38.87
N VAL C 913 5.72 31.43 -39.41
CA VAL C 913 7.00 32.16 -39.59
C VAL C 913 7.64 32.44 -38.23
N GLY C 914 6.80 32.77 -37.24
CA GLY C 914 7.25 32.95 -35.87
C GLY C 914 7.98 31.76 -35.30
N THR C 915 7.42 30.57 -35.49
CA THR C 915 8.06 29.33 -35.05
C THR C 915 9.39 29.08 -35.77
N ALA C 916 9.43 29.39 -37.07
CA ALA C 916 10.68 29.28 -37.84
C ALA C 916 11.78 30.20 -37.30
N GLU C 917 11.41 31.44 -36.95
CA GLU C 917 12.36 32.38 -36.34
C GLU C 917 12.89 31.91 -34.99
N VAL C 918 12.04 31.26 -34.19
CA VAL C 918 12.46 30.64 -32.92
C VAL C 918 13.48 29.54 -33.19
N ALA C 919 13.15 28.66 -34.15
CA ALA C 919 14.04 27.57 -34.56
C ALA C 919 15.40 28.10 -35.02
N LYS C 920 15.39 29.18 -35.80
CA LYS C 920 16.62 29.82 -36.25
C LYS C 920 17.56 30.18 -35.10
N LEU C 921 17.02 30.74 -34.01
CA LEU C 921 17.83 31.04 -32.83
C LEU C 921 18.34 29.78 -32.14
N ALA C 922 17.52 28.74 -32.13
CA ALA C 922 17.91 27.43 -31.58
C ALA C 922 18.98 26.71 -32.41
N LEU C 923 19.12 27.06 -33.69
CA LEU C 923 20.11 26.47 -34.61
C LEU C 923 21.29 27.40 -34.94
N THR C 924 21.69 28.25 -33.99
CA THR C 924 22.76 29.25 -34.17
C THR C 924 23.66 29.26 -32.94
N LYS C 925 24.97 29.32 -33.21
CA LYS C 925 26.06 29.19 -32.22
C LYS C 925 26.12 27.88 -31.44
N ARG C 926 25.07 27.55 -30.71
CA ARG C 926 24.88 26.23 -30.09
C ARG C 926 23.41 25.80 -30.05
N LEU C 927 23.19 24.49 -29.95
CA LEU C 927 21.83 23.93 -29.98
C LEU C 927 21.10 24.20 -28.66
N LYS C 928 19.84 24.60 -28.78
CA LYS C 928 19.01 24.98 -27.64
C LYS C 928 17.70 24.20 -27.71
N PRO C 929 17.44 23.33 -26.71
CA PRO C 929 16.16 22.61 -26.72
C PRO C 929 14.95 23.55 -26.76
N VAL C 930 13.91 23.15 -27.48
CA VAL C 930 12.73 23.97 -27.68
C VAL C 930 11.51 23.28 -27.09
N THR C 931 10.86 23.94 -26.13
CA THR C 931 9.51 23.60 -25.70
C THR C 931 8.58 24.37 -26.62
N TYR C 932 7.65 23.67 -27.27
CA TYR C 932 6.69 24.28 -28.18
C TYR C 932 5.27 24.00 -27.71
N LEU C 933 4.46 25.04 -27.59
CA LEU C 933 3.06 24.89 -27.22
C LEU C 933 2.25 24.72 -28.48
N SER C 934 1.32 23.76 -28.46
CA SER C 934 0.48 23.45 -29.59
C SER C 934 -0.95 23.20 -29.11
N THR C 935 -1.77 22.56 -29.95
CA THR C 935 -3.21 22.46 -29.70
C THR C 935 -3.80 21.13 -30.19
N VAL C 936 -4.89 20.72 -29.56
CA VAL C 936 -5.67 19.56 -30.00
C VAL C 936 -6.26 19.79 -31.40
N ALA C 937 -6.48 21.06 -31.75
CA ALA C 937 -6.93 21.45 -33.08
C ALA C 937 -6.05 21.01 -34.25
N VAL C 938 -4.81 20.55 -34.01
CA VAL C 938 -4.03 19.89 -35.07
C VAL C 938 -4.60 18.50 -35.45
N ALA C 939 -5.45 17.92 -34.60
CA ALA C 939 -6.16 16.68 -34.92
C ALA C 939 -7.46 16.88 -35.73
N VAL C 940 -7.74 18.11 -36.15
CA VAL C 940 -8.88 18.39 -37.05
C VAL C 940 -8.49 17.76 -38.40
N GLY C 941 -9.36 16.94 -38.96
CA GLY C 941 -9.07 16.20 -40.20
C GLY C 941 -8.69 14.74 -40.01
N VAL C 942 -8.38 14.35 -38.77
CA VAL C 942 -8.03 12.96 -38.42
C VAL C 942 -9.05 12.46 -37.40
N GLU C 943 -9.36 11.17 -37.46
CA GLU C 943 -10.20 10.54 -36.43
C GLU C 943 -9.40 10.42 -35.10
N PRO C 944 -10.04 10.74 -33.95
CA PRO C 944 -9.34 10.73 -32.64
C PRO C 944 -8.49 9.49 -32.31
N SER C 945 -8.99 8.31 -32.69
CA SER C 945 -8.26 7.05 -32.47
C SER C 945 -6.98 6.91 -33.29
N ALA C 946 -6.93 7.53 -34.47
CA ALA C 946 -5.75 7.51 -35.35
C ALA C 946 -4.71 8.60 -35.05
N PHE C 947 -5.05 9.54 -34.17
CA PHE C 947 -4.14 10.61 -33.81
C PHE C 947 -3.12 10.09 -32.79
N GLU C 948 -1.92 9.79 -33.28
CA GLU C 948 -0.83 9.28 -32.43
C GLU C 948 -0.19 10.44 -31.63
N GLU C 949 -0.48 10.49 -30.32
CA GLU C 949 0.12 11.48 -29.39
C GLU C 949 1.58 11.76 -29.68
N ASP C 950 2.38 10.69 -29.69
CA ASP C 950 3.84 10.81 -29.86
C ASP C 950 4.34 10.25 -31.21
N GLY C 951 3.52 10.37 -32.26
CA GLY C 951 3.92 9.96 -33.60
C GLY C 951 4.60 11.09 -34.34
N ASP C 952 5.06 10.80 -35.56
CA ASP C 952 5.54 11.84 -36.46
C ASP C 952 4.34 12.59 -37.01
N ILE C 953 4.29 13.90 -36.74
CA ILE C 953 3.15 14.75 -37.14
C ILE C 953 3.02 14.88 -38.67
N ARG C 954 4.13 14.76 -39.40
CA ARG C 954 4.10 14.82 -40.86
C ARG C 954 3.33 13.64 -41.49
N ASP C 955 3.42 12.46 -40.86
CA ASP C 955 2.69 11.27 -41.30
C ASP C 955 1.23 11.32 -40.84
N VAL C 956 1.02 11.73 -39.59
CA VAL C 956 -0.32 11.88 -39.02
C VAL C 956 -0.85 13.20 -39.62
N SER C 957 -1.48 13.09 -40.79
CA SER C 957 -1.90 14.26 -41.60
C SER C 957 -0.72 14.93 -42.34
N ALA C 958 -0.51 14.48 -43.58
CA ALA C 958 0.48 15.07 -44.50
C ALA C 958 -0.15 16.11 -45.43
N VAL C 959 -1.47 16.07 -45.61
CA VAL C 959 -2.21 17.00 -46.46
C VAL C 959 -3.42 17.52 -45.70
N ARG C 960 -3.74 18.80 -45.91
CA ARG C 960 -4.79 19.48 -45.16
C ARG C 960 -5.53 20.50 -46.03
N SER C 961 -6.80 20.69 -45.73
CA SER C 961 -7.65 21.65 -46.42
C SER C 961 -7.75 22.98 -45.64
N ILE C 962 -7.91 24.06 -46.39
CA ILE C 962 -8.18 25.39 -45.83
C ILE C 962 -9.67 25.67 -46.00
N TYR C 966 -14.61 25.93 -37.74
CA TYR C 966 -14.13 26.44 -36.46
C TYR C 966 -12.71 25.94 -36.18
N ALA C 967 -11.81 26.88 -35.87
CA ALA C 967 -10.41 26.60 -35.52
C ALA C 967 -9.58 25.96 -36.64
N ASN C 968 -10.03 26.08 -37.89
CA ASN C 968 -9.41 25.42 -39.05
C ASN C 968 -8.03 26.06 -39.33
N GLY C 969 -8.02 27.39 -39.42
CA GLY C 969 -6.79 28.15 -39.59
C GLY C 969 -5.83 28.04 -38.42
N TYR C 970 -6.38 28.13 -37.20
CA TYR C 970 -5.59 27.98 -35.98
C TYR C 970 -4.91 26.61 -35.95
N GLY C 971 -5.70 25.55 -36.11
CA GLY C 971 -5.18 24.18 -36.16
C GLY C 971 -4.09 23.99 -37.21
N ASN C 972 -4.34 24.51 -38.41
CA ASN C 972 -3.36 24.43 -39.50
C ASN C 972 -2.07 25.17 -39.18
N SER C 973 -2.18 26.36 -38.58
CA SER C 973 -1.00 27.18 -38.25
C SER C 973 -0.12 26.52 -37.19
N LYS C 974 -0.75 25.96 -36.15
CA LYS C 974 -0.01 25.27 -35.10
C LYS C 974 0.60 23.95 -35.60
N TRP C 975 -0.16 23.23 -36.41
CA TRP C 975 0.33 22.03 -37.13
C TRP C 975 1.61 22.34 -37.92
N ALA C 976 1.57 23.43 -38.69
CA ALA C 976 2.72 23.85 -39.50
C ALA C 976 3.98 24.12 -38.67
N GLY C 977 3.78 24.71 -37.49
CA GLY C 977 4.88 24.91 -36.54
C GLY C 977 5.49 23.60 -36.06
N GLU C 978 4.65 22.63 -35.73
CA GLU C 978 5.12 21.28 -35.36
C GLU C 978 5.96 20.64 -36.47
N VAL C 979 5.47 20.75 -37.71
CA VAL C 979 6.18 20.19 -38.87
C VAL C 979 7.59 20.78 -38.99
N LEU C 980 7.70 22.10 -38.93
CA LEU C 980 9.00 22.79 -39.03
C LEU C 980 9.97 22.38 -37.92
N LEU C 981 9.46 22.23 -36.70
CA LEU C 981 10.29 21.79 -35.57
C LEU C 981 10.72 20.33 -35.74
N ARG C 982 9.86 19.50 -36.32
CA ARG C 982 10.23 18.13 -36.68
C ARG C 982 11.31 18.09 -37.77
N GLU C 983 11.18 18.96 -38.78
CA GLU C 983 12.22 19.12 -39.81
C GLU C 983 13.56 19.53 -39.18
N ALA C 984 13.52 20.45 -38.22
CA ALA C 984 14.72 20.89 -37.50
C ALA C 984 15.37 19.78 -36.69
N TYR C 985 14.56 18.92 -36.10
CA TYR C 985 15.07 17.74 -35.39
C TYR C 985 15.77 16.78 -36.34
N GLU C 986 15.11 16.48 -37.46
CA GLU C 986 15.64 15.56 -38.46
C GLU C 986 16.93 16.06 -39.13
N HIS C 987 16.97 17.36 -39.41
CA HIS C 987 18.13 17.99 -40.04
C HIS C 987 19.36 18.12 -39.12
N ALA C 988 19.17 18.54 -37.87
CA ALA C 988 20.28 18.89 -36.97
C ALA C 988 20.27 18.24 -35.57
N GLY C 989 19.29 17.38 -35.29
CA GLY C 989 19.16 16.76 -33.96
C GLY C 989 18.74 17.71 -32.85
N LEU C 990 17.98 18.76 -33.20
CA LEU C 990 17.44 19.72 -32.24
C LEU C 990 16.42 19.06 -31.30
N PRO C 991 16.72 19.03 -29.97
CA PRO C 991 15.71 18.44 -29.06
C PRO C 991 14.44 19.29 -28.97
N VAL C 992 13.28 18.64 -29.06
CA VAL C 992 12.00 19.32 -29.02
C VAL C 992 11.06 18.59 -28.08
N ARG C 993 10.24 19.35 -27.35
CA ARG C 993 9.12 18.82 -26.60
C ARG C 993 7.88 19.63 -26.94
N VAL C 994 6.94 18.98 -27.61
CA VAL C 994 5.65 19.59 -27.97
C VAL C 994 4.57 19.27 -26.93
N PHE C 995 3.80 20.29 -26.53
CA PHE C 995 2.73 20.16 -25.55
C PHE C 995 1.43 20.72 -26.13
N ARG C 996 0.47 19.82 -26.39
CA ARG C 996 -0.82 20.21 -26.97
C ARG C 996 -1.82 20.48 -25.86
N SER C 997 -2.33 21.71 -25.79
CA SER C 997 -3.12 22.18 -24.66
C SER C 997 -4.23 23.13 -25.10
N ASP C 998 -5.48 22.77 -24.78
CA ASP C 998 -6.62 23.68 -24.95
C ASP C 998 -7.45 23.66 -23.69
N MET C 999 -8.15 24.77 -23.42
CA MET C 999 -8.91 25.01 -22.19
C MET C 999 -8.06 24.80 -20.96
N ILE C 1000 -7.19 25.77 -20.74
CA ILE C 1000 -6.35 25.84 -19.57
C ILE C 1000 -7.11 26.72 -18.58
N LEU C 1001 -7.61 26.08 -17.52
CA LEU C 1001 -8.53 26.71 -16.58
C LEU C 1001 -7.77 27.57 -15.56
N ALA C 1002 -8.52 28.23 -14.68
CA ALA C 1002 -7.99 29.22 -13.74
C ALA C 1002 -6.89 28.71 -12.81
N HIS C 1003 -6.09 29.65 -12.29
CA HIS C 1003 -5.09 29.35 -11.25
C HIS C 1003 -5.84 29.00 -9.96
N ARG C 1004 -5.39 27.97 -9.25
CA ARG C 1004 -6.10 27.49 -8.05
C ARG C 1004 -5.78 28.26 -6.75
N LYS C 1005 -4.72 29.05 -6.77
CA LYS C 1005 -4.23 29.82 -5.62
C LYS C 1005 -4.43 31.33 -5.78
N TYR C 1006 -3.89 31.91 -6.86
CA TYR C 1006 -3.88 33.37 -7.05
C TYR C 1006 -5.22 33.92 -7.52
N THR C 1007 -5.76 34.87 -6.76
CA THR C 1007 -7.09 35.42 -7.03
C THR C 1007 -7.08 36.39 -8.21
N GLY C 1008 -8.20 36.43 -8.91
CA GLY C 1008 -8.33 37.20 -10.15
C GLY C 1008 -7.60 36.66 -11.37
N GLN C 1009 -6.95 35.50 -11.24
CA GLN C 1009 -6.17 34.91 -12.34
C GLN C 1009 -6.98 33.81 -13.01
N LEU C 1010 -7.62 34.20 -14.12
CA LEU C 1010 -8.36 33.29 -14.99
C LEU C 1010 -8.32 33.88 -16.40
N ASN C 1011 -8.49 33.02 -17.40
CA ASN C 1011 -8.51 33.46 -18.81
C ASN C 1011 -9.91 33.99 -19.12
N VAL C 1012 -10.06 35.30 -19.05
CA VAL C 1012 -11.37 35.96 -19.13
C VAL C 1012 -12.09 35.70 -20.47
N PRO C 1013 -11.37 35.83 -21.62
CA PRO C 1013 -12.02 35.64 -22.92
C PRO C 1013 -12.48 34.23 -23.30
N ASP C 1014 -11.99 33.18 -22.65
CA ASP C 1014 -12.27 31.80 -23.14
C ASP C 1014 -13.70 31.34 -22.86
N GLN C 1015 -14.11 30.26 -23.53
CA GLN C 1015 -15.50 29.79 -23.51
C GLN C 1015 -15.97 29.36 -22.12
N PHE C 1016 -15.10 28.73 -21.35
CA PHE C 1016 -15.47 28.24 -20.02
C PHE C 1016 -15.79 29.39 -19.06
N THR C 1017 -14.91 30.39 -19.00
CA THR C 1017 -15.15 31.59 -18.18
C THR C 1017 -16.44 32.30 -18.60
N ARG C 1018 -16.62 32.45 -19.92
CA ARG C 1018 -17.84 33.05 -20.48
C ARG C 1018 -19.10 32.29 -20.06
N LEU C 1019 -19.04 30.96 -20.10
CA LEU C 1019 -20.18 30.12 -19.69
C LEU C 1019 -20.51 30.31 -18.21
N ILE C 1020 -19.49 30.29 -17.34
CA ILE C 1020 -19.69 30.42 -15.89
C ILE C 1020 -20.25 31.80 -15.55
N LEU C 1021 -19.70 32.84 -16.16
CA LEU C 1021 -20.22 34.21 -16.02
C LEU C 1021 -21.67 34.32 -16.48
N SER C 1022 -21.99 33.67 -17.60
CA SER C 1022 -23.35 33.68 -18.16
C SER C 1022 -24.38 33.00 -17.27
N LEU C 1023 -24.01 31.86 -16.68
CA LEU C 1023 -24.90 31.14 -15.76
C LEU C 1023 -25.19 31.94 -14.49
N LEU C 1024 -24.18 32.64 -13.98
CA LEU C 1024 -24.35 33.52 -12.83
C LEU C 1024 -25.17 34.77 -13.14
N ALA C 1025 -25.01 35.30 -14.36
CA ALA C 1025 -25.70 36.52 -14.79
C ALA C 1025 -27.18 36.26 -15.08
N THR C 1026 -27.46 35.23 -15.89
CA THR C 1026 -28.83 34.86 -16.25
C THR C 1026 -29.56 34.14 -15.11
N GLY C 1027 -28.82 33.37 -14.32
CA GLY C 1027 -29.38 32.61 -13.20
C GLY C 1027 -30.21 31.41 -13.57
N ILE C 1028 -30.00 30.87 -14.79
CA ILE C 1028 -30.72 29.67 -15.25
C ILE C 1028 -29.78 28.71 -15.97
N ALA C 1029 -30.01 27.41 -15.76
CA ALA C 1029 -29.17 26.34 -16.31
C ALA C 1029 -30.02 25.13 -16.70
N PRO C 1030 -29.58 24.35 -17.70
CA PRO C 1030 -30.35 23.18 -18.07
C PRO C 1030 -30.15 22.04 -17.08
N LYS C 1031 -31.10 21.12 -17.03
CA LYS C 1031 -30.96 19.86 -16.27
C LYS C 1031 -29.65 19.17 -16.65
N SER C 1032 -29.30 19.23 -17.93
CA SER C 1032 -28.01 18.73 -18.41
C SER C 1032 -27.57 19.45 -19.67
N PHE C 1033 -26.27 19.76 -19.73
CA PHE C 1033 -25.62 20.20 -20.97
C PHE C 1033 -25.39 19.04 -21.95
N TYR C 1034 -25.51 17.80 -21.46
CA TYR C 1034 -25.25 16.60 -22.26
C TYR C 1034 -26.55 15.90 -22.69
N GLN C 1035 -26.46 14.92 -23.60
CA GLN C 1035 -27.66 14.16 -24.06
C GLN C 1035 -28.19 13.35 -22.88
N LEU C 1036 -29.51 13.33 -22.76
CA LEU C 1036 -30.20 12.58 -21.72
C LEU C 1036 -30.33 11.13 -22.20
N ASP C 1037 -30.53 10.20 -21.28
CA ASP C 1037 -30.74 8.79 -21.64
C ASP C 1037 -32.19 8.54 -22.09
N ALA C 1038 -32.51 7.29 -22.45
CA ALA C 1038 -33.86 6.92 -22.91
C ALA C 1038 -35.00 7.30 -21.94
N THR C 1039 -34.74 7.22 -20.63
CA THR C 1039 -35.71 7.59 -19.60
C THR C 1039 -35.67 9.09 -19.18
N GLY C 1040 -35.01 9.94 -19.96
CA GLY C 1040 -34.92 11.38 -19.68
C GLY C 1040 -33.97 11.81 -18.56
N GLY C 1041 -33.13 10.89 -18.08
CA GLY C 1041 -32.22 11.15 -16.95
C GLY C 1041 -30.85 11.66 -17.35
N ARG C 1042 -30.13 12.17 -16.35
CA ARG C 1042 -28.79 12.76 -16.55
C ARG C 1042 -27.75 11.65 -16.67
N GLN C 1043 -26.89 11.74 -17.69
CA GLN C 1043 -25.84 10.74 -17.93
C GLN C 1043 -24.46 11.16 -17.40
N ARG C 1044 -23.58 10.17 -17.26
CA ARG C 1044 -22.21 10.38 -16.80
C ARG C 1044 -21.41 11.08 -17.91
N ALA C 1045 -20.73 12.18 -17.55
CA ALA C 1045 -19.95 12.99 -18.50
C ALA C 1045 -18.70 13.58 -17.85
N HIS C 1046 -17.73 13.95 -18.67
CA HIS C 1046 -16.45 14.47 -18.21
C HIS C 1046 -16.09 15.76 -18.96
N TYR C 1047 -15.68 16.79 -18.22
CA TYR C 1047 -15.15 18.00 -18.83
C TYR C 1047 -13.63 17.92 -18.91
N ASP C 1048 -13.10 18.03 -20.12
CA ASP C 1048 -11.67 18.03 -20.36
C ASP C 1048 -11.10 19.43 -20.08
N GLY C 1049 -10.45 19.59 -18.93
CA GLY C 1049 -9.75 20.82 -18.59
C GLY C 1049 -8.74 20.60 -17.48
N ILE C 1050 -7.65 21.38 -17.51
CA ILE C 1050 -6.60 21.32 -16.50
C ILE C 1050 -6.30 22.73 -15.99
N PRO C 1051 -6.13 22.92 -14.67
CA PRO C 1051 -5.79 24.26 -14.16
C PRO C 1051 -4.39 24.73 -14.60
N VAL C 1052 -4.23 26.03 -14.78
CA VAL C 1052 -2.98 26.62 -15.30
C VAL C 1052 -1.77 26.39 -14.39
N ASP C 1053 -1.98 26.34 -13.08
CA ASP C 1053 -0.87 26.16 -12.13
C ASP C 1053 -0.20 24.80 -12.27
N PHE C 1054 -1.00 23.76 -12.46
CA PHE C 1054 -0.47 22.42 -12.73
C PHE C 1054 0.16 22.36 -14.12
N THR C 1055 -0.54 22.89 -15.12
CA THR C 1055 -0.07 22.88 -16.50
C THR C 1055 1.32 23.53 -16.64
N ALA C 1056 1.49 24.68 -16.00
CA ALA C 1056 2.78 25.39 -16.01
C ALA C 1056 3.91 24.60 -15.37
N GLU C 1057 3.66 24.01 -14.20
CA GLU C 1057 4.65 23.14 -13.53
C GLU C 1057 5.01 21.89 -14.33
N ALA C 1058 3.99 21.24 -14.91
CA ALA C 1058 4.20 20.03 -15.71
C ALA C 1058 5.04 20.29 -16.96
N ILE C 1059 4.65 21.32 -17.72
CA ILE C 1059 5.34 21.71 -18.95
C ILE C 1059 6.79 22.10 -18.67
N THR C 1060 7.01 22.82 -17.56
CA THR C 1060 8.36 23.24 -17.17
C THR C 1060 9.22 22.06 -16.75
N THR C 1061 8.65 21.14 -15.96
CA THR C 1061 9.37 19.95 -15.49
C THR C 1061 9.76 19.03 -16.64
N LEU C 1062 8.81 18.74 -17.53
CA LEU C 1062 9.06 17.84 -18.67
C LEU C 1062 9.93 18.50 -19.75
N GLY C 1063 9.74 19.80 -19.97
CA GLY C 1063 10.58 20.55 -20.91
C GLY C 1063 12.04 20.65 -20.48
N LEU C 1064 12.27 20.78 -19.18
CA LEU C 1064 13.62 20.80 -18.61
C LEU C 1064 14.33 19.47 -18.80
N ALA C 1065 13.57 18.37 -18.75
CA ALA C 1065 14.09 17.02 -18.96
C ALA C 1065 14.29 16.62 -20.45
N GLY C 1066 13.91 17.49 -21.38
CA GLY C 1066 13.98 17.19 -22.81
C GLY C 1066 15.21 17.74 -23.53
N SER C 1067 16.39 17.30 -23.08
CA SER C 1067 17.66 17.68 -23.71
C SER C 1067 18.08 16.77 -24.88
N ASP C 1068 17.33 15.69 -25.14
CA ASP C 1068 17.58 14.78 -26.27
C ASP C 1068 16.28 14.33 -26.93
N GLY C 1069 16.31 14.14 -28.24
CA GLY C 1069 15.19 13.55 -28.97
C GLY C 1069 14.02 14.47 -29.20
N TYR C 1070 12.98 13.92 -29.83
CA TYR C 1070 11.74 14.63 -30.15
C TYR C 1070 10.58 13.84 -29.56
N HIS C 1071 9.79 14.48 -28.69
CA HIS C 1071 8.59 13.86 -28.11
C HIS C 1071 7.45 14.86 -28.02
N SER C 1072 6.21 14.36 -28.13
CA SER C 1072 5.00 15.16 -28.06
C SER C 1072 4.11 14.64 -26.93
N PHE C 1073 3.39 15.56 -26.30
CA PHE C 1073 2.49 15.26 -25.21
C PHE C 1073 1.15 15.92 -25.47
N ASP C 1074 0.06 15.20 -25.15
CA ASP C 1074 -1.28 15.74 -25.21
C ASP C 1074 -1.71 16.11 -23.79
N VAL C 1075 -1.72 17.41 -23.49
CA VAL C 1075 -1.98 17.93 -22.14
C VAL C 1075 -3.49 18.08 -21.97
N PHE C 1076 -4.16 16.94 -21.78
CA PHE C 1076 -5.61 16.90 -21.57
C PHE C 1076 -5.92 16.14 -20.31
N ASN C 1077 -7.14 16.34 -19.81
CA ASN C 1077 -7.64 15.68 -18.61
C ASN C 1077 -8.30 14.35 -19.04
N PRO C 1078 -7.64 13.20 -18.77
CA PRO C 1078 -8.11 11.91 -19.28
C PRO C 1078 -9.00 11.12 -18.31
N HIS C 1079 -9.27 11.65 -17.13
CA HIS C 1079 -9.92 10.86 -16.08
C HIS C 1079 -11.35 10.45 -16.44
N HIS C 1080 -11.67 9.18 -16.19
CA HIS C 1080 -13.04 8.69 -16.29
C HIS C 1080 -13.67 8.86 -14.91
N ASP C 1081 -13.87 10.12 -14.52
CA ASP C 1081 -14.33 10.47 -13.15
C ASP C 1081 -15.76 11.00 -13.05
N GLY C 1082 -16.45 11.16 -14.19
CA GLY C 1082 -17.82 11.67 -14.19
C GLY C 1082 -17.97 13.09 -13.68
N VAL C 1083 -16.91 13.89 -13.78
CA VAL C 1083 -16.94 15.29 -13.36
C VAL C 1083 -17.03 16.15 -14.62
N GLY C 1084 -18.20 16.72 -14.85
CA GLY C 1084 -18.45 17.54 -16.04
C GLY C 1084 -19.27 18.77 -15.69
N LEU C 1085 -19.83 19.39 -16.72
CA LEU C 1085 -20.50 20.69 -16.59
C LEU C 1085 -21.69 20.68 -15.63
N ASP C 1086 -22.40 19.56 -15.56
CA ASP C 1086 -23.57 19.43 -14.66
C ASP C 1086 -23.15 19.43 -13.19
N GLU C 1087 -22.01 18.81 -12.88
CA GLU C 1087 -21.45 18.83 -11.53
C GLU C 1087 -21.02 20.23 -11.13
N PHE C 1088 -20.46 20.99 -12.08
CA PHE C 1088 -20.02 22.36 -11.81
C PHE C 1088 -21.21 23.24 -11.43
N VAL C 1089 -22.34 23.06 -12.13
CA VAL C 1089 -23.57 23.77 -11.81
C VAL C 1089 -24.12 23.37 -10.44
N ASP C 1090 -24.08 22.08 -10.12
CA ASP C 1090 -24.46 21.60 -8.77
C ASP C 1090 -23.64 22.29 -7.68
N TRP C 1091 -22.34 22.41 -7.92
CA TRP C 1091 -21.41 23.02 -6.95
C TRP C 1091 -21.63 24.51 -6.76
N LEU C 1092 -21.95 25.23 -7.82
CA LEU C 1092 -22.32 26.65 -7.72
C LEU C 1092 -23.60 26.84 -6.89
N VAL C 1093 -24.58 25.97 -7.11
CA VAL C 1093 -25.84 25.99 -6.33
C VAL C 1093 -25.59 25.69 -4.85
N GLU C 1094 -24.78 24.66 -4.56
CA GLU C 1094 -24.37 24.34 -3.17
C GLU C 1094 -23.65 25.50 -2.49
N ALA C 1095 -22.86 26.26 -3.25
CA ALA C 1095 -22.14 27.43 -2.72
C ALA C 1095 -23.02 28.68 -2.53
N GLY C 1096 -24.28 28.63 -2.97
CA GLY C 1096 -25.28 29.65 -2.66
C GLY C 1096 -25.75 30.52 -3.81
N HIS C 1097 -25.15 30.34 -4.99
CA HIS C 1097 -25.49 31.17 -6.14
C HIS C 1097 -26.88 30.78 -6.66
N PRO C 1098 -27.77 31.77 -6.89
CA PRO C 1098 -29.13 31.47 -7.34
C PRO C 1098 -29.18 31.08 -8.82
N ILE C 1099 -29.18 29.76 -9.07
CA ILE C 1099 -29.27 29.21 -10.43
C ILE C 1099 -30.42 28.22 -10.44
N SER C 1100 -31.41 28.50 -11.28
CA SER C 1100 -32.60 27.64 -11.41
C SER C 1100 -32.34 26.58 -12.46
N ARG C 1101 -32.90 25.39 -12.22
CA ARG C 1101 -32.70 24.23 -13.09
C ARG C 1101 -33.91 24.03 -13.99
N VAL C 1102 -33.84 24.54 -15.22
CA VAL C 1102 -34.91 24.35 -16.22
C VAL C 1102 -34.75 22.97 -16.89
N ASP C 1103 -35.86 22.24 -16.94
CA ASP C 1103 -35.88 20.79 -17.22
C ASP C 1103 -35.64 20.46 -18.69
N ASP C 1104 -36.27 21.23 -19.58
CA ASP C 1104 -36.13 21.03 -21.04
C ASP C 1104 -34.95 21.82 -21.58
N TYR C 1105 -34.12 21.17 -22.41
CA TYR C 1105 -32.92 21.83 -22.96
C TYR C 1105 -33.24 22.89 -24.00
N ALA C 1106 -34.20 22.61 -24.88
CA ALA C 1106 -34.64 23.57 -25.91
C ALA C 1106 -35.26 24.82 -25.28
N GLU C 1107 -36.05 24.64 -24.21
CA GLU C 1107 -36.62 25.75 -23.46
C GLU C 1107 -35.54 26.57 -22.76
N TRP C 1108 -34.51 25.88 -22.23
CA TRP C 1108 -33.37 26.56 -21.61
C TRP C 1108 -32.71 27.49 -22.61
N LEU C 1109 -32.32 26.95 -23.76
CA LEU C 1109 -31.53 27.68 -24.76
C LEU C 1109 -32.17 29.00 -25.23
N SER C 1110 -33.49 28.97 -25.44
CA SER C 1110 -34.23 30.18 -25.84
C SER C 1110 -34.37 31.18 -24.71
N ARG C 1111 -34.74 30.70 -23.51
CA ARG C 1111 -34.77 31.54 -22.29
C ARG C 1111 -33.40 32.13 -21.91
N PHE C 1112 -32.35 31.34 -22.13
CA PHE C 1112 -30.95 31.72 -21.89
C PHE C 1112 -30.55 32.86 -22.82
N GLU C 1113 -30.90 32.73 -24.10
CA GLU C 1113 -30.58 33.76 -25.11
C GLU C 1113 -31.33 35.07 -24.87
N THR C 1114 -32.59 34.99 -24.48
CA THR C 1114 -33.39 36.18 -24.13
C THR C 1114 -32.80 36.91 -22.92
N SER C 1115 -32.50 36.16 -21.86
CA SER C 1115 -31.94 36.74 -20.63
C SER C 1115 -30.57 37.38 -20.87
N LEU C 1116 -29.74 36.73 -21.69
CA LEU C 1116 -28.43 37.27 -22.07
C LEU C 1116 -28.52 38.60 -22.79
N ARG C 1117 -29.44 38.70 -23.76
CA ARG C 1117 -29.67 39.93 -24.53
C ARG C 1117 -30.17 41.12 -23.66
N GLY C 1118 -30.86 40.81 -22.57
CA GLY C 1118 -31.35 41.82 -21.62
C GLY C 1118 -30.33 42.37 -20.63
N LEU C 1119 -29.13 41.79 -20.58
CA LEU C 1119 -28.06 42.28 -19.68
C LEU C 1119 -27.45 43.59 -20.19
N PRO C 1120 -26.81 44.38 -19.28
CA PRO C 1120 -26.04 45.56 -19.70
C PRO C 1120 -24.94 45.28 -20.73
N GLU C 1121 -24.56 46.30 -21.49
CA GLU C 1121 -23.56 46.18 -22.59
C GLU C 1121 -22.21 45.59 -22.15
N ALA C 1122 -21.73 46.03 -20.98
CA ALA C 1122 -20.48 45.53 -20.39
C ALA C 1122 -20.50 44.01 -20.20
N GLN C 1123 -21.58 43.50 -19.61
CA GLN C 1123 -21.71 42.07 -19.31
C GLN C 1123 -21.98 41.19 -20.54
N ARG C 1124 -22.74 41.70 -21.51
CA ARG C 1124 -23.06 40.95 -22.74
C ARG C 1124 -21.83 40.60 -23.57
N GLN C 1125 -20.85 41.50 -23.58
CA GLN C 1125 -19.61 41.31 -24.37
C GLN C 1125 -18.70 40.26 -23.69
N HIS C 1126 -18.73 40.21 -22.35
CA HIS C 1126 -18.04 39.18 -21.57
C HIS C 1126 -18.79 37.84 -21.45
N SER C 1127 -20.04 37.79 -21.92
CA SER C 1127 -20.88 36.59 -21.83
C SER C 1127 -20.55 35.60 -22.95
N VAL C 1128 -21.31 34.50 -22.98
CA VAL C 1128 -21.16 33.46 -23.99
C VAL C 1128 -22.02 33.71 -25.25
N LEU C 1129 -22.72 34.85 -25.31
CA LEU C 1129 -23.65 35.17 -26.40
C LEU C 1129 -23.05 35.11 -27.83
N PRO C 1130 -21.81 35.60 -28.03
CA PRO C 1130 -21.14 35.39 -29.33
C PRO C 1130 -20.92 33.93 -29.74
N LEU C 1131 -20.77 33.03 -28.77
CA LEU C 1131 -20.53 31.60 -29.03
C LEU C 1131 -21.78 30.72 -28.87
N LEU C 1132 -22.98 31.32 -28.96
CA LEU C 1132 -24.24 30.59 -28.74
C LEU C 1132 -24.51 29.42 -29.70
N HIS C 1133 -24.01 29.53 -30.93
CA HIS C 1133 -24.08 28.43 -31.92
C HIS C 1133 -23.57 27.08 -31.40
N ALA C 1134 -22.53 27.09 -30.56
CA ALA C 1134 -21.95 25.87 -29.97
C ALA C 1134 -22.90 25.12 -29.02
N PHE C 1135 -23.85 25.84 -28.40
CA PHE C 1135 -24.84 25.24 -27.49
C PHE C 1135 -26.17 24.87 -28.16
N ALA C 1136 -26.25 24.93 -29.50
CA ALA C 1136 -27.49 24.65 -30.25
C ALA C 1136 -28.10 23.30 -29.87
N GLN C 1137 -27.28 22.26 -29.93
CA GLN C 1137 -27.65 20.92 -29.46
C GLN C 1137 -26.88 20.59 -28.18
N PRO C 1138 -27.44 19.70 -27.33
CA PRO C 1138 -26.68 19.22 -26.16
C PRO C 1138 -25.53 18.31 -26.59
N ALA C 1139 -24.40 18.40 -25.89
CA ALA C 1139 -23.19 17.65 -26.26
C ALA C 1139 -23.35 16.16 -25.96
N PRO C 1140 -22.55 15.30 -26.63
CA PRO C 1140 -22.65 13.87 -26.31
C PRO C 1140 -22.01 13.55 -24.97
N ALA C 1141 -22.59 12.59 -24.25
CA ALA C 1141 -22.11 12.21 -22.91
C ALA C 1141 -20.90 11.28 -22.98
N ILE C 1142 -19.71 11.88 -23.07
CA ILE C 1142 -18.43 11.16 -23.07
C ILE C 1142 -17.76 11.30 -21.68
N ASP C 1143 -17.41 10.17 -21.08
CA ASP C 1143 -16.51 10.15 -19.91
C ASP C 1143 -15.09 9.95 -20.43
N GLY C 1144 -14.10 10.48 -19.71
CA GLY C 1144 -12.72 10.48 -20.16
C GLY C 1144 -12.50 11.39 -21.35
N SER C 1145 -11.37 11.18 -22.03
CA SER C 1145 -11.03 11.92 -23.26
C SER C 1145 -10.92 10.94 -24.42
N PRO C 1146 -11.42 11.34 -25.61
CA PRO C 1146 -11.26 10.48 -26.80
C PRO C 1146 -9.83 10.42 -27.35
N PHE C 1147 -8.99 11.42 -27.06
CA PHE C 1147 -7.61 11.46 -27.54
C PHE C 1147 -6.69 10.72 -26.59
N GLN C 1148 -5.57 10.20 -27.12
CA GLN C 1148 -4.57 9.49 -26.31
C GLN C 1148 -3.74 10.45 -25.48
N THR C 1149 -3.56 10.11 -24.20
CA THR C 1149 -2.79 10.92 -23.24
C THR C 1149 -1.65 10.19 -22.53
N LYS C 1150 -1.56 8.86 -22.63
CA LYS C 1150 -0.60 8.03 -21.87
C LYS C 1150 0.80 8.62 -21.68
N ASN C 1151 1.35 9.21 -22.72
CA ASN C 1151 2.69 9.78 -22.65
C ASN C 1151 2.76 10.95 -21.66
N PHE C 1152 1.78 11.85 -21.72
CA PHE C 1152 1.72 12.97 -20.77
C PHE C 1152 1.44 12.49 -19.35
N GLN C 1153 0.43 11.64 -19.19
CA GLN C 1153 0.03 11.19 -17.85
C GLN C 1153 1.11 10.40 -17.15
N SER C 1154 1.71 9.44 -17.86
CA SER C 1154 2.77 8.61 -17.29
C SER C 1154 4.05 9.40 -17.00
N SER C 1155 4.36 10.39 -17.84
CA SER C 1155 5.52 11.27 -17.61
C SER C 1155 5.32 12.15 -16.38
N VAL C 1156 4.10 12.68 -16.23
CA VAL C 1156 3.71 13.42 -15.03
C VAL C 1156 3.78 12.56 -13.76
N GLN C 1157 3.33 11.31 -13.86
CA GLN C 1157 3.39 10.37 -12.71
C GLN C 1157 4.82 10.03 -12.32
N GLU C 1158 5.65 9.74 -13.32
CA GLU C 1158 7.06 9.44 -13.09
C GLU C 1158 7.84 10.61 -12.49
N ALA C 1159 7.58 11.82 -13.00
CA ALA C 1159 8.22 13.04 -12.50
C ALA C 1159 7.68 13.50 -11.14
N LYS C 1160 6.52 12.99 -10.74
CA LYS C 1160 5.92 13.24 -9.43
C LYS C 1160 5.60 14.72 -9.24
N VAL C 1161 4.80 15.23 -10.18
CA VAL C 1161 4.43 16.64 -10.22
C VAL C 1161 3.30 16.91 -9.22
N GLY C 1162 3.47 17.98 -8.44
CA GLY C 1162 2.42 18.50 -7.58
C GLY C 1162 2.05 17.63 -6.39
N ALA C 1163 0.90 17.92 -5.79
CA ALA C 1163 0.38 17.14 -4.68
C ALA C 1163 -0.25 15.83 -5.15
N GLU C 1164 -0.58 15.76 -6.43
CA GLU C 1164 -1.34 14.64 -6.99
C GLU C 1164 -0.45 13.50 -7.51
N HIS C 1165 0.79 13.82 -7.92
CA HIS C 1165 1.68 12.90 -8.66
C HIS C 1165 0.93 12.32 -9.87
N ASP C 1166 0.14 13.17 -10.52
CA ASP C 1166 -0.84 12.78 -11.54
C ASP C 1166 -1.51 14.05 -12.05
N ILE C 1167 -2.21 13.94 -13.16
CA ILE C 1167 -3.08 15.00 -13.64
C ILE C 1167 -4.20 15.19 -12.60
N PRO C 1168 -4.45 16.43 -12.17
CA PRO C 1168 -5.48 16.62 -11.13
C PRO C 1168 -6.91 16.42 -11.65
N HIS C 1169 -7.82 16.19 -10.71
CA HIS C 1169 -9.26 16.22 -10.97
C HIS C 1169 -9.77 17.62 -10.71
N LEU C 1170 -10.71 18.08 -11.54
CA LEU C 1170 -11.38 19.36 -11.31
C LEU C 1170 -12.34 19.17 -10.14
N ASP C 1171 -12.36 20.14 -9.21
CA ASP C 1171 -13.07 20.02 -7.94
C ASP C 1171 -13.89 21.27 -7.63
N LYS C 1172 -14.69 21.17 -6.58
CA LYS C 1172 -15.57 22.26 -6.13
C LYS C 1172 -14.83 23.58 -5.83
N ALA C 1173 -13.66 23.48 -5.18
CA ALA C 1173 -12.87 24.67 -4.84
C ALA C 1173 -12.52 25.52 -6.07
N LEU C 1174 -12.19 24.87 -7.19
CA LEU C 1174 -11.87 25.58 -8.42
C LEU C 1174 -13.09 26.31 -9.00
N ILE C 1175 -14.24 25.65 -8.99
CA ILE C 1175 -15.47 26.23 -9.56
C ILE C 1175 -15.98 27.39 -8.71
N VAL C 1176 -15.95 27.23 -7.39
CA VAL C 1176 -16.31 28.31 -6.46
C VAL C 1176 -15.39 29.53 -6.66
N LYS C 1177 -14.10 29.27 -6.88
CA LYS C 1177 -13.12 30.33 -7.13
C LYS C 1177 -13.41 31.11 -8.43
N TYR C 1178 -13.93 30.44 -9.46
CA TYR C 1178 -14.37 31.14 -10.69
C TYR C 1178 -15.37 32.25 -10.39
N ALA C 1179 -16.37 31.94 -9.57
CA ALA C 1179 -17.40 32.92 -9.17
C ALA C 1179 -16.81 34.08 -8.39
N GLU C 1180 -15.90 33.80 -7.46
CA GLU C 1180 -15.20 34.85 -6.70
C GLU C 1180 -14.25 35.69 -7.56
N ASP C 1181 -13.57 35.06 -8.52
CA ASP C 1181 -12.71 35.77 -9.48
C ASP C 1181 -13.51 36.74 -10.34
N ILE C 1182 -14.67 36.29 -10.83
CA ILE C 1182 -15.54 37.09 -11.67
C ILE C 1182 -16.06 38.33 -10.91
N LYS C 1183 -16.42 38.16 -9.65
CA LYS C 1183 -16.81 39.29 -8.79
C LYS C 1183 -15.63 40.24 -8.53
N GLN C 1184 -14.48 39.69 -8.13
CA GLN C 1184 -13.28 40.47 -7.82
C GLN C 1184 -12.78 41.34 -8.98
N LEU C 1185 -12.88 40.83 -10.20
CA LEU C 1185 -12.53 41.57 -11.42
C LEU C 1185 -13.64 42.53 -11.90
N GLY C 1186 -14.85 42.42 -11.33
CA GLY C 1186 -15.93 43.39 -11.53
C GLY C 1186 -16.68 43.25 -12.84
N LEU C 1187 -17.07 42.03 -13.19
CA LEU C 1187 -17.73 41.73 -14.48
C LEU C 1187 -19.24 41.55 -14.36
N ARG D 668 29.27 -60.52 47.37
CA ARG D 668 28.35 -60.27 46.22
C ARG D 668 28.97 -59.36 45.17
N PRO D 669 29.10 -59.85 43.92
CA PRO D 669 29.58 -58.99 42.84
C PRO D 669 28.54 -57.94 42.43
N VAL D 670 29.02 -56.76 42.04
CA VAL D 670 28.17 -55.58 41.82
C VAL D 670 27.14 -55.81 40.72
N ILE D 671 27.57 -56.43 39.63
CA ILE D 671 26.67 -56.74 38.51
C ILE D 671 25.40 -57.50 38.94
N GLU D 672 25.51 -58.42 39.90
CA GLU D 672 24.34 -59.18 40.38
C GLU D 672 23.30 -58.29 41.06
N THR D 673 23.76 -57.40 41.94
CA THR D 673 22.88 -56.42 42.60
C THR D 673 22.17 -55.53 41.56
N VAL D 674 22.95 -55.09 40.56
CA VAL D 674 22.44 -54.27 39.44
C VAL D 674 21.33 -55.01 38.68
N GLN D 675 21.51 -56.30 38.40
CA GLN D 675 20.51 -57.09 37.67
C GLN D 675 19.24 -57.34 38.48
N ARG D 676 19.42 -57.74 39.74
CA ARG D 676 18.28 -58.03 40.62
C ARG D 676 17.43 -56.80 40.92
N ALA D 677 18.10 -55.66 41.15
CA ALA D 677 17.41 -54.39 41.36
C ALA D 677 16.55 -54.01 40.16
N ALA D 678 17.10 -54.18 38.97
CA ALA D 678 16.39 -53.90 37.71
C ALA D 678 15.19 -54.84 37.53
N ALA D 679 15.40 -56.13 37.79
CA ALA D 679 14.35 -57.15 37.75
C ALA D 679 13.21 -56.83 38.72
N ALA D 680 13.57 -56.42 39.94
CA ALA D 680 12.59 -56.05 40.95
C ALA D 680 11.77 -54.83 40.55
N LEU D 681 12.49 -53.79 40.12
CA LEU D 681 11.89 -52.51 39.73
C LEU D 681 10.95 -52.58 38.52
N LEU D 682 11.31 -53.38 37.52
CA LEU D 682 10.61 -53.39 36.23
C LEU D 682 9.69 -54.59 35.98
N GLY D 683 9.79 -55.63 36.80
CA GLY D 683 8.94 -56.81 36.66
C GLY D 683 9.39 -57.81 35.59
N ALA D 684 10.69 -57.83 35.29
CA ALA D 684 11.30 -58.65 34.25
C ALA D 684 10.40 -58.97 33.06
N VAL D 689 16.56 -60.49 32.48
CA VAL D 689 17.54 -59.41 32.51
C VAL D 689 18.68 -59.60 31.53
N ASP D 690 19.78 -60.25 31.90
CA ASP D 690 21.00 -60.39 31.10
C ASP D 690 21.84 -59.09 31.24
N PRO D 691 23.13 -59.21 31.62
CA PRO D 691 24.00 -58.02 31.78
C PRO D 691 24.23 -57.14 30.54
N GLU D 692 24.06 -57.70 29.34
CA GLU D 692 24.14 -56.95 28.09
C GLU D 692 22.85 -56.19 27.70
N ALA D 693 21.76 -56.38 28.46
CA ALA D 693 20.51 -55.66 28.20
C ALA D 693 20.56 -54.19 28.66
N HIS D 694 19.72 -53.36 28.05
CA HIS D 694 19.63 -51.93 28.34
C HIS D 694 18.39 -51.66 29.18
N PHE D 695 18.50 -50.68 30.08
CA PHE D 695 17.43 -50.34 31.02
C PHE D 695 16.11 -50.03 30.32
N SER D 696 16.17 -49.27 29.23
CA SER D 696 14.99 -48.91 28.43
C SER D 696 14.33 -50.10 27.72
N ASP D 697 15.13 -51.04 27.23
CA ASP D 697 14.61 -52.27 26.59
C ASP D 697 13.79 -53.15 27.54
N LEU D 698 14.08 -53.08 28.84
CA LEU D 698 13.36 -53.83 29.87
C LEU D 698 12.05 -53.16 30.35
N GLY D 699 11.69 -52.02 29.77
CA GLY D 699 10.50 -51.26 30.18
C GLY D 699 10.80 -49.99 30.97
N GLY D 700 12.09 -49.67 31.12
CA GLY D 700 12.51 -48.51 31.91
C GLY D 700 12.29 -47.19 31.20
N ASP D 701 12.20 -46.14 32.00
CA ASP D 701 12.11 -44.76 31.52
C ASP D 701 12.76 -43.83 32.55
N SER D 702 12.74 -42.52 32.31
CA SER D 702 13.40 -41.56 33.22
C SER D 702 12.79 -41.46 34.63
N LEU D 703 11.54 -41.89 34.80
CA LEU D 703 10.90 -41.95 36.12
C LEU D 703 11.45 -43.10 36.95
N SER D 704 11.40 -44.31 36.39
CA SER D 704 11.94 -45.50 37.06
C SER D 704 13.47 -45.45 37.15
N ALA D 705 14.14 -44.76 36.22
CA ALA D 705 15.59 -44.56 36.28
C ALA D 705 16.05 -43.79 37.53
N LEU D 706 15.21 -42.86 38.01
CA LEU D 706 15.51 -42.11 39.24
C LEU D 706 15.40 -43.00 40.49
N THR D 707 14.32 -43.80 40.56
CA THR D 707 14.14 -44.79 41.61
C THR D 707 15.33 -45.73 41.68
N TYR D 708 15.72 -46.25 40.51
CA TYR D 708 16.88 -47.11 40.33
C TYR D 708 18.18 -46.42 40.80
N SER D 709 18.36 -45.18 40.37
CA SER D 709 19.54 -44.37 40.73
C SER D 709 19.68 -44.18 42.25
N ASN D 710 18.58 -43.80 42.90
CA ASN D 710 18.57 -43.60 44.36
C ASN D 710 18.77 -44.90 45.14
N PHE D 711 18.24 -46.00 44.62
CA PHE D 711 18.39 -47.33 45.23
C PHE D 711 19.85 -47.77 45.23
N LEU D 712 20.50 -47.68 44.07
CA LEU D 712 21.92 -48.02 43.93
C LEU D 712 22.83 -47.04 44.65
N HIS D 713 22.42 -45.77 44.72
CA HIS D 713 23.14 -44.74 45.47
C HIS D 713 23.23 -45.11 46.96
N GLU D 714 22.10 -45.52 47.54
CA GLU D 714 22.03 -45.89 48.96
C GLU D 714 22.84 -47.15 49.28
N ILE D 715 22.78 -48.13 48.39
CA ILE D 715 23.49 -49.40 48.58
C ILE D 715 25.00 -49.25 48.52
N PHE D 716 25.50 -48.61 47.46
CA PHE D 716 26.94 -48.54 47.19
C PHE D 716 27.63 -47.23 47.60
N GLN D 717 26.87 -46.25 48.07
CA GLN D 717 27.39 -44.95 48.55
C GLN D 717 28.23 -44.17 47.50
N VAL D 718 27.84 -44.29 46.23
CA VAL D 718 28.43 -43.48 45.14
C VAL D 718 27.30 -42.99 44.23
N GLU D 719 27.54 -41.87 43.54
CA GLU D 719 26.53 -41.32 42.65
C GLU D 719 26.39 -42.20 41.41
N VAL D 720 25.14 -42.50 41.07
CA VAL D 720 24.80 -43.29 39.89
C VAL D 720 23.80 -42.44 39.10
N PRO D 721 24.30 -41.48 38.30
CA PRO D 721 23.39 -40.54 37.63
C PRO D 721 22.38 -41.24 36.70
N VAL D 722 21.19 -40.66 36.60
CA VAL D 722 20.17 -41.12 35.67
C VAL D 722 20.71 -41.16 34.23
N SER D 723 21.53 -40.18 33.88
CA SER D 723 22.20 -40.09 32.57
C SER D 723 22.99 -41.37 32.19
N VAL D 724 23.64 -42.00 33.18
CA VAL D 724 24.37 -43.26 32.97
C VAL D 724 23.43 -44.44 32.71
N ILE D 725 22.30 -44.47 33.42
CA ILE D 725 21.33 -45.56 33.30
C ILE D 725 20.60 -45.55 31.96
N VAL D 726 20.17 -44.37 31.51
CA VAL D 726 19.31 -44.22 30.33
C VAL D 726 20.03 -44.08 28.99
N SER D 727 21.33 -43.75 29.01
CA SER D 727 22.10 -43.57 27.77
C SER D 727 22.06 -44.82 26.90
N ALA D 728 21.90 -44.60 25.59
CA ALA D 728 21.87 -45.68 24.62
C ALA D 728 23.21 -46.44 24.49
N ALA D 729 24.31 -45.79 24.87
CA ALA D 729 25.63 -46.43 24.89
C ALA D 729 25.82 -47.45 26.02
N ASN D 730 25.02 -47.35 27.08
CA ASN D 730 25.22 -48.12 28.30
C ASN D 730 24.21 -49.25 28.48
N ASN D 731 24.72 -50.41 28.90
CA ASN D 731 23.90 -51.55 29.30
C ASN D 731 24.09 -51.72 30.82
N LEU D 732 23.48 -52.76 31.40
CA LEU D 732 23.58 -52.97 32.85
C LEU D 732 25.02 -53.21 33.31
N ARG D 733 25.84 -53.82 32.45
CA ARG D 733 27.28 -53.99 32.69
C ARG D 733 27.99 -52.64 32.88
N SER D 734 27.64 -51.67 32.03
CA SER D 734 28.19 -50.30 32.15
C SER D 734 27.81 -49.61 33.46
N VAL D 735 26.59 -49.88 33.95
CA VAL D 735 26.13 -49.34 35.23
C VAL D 735 26.97 -49.92 36.36
N ALA D 736 27.18 -51.25 36.32
CA ALA D 736 28.04 -51.94 37.28
C ALA D 736 29.48 -51.43 37.24
N ALA D 737 30.03 -51.31 36.03
CA ALA D 737 31.38 -50.77 35.81
C ALA D 737 31.55 -49.35 36.36
N HIS D 738 30.54 -48.50 36.16
CA HIS D 738 30.55 -47.13 36.68
C HIS D 738 30.59 -47.08 38.21
N ILE D 739 29.81 -47.96 38.86
CA ILE D 739 29.78 -48.04 40.32
C ILE D 739 31.16 -48.42 40.87
N GLU D 740 31.77 -49.46 40.30
CA GLU D 740 33.08 -49.95 40.76
C GLU D 740 34.22 -48.97 40.52
N LYS D 741 34.20 -48.28 39.38
CA LYS D 741 35.14 -47.19 39.10
C LYS D 741 35.04 -46.08 40.15
N GLU D 742 33.80 -45.73 40.50
CA GLU D 742 33.56 -44.64 41.48
C GLU D 742 34.02 -44.98 42.89
N ARG D 743 33.97 -46.26 43.27
CA ARG D 743 34.40 -46.70 44.61
C ARG D 743 35.91 -46.66 44.80
N SER D 744 36.66 -47.18 43.82
CA SER D 744 38.12 -47.26 43.90
C SER D 744 38.78 -45.91 43.64
N SER D 747 37.29 -40.51 38.85
CA SER D 747 36.40 -39.42 38.44
C SER D 747 36.74 -38.05 39.04
N ASP D 748 37.40 -37.22 38.25
CA ASP D 748 37.58 -35.78 38.54
C ASP D 748 38.12 -35.00 37.34
N ARG D 749 37.31 -34.36 36.49
CA ARG D 749 35.83 -34.40 36.36
C ARG D 749 35.05 -33.48 37.35
N PRO D 750 34.59 -32.29 36.89
CA PRO D 750 33.83 -31.37 37.74
C PRO D 750 32.53 -31.99 38.24
N THR D 751 32.13 -31.67 39.47
CA THR D 751 30.91 -32.22 40.08
C THR D 751 30.18 -31.10 40.83
N PHE D 752 28.96 -31.41 41.26
CA PHE D 752 28.14 -30.52 42.08
C PHE D 752 28.84 -30.04 43.34
N ALA D 753 29.59 -30.95 43.98
CA ALA D 753 30.34 -30.64 45.21
C ALA D 753 31.51 -29.68 44.98
N SER D 754 32.32 -29.94 43.96
CA SER D 754 33.51 -29.12 43.69
C SER D 754 33.21 -27.70 43.17
N VAL D 755 32.02 -27.51 42.59
CA VAL D 755 31.62 -26.21 42.03
C VAL D 755 30.76 -25.43 43.03
N HIS D 756 29.73 -26.06 43.58
CA HIS D 756 28.75 -25.39 44.45
C HIS D 756 28.89 -25.70 45.95
N GLY D 757 29.86 -26.55 46.33
CA GLY D 757 30.00 -27.00 47.71
C GLY D 757 29.07 -28.17 48.01
N ALA D 758 29.60 -29.20 48.68
CA ALA D 758 28.87 -30.44 48.95
C ALA D 758 27.63 -30.20 49.82
N GLY D 759 26.50 -30.78 49.40
CA GLY D 759 25.23 -30.65 50.11
C GLY D 759 24.64 -29.25 50.18
N ALA D 760 25.07 -28.34 49.29
CA ALA D 760 24.62 -26.95 49.32
C ALA D 760 23.15 -26.85 48.89
N THR D 761 22.42 -25.92 49.52
CA THR D 761 20.98 -25.72 49.27
C THR D 761 20.68 -24.51 48.36
N THR D 762 21.70 -23.69 48.08
CA THR D 762 21.59 -22.61 47.09
C THR D 762 22.82 -22.60 46.20
N ILE D 763 22.73 -21.88 45.08
CA ILE D 763 23.81 -21.77 44.10
C ILE D 763 23.95 -20.31 43.68
N ARG D 764 25.18 -19.94 43.28
CA ARG D 764 25.50 -18.55 42.92
C ARG D 764 26.23 -18.48 41.59
N ALA D 765 26.00 -17.39 40.84
CA ALA D 765 26.67 -17.15 39.57
C ALA D 765 28.19 -17.06 39.72
N SER D 766 28.64 -16.53 40.85
CA SER D 766 30.07 -16.42 41.18
C SER D 766 30.77 -17.79 41.37
N ASP D 767 30.00 -18.83 41.72
CA ASP D 767 30.51 -20.21 41.76
C ASP D 767 30.97 -20.69 40.37
N LEU D 768 30.22 -20.33 39.35
CA LEU D 768 30.40 -20.87 37.99
C LEU D 768 31.46 -20.11 37.23
N LYS D 769 32.72 -20.38 37.56
CA LYS D 769 33.87 -19.84 36.83
C LYS D 769 34.47 -20.94 35.98
N LEU D 770 35.09 -20.54 34.85
CA LEU D 770 35.68 -21.50 33.92
C LEU D 770 36.90 -22.26 34.48
N GLU D 771 37.54 -21.70 35.52
CA GLU D 771 38.65 -22.36 36.21
C GLU D 771 38.24 -23.69 36.85
N LYS D 772 36.97 -23.78 37.28
CA LYS D 772 36.45 -25.01 37.89
C LYS D 772 36.06 -26.13 36.91
N PHE D 773 35.94 -25.80 35.61
CA PHE D 773 35.58 -26.78 34.56
C PHE D 773 36.70 -27.07 33.56
N LEU D 774 37.41 -26.02 33.14
CA LEU D 774 38.44 -26.12 32.09
C LEU D 774 39.85 -26.02 32.70
N ASP D 775 40.83 -26.61 32.02
CA ASP D 775 42.23 -26.53 32.46
C ASP D 775 42.84 -25.15 32.21
N ALA D 776 43.91 -24.85 32.95
CA ALA D 776 44.54 -23.53 32.95
C ALA D 776 45.26 -23.17 31.65
N GLN D 777 45.74 -24.17 30.92
CA GLN D 777 46.42 -23.95 29.63
C GLN D 777 45.49 -23.43 28.52
N THR D 778 44.28 -24.00 28.45
CA THR D 778 43.26 -23.55 27.51
C THR D 778 42.85 -22.11 27.81
N LEU D 779 42.56 -21.85 29.08
CA LEU D 779 42.13 -20.51 29.53
C LEU D 779 43.21 -19.44 29.34
N ALA D 780 44.47 -19.80 29.61
CA ALA D 780 45.59 -18.88 29.42
C ALA D 780 45.79 -18.49 27.95
N ALA D 781 45.70 -19.48 27.06
CA ALA D 781 45.86 -19.24 25.61
C ALA D 781 44.62 -18.66 24.92
N ALA D 782 43.47 -18.65 25.61
CA ALA D 782 42.18 -18.30 24.99
C ALA D 782 42.02 -16.85 24.47
N PRO D 783 42.35 -15.83 25.29
CA PRO D 783 42.21 -14.43 24.87
C PRO D 783 42.89 -14.06 23.56
N SER D 784 44.07 -14.65 23.30
CA SER D 784 44.86 -14.34 22.10
C SER D 784 44.60 -15.26 20.88
N LEU D 785 43.57 -16.11 20.95
CA LEU D 785 43.25 -17.05 19.85
C LEU D 785 42.80 -16.29 18.57
N PRO D 786 42.95 -16.91 17.39
CA PRO D 786 42.42 -16.31 16.16
C PRO D 786 40.89 -16.15 16.17
N ARG D 787 40.40 -15.10 15.51
CA ARG D 787 38.98 -14.76 15.49
C ARG D 787 38.18 -15.74 14.59
N PRO D 788 36.83 -15.75 14.72
CA PRO D 788 35.98 -16.62 13.91
C PRO D 788 36.23 -16.53 12.39
N ALA D 789 36.10 -17.66 11.71
CA ALA D 789 36.24 -17.70 10.25
C ALA D 789 35.12 -16.89 9.59
N SER D 790 35.49 -16.14 8.56
CA SER D 790 34.54 -15.30 7.82
C SER D 790 33.41 -16.10 7.15
N GLU D 791 33.76 -17.29 6.65
CA GLU D 791 32.80 -18.18 6.01
C GLU D 791 32.64 -19.48 6.79
N VAL D 792 31.39 -19.80 7.16
CA VAL D 792 31.05 -21.02 7.87
C VAL D 792 30.85 -22.13 6.86
N ARG D 793 31.76 -23.10 6.84
CA ARG D 793 31.67 -24.30 5.98
C ARG D 793 31.43 -25.61 6.77
N THR D 794 31.86 -25.66 8.02
CA THR D 794 31.70 -26.83 8.88
C THR D 794 31.03 -26.47 10.19
N VAL D 795 29.96 -27.20 10.55
CA VAL D 795 29.21 -26.96 11.77
C VAL D 795 29.17 -28.22 12.64
N LEU D 796 29.41 -28.07 13.94
CA LEU D 796 29.20 -29.13 14.91
C LEU D 796 27.85 -28.89 15.56
N LEU D 797 27.00 -29.92 15.56
CA LEU D 797 25.66 -29.83 16.13
C LEU D 797 25.49 -30.90 17.20
N THR D 798 24.97 -30.49 18.35
CA THR D 798 24.63 -31.36 19.45
C THR D 798 23.11 -31.50 19.53
N GLY D 799 22.64 -32.61 20.09
CA GLY D 799 21.21 -32.88 20.23
C GLY D 799 20.44 -33.15 18.93
N SER D 800 21.13 -33.59 17.88
CA SER D 800 20.53 -33.75 16.54
C SER D 800 19.41 -34.78 16.43
N ASN D 801 19.39 -35.79 17.29
CA ASN D 801 18.27 -36.75 17.33
C ASN D 801 17.11 -36.29 18.22
N GLY D 802 17.26 -35.14 18.89
CA GLY D 802 16.16 -34.53 19.63
C GLY D 802 15.09 -33.92 18.74
N TRP D 803 14.10 -33.29 19.36
CA TRP D 803 12.96 -32.73 18.65
C TRP D 803 13.36 -31.52 17.81
N LEU D 804 13.94 -30.51 18.45
CA LEU D 804 14.41 -29.31 17.73
C LEU D 804 15.66 -29.60 16.91
N GLY D 805 16.62 -30.31 17.50
CA GLY D 805 17.92 -30.58 16.87
C GLY D 805 17.91 -31.24 15.50
N ARG D 806 16.95 -32.13 15.25
CA ARG D 806 16.83 -32.79 13.94
C ARG D 806 16.56 -31.79 12.81
N PHE D 807 15.77 -30.76 13.11
CA PHE D 807 15.45 -29.73 12.12
C PHE D 807 16.50 -28.61 12.07
N LEU D 808 17.26 -28.43 13.15
CA LEU D 808 18.49 -27.63 13.05
C LEU D 808 19.49 -28.34 12.14
N ALA D 809 19.64 -29.66 12.29
CA ALA D 809 20.52 -30.47 11.43
C ALA D 809 20.15 -30.36 9.96
N LEU D 810 18.86 -30.50 9.69
CA LEU D 810 18.33 -30.43 8.34
C LEU D 810 18.54 -29.04 7.72
N ALA D 811 18.30 -28.00 8.50
CA ALA D 811 18.51 -26.61 8.05
C ALA D 811 19.97 -26.33 7.68
N TRP D 812 20.91 -26.84 8.48
CA TRP D 812 22.34 -26.68 8.19
C TRP D 812 22.79 -27.50 6.98
N LEU D 813 22.27 -28.72 6.84
CA LEU D 813 22.57 -29.56 5.67
C LEU D 813 22.09 -28.90 4.36
N GLU D 814 20.88 -28.34 4.38
CA GLU D 814 20.33 -27.62 3.23
C GLU D 814 21.20 -26.44 2.79
N ARG D 815 21.79 -25.72 3.75
CA ARG D 815 22.68 -24.60 3.47
C ARG D 815 24.09 -25.03 3.03
N LEU D 816 24.69 -25.99 3.76
CA LEU D 816 26.11 -26.32 3.58
C LEU D 816 26.44 -27.35 2.48
N VAL D 817 25.56 -28.32 2.23
CA VAL D 817 25.81 -29.35 1.21
C VAL D 817 26.03 -28.77 -0.21
N PRO D 818 25.19 -27.80 -0.63
CA PRO D 818 25.43 -27.08 -1.90
C PRO D 818 26.76 -26.32 -2.06
N GLN D 819 27.42 -25.94 -0.96
CA GLN D 819 28.73 -25.23 -1.02
C GLN D 819 29.86 -26.22 -0.62
N GLY D 820 29.59 -27.54 -0.69
CA GLY D 820 30.57 -28.56 -0.31
C GLY D 820 30.99 -28.58 1.16
N GLY D 821 30.10 -28.08 2.03
CA GLY D 821 30.36 -28.01 3.47
C GLY D 821 29.95 -29.29 4.18
N LYS D 822 30.10 -29.29 5.50
CA LYS D 822 29.89 -30.49 6.32
C LYS D 822 29.16 -30.16 7.63
N VAL D 823 28.25 -31.03 8.04
CA VAL D 823 27.63 -30.97 9.36
C VAL D 823 28.14 -32.17 10.17
N VAL D 824 28.86 -31.90 11.24
CA VAL D 824 29.28 -32.93 12.18
C VAL D 824 28.26 -32.99 13.32
N VAL D 825 27.99 -34.21 13.77
CA VAL D 825 26.92 -34.46 14.73
C VAL D 825 27.41 -35.47 15.78
N ILE D 826 27.15 -35.17 17.05
CA ILE D 826 27.49 -36.05 18.18
C ILE D 826 26.20 -36.62 18.76
N VAL D 827 26.09 -37.96 18.74
CA VAL D 827 24.90 -38.68 19.19
C VAL D 827 25.35 -39.79 20.13
N ARG D 828 24.53 -40.09 21.15
CA ARG D 828 24.86 -41.14 22.09
C ARG D 828 24.56 -42.51 21.50
N GLY D 829 25.51 -43.44 21.68
CA GLY D 829 25.39 -44.81 21.17
C GLY D 829 26.65 -45.62 21.42
N LYS D 830 26.51 -46.94 21.37
CA LYS D 830 27.63 -47.90 21.55
C LYS D 830 28.84 -47.60 20.67
N ASP D 831 28.58 -47.35 19.40
CA ASP D 831 29.61 -46.99 18.42
C ASP D 831 29.02 -46.08 17.36
N ASP D 832 29.86 -45.62 16.42
CA ASP D 832 29.43 -44.68 15.37
C ASP D 832 28.25 -45.21 14.54
N LYS D 833 28.29 -46.51 14.21
CA LYS D 833 27.19 -47.22 13.49
C LYS D 833 25.84 -47.10 14.21
N ALA D 834 25.83 -47.46 15.49
CA ALA D 834 24.58 -47.43 16.28
C ALA D 834 24.08 -46.00 16.50
N ALA D 835 25.00 -45.06 16.68
CA ALA D 835 24.66 -43.64 16.80
C ALA D 835 23.94 -43.12 15.56
N LYS D 836 24.49 -43.44 14.38
CA LYS D 836 23.87 -43.05 13.10
C LYS D 836 22.50 -43.68 12.89
N ALA D 837 22.32 -44.92 13.32
CA ALA D 837 21.02 -45.60 13.26
C ALA D 837 19.96 -44.93 14.14
N ARG D 838 20.36 -44.46 15.32
CA ARG D 838 19.46 -43.69 16.19
C ARG D 838 19.00 -42.38 15.58
N LEU D 839 19.92 -41.66 14.94
CA LEU D 839 19.58 -40.41 14.24
C LEU D 839 18.70 -40.67 13.01
N ASP D 840 19.07 -41.67 12.21
CA ASP D 840 18.27 -42.04 11.02
C ASP D 840 16.80 -42.29 11.36
N SER D 841 16.54 -43.00 12.46
CA SER D 841 15.18 -43.43 12.81
C SER D 841 14.20 -42.30 13.16
N VAL D 842 14.68 -41.15 13.64
CA VAL D 842 13.76 -40.03 13.95
C VAL D 842 13.18 -39.36 12.71
N PHE D 843 13.84 -39.53 11.56
CA PHE D 843 13.31 -39.09 10.26
C PHE D 843 12.36 -40.10 9.58
N GLU D 844 12.23 -41.31 10.14
CA GLU D 844 11.19 -42.28 9.72
C GLU D 844 9.93 -42.02 10.54
N SER D 845 9.01 -41.24 9.99
CA SER D 845 7.73 -40.97 10.65
C SER D 845 6.53 -41.23 9.74
N GLY D 846 6.73 -42.02 8.68
CA GLY D 846 5.71 -42.26 7.67
C GLY D 846 5.62 -41.21 6.57
N ASP D 847 6.64 -40.36 6.44
CA ASP D 847 6.72 -39.34 5.38
C ASP D 847 7.84 -39.74 4.41
N PRO D 848 7.48 -40.28 3.22
CA PRO D 848 8.50 -40.67 2.24
C PRO D 848 9.40 -39.53 1.76
N ALA D 849 8.83 -38.36 1.56
CA ALA D 849 9.58 -37.19 1.08
C ALA D 849 10.67 -36.74 2.07
N LEU D 850 10.34 -36.74 3.36
CA LEU D 850 11.31 -36.39 4.41
C LEU D 850 12.48 -37.36 4.45
N LEU D 851 12.17 -38.66 4.43
CA LEU D 851 13.19 -39.72 4.47
C LEU D 851 14.15 -39.62 3.28
N ALA D 852 13.61 -39.42 2.09
CA ALA D 852 14.43 -39.26 0.88
C ALA D 852 15.27 -37.99 0.92
N HIS D 853 14.68 -36.90 1.42
CA HIS D 853 15.37 -35.61 1.57
C HIS D 853 16.53 -35.73 2.56
N TYR D 854 16.27 -36.33 3.72
CA TYR D 854 17.30 -36.55 4.73
C TYR D 854 18.45 -37.43 4.22
N GLU D 855 18.12 -38.57 3.62
CA GLU D 855 19.14 -39.52 3.13
C GLU D 855 20.00 -38.95 2.00
N ASP D 856 19.39 -38.18 1.10
CA ASP D 856 20.12 -37.46 0.05
C ASP D 856 21.19 -36.53 0.66
N LEU D 857 20.78 -35.68 1.59
CA LEU D 857 21.68 -34.71 2.22
C LEU D 857 22.69 -35.36 3.17
N ALA D 858 22.26 -36.39 3.90
CA ALA D 858 23.13 -37.10 4.85
C ALA D 858 24.32 -37.79 4.19
N ASP D 859 24.09 -38.47 3.06
CA ASP D 859 25.18 -39.07 2.27
C ASP D 859 26.23 -38.05 1.84
N LYS D 860 25.78 -36.87 1.43
CA LYS D 860 26.68 -35.84 0.89
C LYS D 860 27.41 -35.00 1.95
N GLY D 861 26.83 -34.80 3.12
CA GLY D 861 27.42 -33.86 4.11
C GLY D 861 27.31 -34.11 5.59
N LEU D 862 26.80 -35.27 6.02
CA LEU D 862 26.62 -35.58 7.44
C LEU D 862 27.66 -36.56 7.94
N GLU D 863 28.39 -36.17 8.98
CA GLU D 863 29.31 -37.05 9.70
C GLU D 863 28.76 -37.28 11.10
N VAL D 864 28.46 -38.53 11.44
CA VAL D 864 27.94 -38.90 12.75
C VAL D 864 29.03 -39.55 13.59
N LEU D 865 29.26 -39.00 14.78
CA LEU D 865 30.21 -39.53 15.73
C LEU D 865 29.45 -39.93 17.00
N ALA D 866 29.77 -41.10 17.53
CA ALA D 866 29.25 -41.52 18.84
C ALA D 866 29.99 -40.72 19.89
N GLY D 867 29.27 -40.28 20.92
CA GLY D 867 29.86 -39.44 21.95
C GLY D 867 28.91 -39.10 23.07
N ASP D 868 29.38 -38.25 23.97
CA ASP D 868 28.63 -37.83 25.15
C ASP D 868 29.27 -36.55 25.68
N PHE D 869 28.55 -35.43 25.61
CA PHE D 869 29.15 -34.13 25.94
C PHE D 869 29.41 -33.90 27.44
N SER D 870 28.79 -34.70 28.31
CA SER D 870 29.11 -34.66 29.74
C SER D 870 30.52 -35.21 30.06
N ASP D 871 31.01 -36.14 29.23
CA ASP D 871 32.37 -36.72 29.40
C ASP D 871 33.45 -35.83 28.80
N ALA D 872 34.69 -36.13 29.17
CA ALA D 872 35.87 -35.39 28.69
C ALA D 872 36.07 -35.60 27.19
N ASP D 873 36.54 -34.56 26.50
CA ASP D 873 36.67 -34.55 25.04
C ASP D 873 35.36 -34.89 24.31
N LEU D 874 34.23 -34.50 24.90
CA LEU D 874 32.89 -34.77 24.38
C LEU D 874 32.60 -36.27 24.13
N GLY D 875 33.28 -37.13 24.91
CA GLY D 875 33.17 -38.58 24.75
C GLY D 875 33.69 -39.15 23.43
N LEU D 876 34.54 -38.38 22.75
CA LEU D 876 35.07 -38.76 21.43
C LEU D 876 36.46 -39.36 21.57
N ARG D 877 36.96 -39.90 20.45
CA ARG D 877 38.37 -40.26 20.32
C ARG D 877 39.18 -38.97 20.28
N LYS D 878 40.33 -38.97 20.94
CA LYS D 878 41.19 -37.77 21.03
C LYS D 878 41.57 -37.20 19.66
N ALA D 879 41.80 -38.07 18.68
CA ALA D 879 42.10 -37.64 17.30
C ALA D 879 40.93 -36.91 16.64
N ASP D 880 39.71 -37.35 16.91
CA ASP D 880 38.52 -36.68 16.41
C ASP D 880 38.29 -35.32 17.08
N TRP D 881 38.43 -35.26 18.41
CA TRP D 881 38.30 -33.99 19.14
C TRP D 881 39.31 -32.95 18.64
N ASP D 882 40.57 -33.36 18.48
CA ASP D 882 41.63 -32.49 17.94
C ASP D 882 41.32 -32.03 16.53
N ARG D 883 40.78 -32.91 15.69
CA ARG D 883 40.39 -32.56 14.32
C ARG D 883 39.27 -31.52 14.31
N LEU D 884 38.25 -31.69 15.16
CA LEU D 884 37.13 -30.76 15.24
C LEU D 884 37.54 -29.38 15.76
N ALA D 885 38.50 -29.35 16.68
CA ALA D 885 39.09 -28.09 17.17
C ALA D 885 39.73 -27.25 16.04
N ASP D 886 40.27 -27.94 15.03
CA ASP D 886 40.83 -27.30 13.84
C ASP D 886 39.78 -27.00 12.76
N GLU D 887 38.82 -27.92 12.58
CA GLU D 887 37.95 -27.96 11.39
C GLU D 887 36.60 -27.22 11.54
N VAL D 888 36.03 -27.25 12.74
CA VAL D 888 34.69 -26.70 13.00
C VAL D 888 34.71 -25.17 13.02
N ASP D 889 33.81 -24.55 12.26
CA ASP D 889 33.68 -23.08 12.20
C ASP D 889 32.67 -22.53 13.21
N LEU D 890 31.61 -23.31 13.51
CA LEU D 890 30.51 -22.87 14.38
C LEU D 890 29.92 -24.06 15.13
N ILE D 891 29.49 -23.83 16.37
CA ILE D 891 28.91 -24.89 17.21
C ILE D 891 27.49 -24.54 17.62
N VAL D 892 26.56 -25.46 17.37
CA VAL D 892 25.17 -25.32 17.77
C VAL D 892 24.93 -26.32 18.89
N HIS D 893 24.75 -25.82 20.10
CA HIS D 893 24.53 -26.69 21.26
C HIS D 893 23.06 -26.74 21.67
N SER D 894 22.34 -27.68 21.06
CA SER D 894 20.92 -27.93 21.31
C SER D 894 20.68 -29.10 22.27
N GLY D 895 21.72 -29.87 22.56
CA GLY D 895 21.59 -31.07 23.38
C GLY D 895 21.55 -30.77 24.87
N ALA D 896 20.70 -31.49 25.58
CA ALA D 896 20.53 -31.35 27.02
C ALA D 896 19.58 -32.43 27.53
N LEU D 897 19.62 -32.68 28.83
CA LEU D 897 18.62 -33.54 29.48
C LEU D 897 17.45 -32.64 29.87
N VAL D 898 16.41 -32.69 29.06
CA VAL D 898 15.22 -31.84 29.22
C VAL D 898 14.19 -32.60 30.04
N ASN D 899 14.23 -32.39 31.35
CA ASN D 899 13.34 -33.07 32.29
C ASN D 899 12.93 -32.08 33.38
N HIS D 900 11.62 -31.94 33.58
CA HIS D 900 11.08 -30.93 34.50
C HIS D 900 10.91 -31.40 35.96
N VAL D 901 11.09 -32.69 36.23
CA VAL D 901 10.96 -33.24 37.60
C VAL D 901 12.29 -33.62 38.28
N LEU D 902 13.36 -33.84 37.52
CA LEU D 902 14.65 -34.24 38.08
C LEU D 902 15.31 -33.06 38.81
N PRO D 903 16.04 -33.34 39.91
CA PRO D 903 16.75 -32.28 40.63
C PRO D 903 18.01 -31.81 39.93
N TYR D 904 18.51 -30.66 40.35
CA TYR D 904 19.70 -30.02 39.76
C TYR D 904 20.94 -30.90 39.76
N SER D 905 21.09 -31.75 40.79
CA SER D 905 22.24 -32.66 40.90
C SER D 905 22.31 -33.68 39.77
N GLN D 906 21.15 -34.22 39.38
CA GLN D 906 21.03 -35.13 38.24
C GLN D 906 21.26 -34.47 36.88
N LEU D 907 20.91 -33.19 36.76
CA LEU D 907 21.05 -32.44 35.50
C LEU D 907 22.37 -31.68 35.37
N PHE D 908 23.19 -31.71 36.42
CA PHE D 908 24.46 -30.98 36.43
C PHE D 908 25.45 -31.51 35.37
N GLY D 909 25.55 -32.82 35.25
CA GLY D 909 26.47 -33.46 34.29
C GLY D 909 26.12 -33.16 32.84
N PRO D 910 24.88 -33.48 32.42
CA PRO D 910 24.49 -33.21 31.03
C PRO D 910 24.47 -31.72 30.67
N ASN D 911 23.81 -30.91 31.48
CA ASN D 911 23.48 -29.54 31.08
C ASN D 911 24.51 -28.47 31.44
N VAL D 912 25.22 -28.63 32.56
CA VAL D 912 26.21 -27.65 33.02
C VAL D 912 27.61 -28.06 32.55
N VAL D 913 28.06 -29.25 32.96
CA VAL D 913 29.39 -29.76 32.56
C VAL D 913 29.44 -29.94 31.05
N GLY D 914 28.34 -30.42 30.47
CA GLY D 914 28.21 -30.54 29.03
C GLY D 914 28.44 -29.24 28.28
N THR D 915 27.83 -28.15 28.77
CA THR D 915 28.02 -26.82 28.17
C THR D 915 29.47 -26.36 28.30
N ALA D 916 30.10 -26.64 29.43
CA ALA D 916 31.51 -26.32 29.64
C ALA D 916 32.42 -27.05 28.64
N GLU D 917 32.14 -28.33 28.40
CA GLU D 917 32.90 -29.10 27.39
C GLU D 917 32.72 -28.57 25.96
N VAL D 918 31.53 -28.09 25.63
CA VAL D 918 31.28 -27.41 24.35
C VAL D 918 32.13 -26.14 24.25
N ALA D 919 32.09 -25.33 25.30
CA ALA D 919 32.89 -24.10 25.38
C ALA D 919 34.39 -24.38 25.21
N LYS D 920 34.87 -25.44 25.85
CA LYS D 920 36.28 -25.86 25.72
C LYS D 920 36.69 -26.08 24.26
N LEU D 921 35.84 -26.72 23.47
CA LEU D 921 36.11 -26.91 22.03
C LEU D 921 36.09 -25.58 21.27
N ALA D 922 35.18 -24.69 21.66
CA ALA D 922 35.11 -23.34 21.09
C ALA D 922 36.29 -22.43 21.44
N LEU D 923 37.00 -22.75 22.52
CA LEU D 923 38.18 -21.98 23.00
C LEU D 923 39.53 -22.69 22.75
N THR D 924 39.62 -23.48 21.68
CA THR D 924 40.81 -24.29 21.35
C THR D 924 41.12 -24.17 19.85
N LYS D 925 42.40 -24.00 19.54
CA LYS D 925 42.95 -23.70 18.19
C LYS D 925 42.50 -22.42 17.51
N ARG D 926 41.19 -22.27 17.30
CA ARG D 926 40.55 -21.00 16.91
C ARG D 926 39.13 -20.83 17.49
N LEU D 927 38.70 -19.57 17.60
CA LEU D 927 37.41 -19.24 18.22
C LEU D 927 36.25 -19.64 17.32
N LYS D 928 35.23 -20.24 17.92
CA LYS D 928 34.07 -20.79 17.20
C LYS D 928 32.80 -20.24 17.85
N PRO D 929 32.01 -19.43 17.11
CA PRO D 929 30.76 -18.93 17.69
C PRO D 929 29.84 -20.06 18.15
N VAL D 930 29.14 -19.83 19.26
CA VAL D 930 28.29 -20.84 19.88
C VAL D 930 26.83 -20.38 19.88
N THR D 931 25.97 -21.14 19.22
CA THR D 931 24.53 -21.04 19.41
C THR D 931 24.18 -21.95 20.58
N TYR D 932 23.49 -21.40 21.60
CA TYR D 932 23.11 -22.15 22.78
C TYR D 932 21.60 -22.12 22.95
N LEU D 933 21.00 -23.29 23.10
CA LEU D 933 19.56 -23.37 23.34
C LEU D 933 19.32 -23.35 24.84
N SER D 934 18.32 -22.57 25.24
CA SER D 934 17.99 -22.39 26.65
C SER D 934 16.47 -22.38 26.80
N THR D 935 15.99 -21.89 27.94
CA THR D 935 14.58 -22.04 28.31
C THR D 935 14.04 -20.82 29.06
N VAL D 936 12.74 -20.60 28.95
CA VAL D 936 12.03 -19.59 29.75
C VAL D 936 12.12 -19.92 31.24
N ALA D 937 12.27 -21.19 31.58
CA ALA D 937 12.47 -21.64 32.96
C ALA D 937 13.67 -21.01 33.70
N VAL D 938 14.60 -20.35 33.00
CA VAL D 938 15.65 -19.57 33.69
C VAL D 938 15.07 -18.31 34.35
N ALA D 939 13.86 -17.90 33.95
CA ALA D 939 13.15 -16.78 34.60
C ALA D 939 12.36 -17.20 35.86
N VAL D 940 12.47 -18.46 36.29
CA VAL D 940 11.88 -18.92 37.55
C VAL D 940 12.69 -18.21 38.66
N GLY D 941 12.00 -17.55 39.58
CA GLY D 941 12.64 -16.75 40.63
C GLY D 941 12.66 -15.24 40.38
N VAL D 942 12.37 -14.83 39.14
CA VAL D 942 12.30 -13.41 38.77
C VAL D 942 10.89 -13.10 38.27
N GLU D 943 10.41 -11.87 38.51
CA GLU D 943 9.13 -11.40 37.93
C GLU D 943 9.30 -11.20 36.41
N PRO D 944 8.30 -11.64 35.58
CA PRO D 944 8.39 -11.52 34.12
C PRO D 944 8.82 -10.16 33.56
N SER D 945 8.35 -9.08 34.16
CA SER D 945 8.70 -7.71 33.74
C SER D 945 10.17 -7.34 33.99
N ALA D 946 10.80 -7.94 35.01
CA ALA D 946 12.21 -7.70 35.35
C ALA D 946 13.20 -8.60 34.59
N PHE D 947 12.68 -9.60 33.87
CA PHE D 947 13.53 -10.51 33.11
C PHE D 947 13.95 -9.83 31.81
N GLU D 948 15.18 -9.31 31.79
CA GLU D 948 15.73 -8.62 30.61
C GLU D 948 16.15 -9.66 29.55
N GLU D 949 15.36 -9.77 28.48
CA GLU D 949 15.67 -10.64 27.34
C GLU D 949 17.15 -10.66 26.98
N ASP D 950 17.71 -9.48 26.72
CA ASP D 950 19.11 -9.34 26.30
C ASP D 950 20.01 -8.70 27.36
N GLY D 951 19.73 -8.94 28.63
CA GLY D 951 20.58 -8.45 29.71
C GLY D 951 21.68 -9.45 30.03
N ASP D 952 22.56 -9.08 30.97
CA ASP D 952 23.55 -10.00 31.53
C ASP D 952 22.80 -10.95 32.47
N ILE D 953 22.85 -12.24 32.17
CA ILE D 953 22.14 -13.27 32.94
C ILE D 953 22.67 -13.41 34.38
N ARG D 954 23.95 -13.10 34.60
CA ARG D 954 24.54 -13.14 35.95
C ARG D 954 23.92 -12.10 36.90
N ASP D 955 23.55 -10.94 36.36
CA ASP D 955 22.87 -9.88 37.14
C ASP D 955 21.38 -10.18 37.30
N VAL D 956 20.74 -10.63 36.22
CA VAL D 956 19.32 -11.03 36.24
C VAL D 956 19.31 -12.40 36.94
N SER D 957 19.21 -12.39 38.26
CA SER D 957 19.36 -13.61 39.09
C SER D 957 20.83 -14.06 39.26
N ALA D 958 21.47 -13.57 40.31
CA ALA D 958 22.83 -13.96 40.72
C ALA D 958 22.82 -15.09 41.76
N VAL D 959 21.71 -15.26 42.47
CA VAL D 959 21.55 -16.29 43.50
C VAL D 959 20.23 -17.02 43.26
N ARG D 960 20.24 -18.32 43.51
CA ARG D 960 19.10 -19.19 43.22
C ARG D 960 18.96 -20.30 44.24
N SER D 961 17.72 -20.73 44.48
CA SER D 961 17.41 -21.81 45.41
C SER D 961 17.22 -23.12 44.65
N ILE D 962 17.56 -24.23 45.33
CA ILE D 962 17.29 -25.59 44.86
C ILE D 962 16.09 -26.13 45.61
N TYR D 966 8.30 -27.31 40.13
CA TYR D 966 8.28 -27.75 38.75
C TYR D 966 9.33 -27.03 37.92
N ALA D 967 10.17 -27.80 37.22
CA ALA D 967 11.22 -27.29 36.33
C ALA D 967 12.32 -26.50 37.04
N ASN D 968 12.46 -26.69 38.35
CA ASN D 968 13.41 -25.89 39.15
C ASN D 968 14.85 -26.30 38.82
N GLY D 969 15.11 -27.61 38.84
CA GLY D 969 16.41 -28.15 38.46
C GLY D 969 16.75 -27.90 37.01
N TYR D 970 15.77 -28.08 36.12
CA TYR D 970 15.95 -27.81 34.69
C TYR D 970 16.33 -26.35 34.46
N GLY D 971 15.51 -25.43 34.98
CA GLY D 971 15.77 -23.99 34.91
C GLY D 971 17.14 -23.60 35.43
N ASN D 972 17.51 -24.15 36.58
CA ASN D 972 18.83 -23.89 37.17
C ASN D 972 19.98 -24.41 36.31
N SER D 973 19.82 -25.61 35.75
CA SER D 973 20.87 -26.22 34.91
C SER D 973 21.12 -25.43 33.63
N LYS D 974 20.04 -25.00 32.97
CA LYS D 974 20.14 -24.19 31.74
C LYS D 974 20.68 -22.79 32.03
N TRP D 975 20.21 -22.19 33.13
CA TRP D 975 20.76 -20.93 33.65
C TRP D 975 22.28 -21.00 33.84
N ALA D 976 22.75 -22.07 34.49
CA ALA D 976 24.18 -22.28 34.72
C ALA D 976 25.01 -22.34 33.44
N GLY D 977 24.44 -22.96 32.40
CA GLY D 977 25.07 -22.99 31.09
C GLY D 977 25.21 -21.60 30.49
N GLU D 978 24.16 -20.79 30.58
CA GLU D 978 24.22 -19.39 30.13
C GLU D 978 25.32 -18.62 30.84
N VAL D 979 25.43 -18.80 32.16
CA VAL D 979 26.45 -18.11 32.96
C VAL D 979 27.86 -18.44 32.46
N LEU D 980 28.15 -19.74 32.28
CA LEU D 980 29.46 -20.18 31.80
C LEU D 980 29.80 -19.63 30.41
N LEU D 981 28.82 -19.59 29.52
CA LEU D 981 29.03 -19.02 28.18
C LEU D 981 29.25 -17.50 28.25
N ARG D 982 28.59 -16.83 29.19
CA ARG D 982 28.84 -15.40 29.44
C ARG D 982 30.26 -15.18 29.98
N GLU D 983 30.69 -16.03 30.92
CA GLU D 983 32.09 -16.03 31.40
C GLU D 983 33.10 -16.20 30.27
N ALA D 984 32.81 -17.13 29.35
CA ALA D 984 33.66 -17.37 28.17
C ALA D 984 33.73 -16.18 27.24
N TYR D 985 32.62 -15.46 27.08
CA TYR D 985 32.60 -14.23 26.29
C TYR D 985 33.47 -13.15 26.93
N GLU D 986 33.29 -12.96 28.25
CA GLU D 986 34.03 -11.94 29.00
C GLU D 986 35.54 -12.22 29.04
N HIS D 987 35.91 -13.48 29.20
CA HIS D 987 37.31 -13.90 29.26
C HIS D 987 38.06 -13.83 27.92
N ALA D 988 37.43 -14.29 26.84
CA ALA D 988 38.10 -14.46 25.53
C ALA D 988 37.41 -13.83 24.30
N GLY D 989 36.28 -13.15 24.50
CA GLY D 989 35.52 -12.58 23.38
C GLY D 989 34.83 -13.60 22.49
N LEU D 990 34.46 -14.76 23.06
CA LEU D 990 33.73 -15.81 22.35
C LEU D 990 32.33 -15.35 21.94
N PRO D 991 32.03 -15.28 20.63
CA PRO D 991 30.66 -14.88 20.24
C PRO D 991 29.61 -15.93 20.62
N VAL D 992 28.51 -15.48 21.22
CA VAL D 992 27.46 -16.38 21.68
C VAL D 992 26.09 -15.81 21.26
N ARG D 993 25.19 -16.71 20.87
CA ARG D 993 23.78 -16.37 20.69
C ARG D 993 22.92 -17.37 21.44
N VAL D 994 22.25 -16.90 22.48
CA VAL D 994 21.36 -17.72 23.29
C VAL D 994 19.90 -17.59 22.80
N PHE D 995 19.21 -18.73 22.69
CA PHE D 995 17.82 -18.78 22.25
C PHE D 995 16.98 -19.55 23.27
N ARG D 996 16.08 -18.83 23.95
CA ARG D 996 15.22 -19.42 24.97
C ARG D 996 13.90 -19.87 24.36
N SER D 997 13.62 -21.17 24.42
CA SER D 997 12.50 -21.78 23.67
C SER D 997 11.85 -22.89 24.45
N ASP D 998 10.54 -22.77 24.70
CA ASP D 998 9.73 -23.85 25.26
C ASP D 998 8.44 -23.97 24.45
N MET D 999 7.84 -25.16 24.41
CA MET D 999 6.62 -25.46 23.61
C MET D 999 6.87 -25.15 22.12
N ILE D 1000 7.75 -25.97 21.52
CA ILE D 1000 8.03 -25.93 20.09
C ILE D 1000 7.07 -26.93 19.44
N LEU D 1001 6.10 -26.41 18.70
CA LEU D 1001 5.01 -27.19 18.16
C LEU D 1001 5.43 -27.91 16.87
N ALA D 1002 4.50 -28.70 16.32
CA ALA D 1002 4.76 -29.61 15.19
C ALA D 1002 5.29 -28.93 13.94
N HIS D 1003 5.95 -29.73 13.10
CA HIS D 1003 6.39 -29.28 11.76
C HIS D 1003 5.14 -29.08 10.90
N ARG D 1004 5.10 -28.00 10.13
CA ARG D 1004 3.89 -27.66 9.34
C ARG D 1004 3.77 -28.38 7.97
N LYS D 1005 4.87 -28.99 7.53
CA LYS D 1005 4.96 -29.67 6.23
C LYS D 1005 5.08 -31.20 6.37
N TYR D 1006 6.08 -31.68 7.12
CA TYR D 1006 6.40 -33.10 7.21
C TYR D 1006 5.46 -33.85 8.15
N THR D 1007 4.83 -34.90 7.62
CA THR D 1007 3.83 -35.66 8.36
C THR D 1007 4.47 -36.58 9.39
N GLY D 1008 3.75 -36.80 10.49
CA GLY D 1008 4.26 -37.57 11.62
C GLY D 1008 5.33 -36.91 12.46
N GLN D 1009 5.68 -35.66 12.17
CA GLN D 1009 6.72 -34.93 12.89
C GLN D 1009 6.09 -33.98 13.90
N LEU D 1010 6.02 -34.44 15.13
CA LEU D 1010 5.56 -33.67 16.28
C LEU D 1010 6.25 -34.23 17.52
N ASN D 1011 6.37 -33.39 18.55
CA ASN D 1011 6.98 -33.81 19.81
C ASN D 1011 5.93 -34.55 20.62
N VAL D 1012 5.98 -35.89 20.55
CA VAL D 1012 4.92 -36.76 21.12
C VAL D 1012 4.77 -36.60 22.65
N PRO D 1013 5.89 -36.58 23.39
CA PRO D 1013 5.79 -36.49 24.86
C PRO D 1013 5.30 -35.17 25.47
N ASP D 1014 5.32 -34.06 24.74
CA ASP D 1014 5.03 -32.75 25.37
C ASP D 1014 3.55 -32.53 25.70
N GLN D 1015 3.27 -31.53 26.54
CA GLN D 1015 1.93 -31.31 27.09
C GLN D 1015 0.88 -30.98 26.02
N PHE D 1016 1.27 -30.22 25.00
CA PHE D 1016 0.33 -29.81 23.95
C PHE D 1016 -0.16 -31.02 23.15
N THR D 1017 0.77 -31.86 22.70
CA THR D 1017 0.41 -33.09 21.96
C THR D 1017 -0.46 -34.00 22.83
N ARG D 1018 -0.09 -34.17 24.10
CA ARG D 1018 -0.86 -34.95 25.06
C ARG D 1018 -2.30 -34.43 25.21
N LEU D 1019 -2.44 -33.11 25.30
CA LEU D 1019 -3.77 -32.49 25.40
C LEU D 1019 -4.63 -32.75 24.17
N ILE D 1020 -4.05 -32.56 22.97
CA ILE D 1020 -4.80 -32.73 21.72
C ILE D 1020 -5.22 -34.20 21.54
N LEU D 1021 -4.31 -35.11 21.85
CA LEU D 1021 -4.60 -36.55 21.83
C LEU D 1021 -5.72 -36.91 22.82
N SER D 1022 -5.67 -36.31 24.00
CA SER D 1022 -6.67 -36.54 25.06
C SER D 1022 -8.07 -36.05 24.68
N LEU D 1023 -8.15 -34.88 24.06
CA LEU D 1023 -9.43 -34.33 23.59
C LEU D 1023 -10.07 -35.19 22.50
N LEU D 1024 -9.25 -35.72 21.59
CA LEU D 1024 -9.73 -36.63 20.55
C LEU D 1024 -10.13 -38.00 21.10
N ALA D 1025 -9.41 -38.49 22.11
CA ALA D 1025 -9.67 -39.79 22.71
C ALA D 1025 -10.93 -39.79 23.59
N THR D 1026 -11.03 -38.81 24.49
CA THR D 1026 -12.20 -38.66 25.37
C THR D 1026 -13.42 -38.10 24.66
N GLY D 1027 -13.18 -37.22 23.68
CA GLY D 1027 -14.25 -36.59 22.92
C GLY D 1027 -15.06 -35.53 23.66
N ILE D 1028 -14.47 -34.96 24.71
CA ILE D 1028 -15.13 -33.89 25.48
C ILE D 1028 -14.15 -32.76 25.82
N ALA D 1029 -14.65 -31.53 25.79
CA ALA D 1029 -13.84 -30.33 26.03
C ALA D 1029 -14.65 -29.28 26.79
N PRO D 1030 -13.98 -28.42 27.57
CA PRO D 1030 -14.72 -27.39 28.28
C PRO D 1030 -15.12 -26.25 27.34
N LYS D 1031 -16.15 -25.49 27.72
CA LYS D 1031 -16.51 -24.25 27.05
C LYS D 1031 -15.29 -23.33 26.91
N SER D 1032 -14.45 -23.31 27.96
CA SER D 1032 -13.19 -22.61 27.91
C SER D 1032 -12.17 -23.23 28.86
N PHE D 1033 -10.92 -23.30 28.39
CA PHE D 1033 -9.79 -23.62 29.25
C PHE D 1033 -9.36 -22.43 30.12
N TYR D 1034 -9.84 -21.23 29.78
CA TYR D 1034 -9.49 -20.00 30.48
C TYR D 1034 -10.62 -19.52 31.40
N ARG D 1042 -16.92 -16.52 27.25
CA ARG D 1042 -15.56 -16.87 26.86
C ARG D 1042 -14.74 -15.60 26.63
N GLN D 1043 -13.54 -15.53 27.22
CA GLN D 1043 -12.65 -14.37 27.09
C GLN D 1043 -11.54 -14.57 26.05
N ARG D 1044 -10.95 -13.44 25.63
CA ARG D 1044 -9.86 -13.44 24.67
C ARG D 1044 -8.59 -13.98 25.32
N ALA D 1045 -7.94 -14.95 24.67
CA ALA D 1045 -6.73 -15.60 25.18
C ALA D 1045 -5.76 -15.99 24.06
N HIS D 1046 -4.49 -16.18 24.42
CA HIS D 1046 -3.44 -16.48 23.45
C HIS D 1046 -2.62 -17.68 23.92
N TYR D 1047 -2.39 -18.63 23.02
CA TYR D 1047 -1.47 -19.73 23.30
C TYR D 1047 -0.07 -19.39 22.78
N ASP D 1048 0.91 -19.42 23.68
CA ASP D 1048 2.30 -19.16 23.34
C ASP D 1048 2.92 -20.44 22.78
N GLY D 1049 3.08 -20.49 21.46
CA GLY D 1049 3.77 -21.59 20.79
C GLY D 1049 4.20 -21.23 19.39
N ILE D 1050 5.32 -21.80 18.96
CA ILE D 1050 5.87 -21.57 17.61
C ILE D 1050 6.16 -22.92 16.96
N PRO D 1051 5.81 -23.09 15.66
CA PRO D 1051 6.14 -24.35 14.99
C PRO D 1051 7.64 -24.57 14.80
N VAL D 1052 8.06 -25.83 14.84
CA VAL D 1052 9.49 -26.19 14.79
C VAL D 1052 10.18 -25.77 13.48
N ASP D 1053 9.46 -25.78 12.37
CA ASP D 1053 10.05 -25.43 11.07
C ASP D 1053 10.49 -23.97 11.00
N PHE D 1054 9.68 -23.07 11.56
CA PHE D 1054 10.06 -21.67 11.66
C PHE D 1054 11.17 -21.48 12.69
N THR D 1055 11.03 -22.10 13.86
CA THR D 1055 12.02 -22.00 14.93
C THR D 1055 13.42 -22.41 14.46
N ALA D 1056 13.50 -23.53 13.73
CA ALA D 1056 14.78 -24.02 13.20
C ALA D 1056 15.41 -23.04 12.20
N GLU D 1057 14.61 -22.53 11.27
CA GLU D 1057 15.08 -21.53 10.27
C GLU D 1057 15.55 -20.23 10.95
N ALA D 1058 14.78 -19.74 11.93
CA ALA D 1058 15.09 -18.51 12.67
C ALA D 1058 16.39 -18.61 13.45
N ILE D 1059 16.51 -19.67 14.24
CA ILE D 1059 17.70 -19.93 15.06
C ILE D 1059 18.96 -20.08 14.20
N THR D 1060 18.82 -20.77 13.06
CA THR D 1060 19.94 -20.96 12.13
C THR D 1060 20.35 -19.66 11.45
N THR D 1061 19.38 -18.86 11.02
CA THR D 1061 19.65 -17.57 10.38
C THR D 1061 20.33 -16.57 11.33
N LEU D 1062 19.78 -16.43 12.55
CA LEU D 1062 20.32 -15.50 13.54
C LEU D 1062 21.65 -15.98 14.13
N GLY D 1063 21.78 -17.30 14.33
CA GLY D 1063 23.04 -17.89 14.80
C GLY D 1063 24.18 -17.74 13.81
N LEU D 1064 23.88 -17.86 12.52
CA LEU D 1064 24.86 -17.66 11.46
C LEU D 1064 25.37 -16.21 11.42
N ALA D 1065 24.49 -15.26 11.76
CA ALA D 1065 24.84 -13.84 11.82
C ALA D 1065 25.54 -13.41 13.11
N GLY D 1066 25.73 -14.32 14.06
CA GLY D 1066 26.33 -13.99 15.36
C GLY D 1066 27.81 -14.31 15.46
N SER D 1067 28.62 -13.69 14.61
CA SER D 1067 30.08 -13.85 14.64
C SER D 1067 30.80 -12.87 15.57
N ASP D 1068 30.06 -11.93 16.18
CA ASP D 1068 30.62 -10.98 17.16
C ASP D 1068 29.64 -10.75 18.32
N GLY D 1069 30.19 -10.53 19.51
CA GLY D 1069 29.39 -10.13 20.67
C GLY D 1069 28.56 -11.24 21.31
N TYR D 1070 27.82 -10.87 22.34
CA TYR D 1070 26.95 -11.77 23.09
C TYR D 1070 25.54 -11.20 23.09
N HIS D 1071 24.57 -11.97 22.58
CA HIS D 1071 23.15 -11.58 22.58
C HIS D 1071 22.23 -12.75 22.90
N SER D 1072 21.09 -12.46 23.52
CA SER D 1072 20.11 -13.46 23.90
C SER D 1072 18.75 -13.11 23.28
N PHE D 1073 17.99 -14.14 22.95
CA PHE D 1073 16.69 -14.01 22.33
C PHE D 1073 15.69 -14.87 23.08
N ASP D 1074 14.48 -14.36 23.26
CA ASP D 1074 13.36 -15.13 23.82
C ASP D 1074 12.44 -15.57 22.69
N VAL D 1075 12.51 -16.86 22.34
CA VAL D 1075 11.81 -17.42 21.18
C VAL D 1075 10.40 -17.83 21.62
N PHE D 1076 9.52 -16.83 21.77
CA PHE D 1076 8.12 -17.06 22.17
C PHE D 1076 7.19 -16.33 21.17
N ASN D 1077 5.92 -16.74 21.17
CA ASN D 1077 4.88 -16.17 20.30
C ASN D 1077 4.24 -14.98 21.02
N PRO D 1078 4.53 -13.74 20.57
CA PRO D 1078 4.12 -12.54 21.30
C PRO D 1078 2.80 -11.91 20.82
N HIS D 1079 2.17 -12.49 19.81
CA HIS D 1079 1.04 -11.84 19.14
C HIS D 1079 -0.17 -11.68 20.05
N HIS D 1080 -0.77 -10.48 20.03
CA HIS D 1080 -2.04 -10.22 20.71
C HIS D 1080 -3.15 -10.51 19.69
N ASP D 1081 -3.29 -11.79 19.34
CA ASP D 1081 -4.17 -12.22 18.22
C ASP D 1081 -5.43 -12.99 18.66
N GLY D 1082 -5.57 -13.26 19.96
CA GLY D 1082 -6.72 -13.99 20.46
C GLY D 1082 -6.85 -15.42 19.96
N VAL D 1083 -5.71 -16.03 19.60
CA VAL D 1083 -5.69 -17.42 19.14
C VAL D 1083 -5.14 -18.26 20.27
N GLY D 1084 -6.02 -19.02 20.92
CA GLY D 1084 -5.65 -19.87 22.06
C GLY D 1084 -6.32 -21.21 22.00
N LEU D 1085 -6.33 -21.90 23.13
CA LEU D 1085 -6.79 -23.29 23.19
C LEU D 1085 -8.25 -23.49 22.78
N ASP D 1086 -9.10 -22.50 23.06
CA ASP D 1086 -10.52 -22.58 22.70
C ASP D 1086 -10.73 -22.54 21.19
N GLU D 1087 -9.93 -21.73 20.50
CA GLU D 1087 -9.95 -21.67 19.03
C GLU D 1087 -9.50 -23.00 18.42
N PHE D 1088 -8.51 -23.64 19.03
CA PHE D 1088 -7.99 -24.92 18.54
C PHE D 1088 -9.08 -25.97 18.59
N VAL D 1089 -9.84 -25.98 19.68
CA VAL D 1089 -10.97 -26.90 19.84
C VAL D 1089 -12.07 -26.62 18.82
N ASP D 1090 -12.38 -25.34 18.58
CA ASP D 1090 -13.34 -24.95 17.53
C ASP D 1090 -12.92 -25.51 16.17
N TRP D 1091 -11.62 -25.40 15.87
CA TRP D 1091 -11.07 -25.85 14.58
C TRP D 1091 -11.12 -27.37 14.40
N LEU D 1092 -10.87 -28.12 15.48
CA LEU D 1092 -11.01 -29.58 15.44
C LEU D 1092 -12.46 -29.99 15.18
N VAL D 1093 -13.41 -29.29 15.81
CA VAL D 1093 -14.84 -29.54 15.59
C VAL D 1093 -15.25 -29.22 14.14
N GLU D 1094 -14.81 -28.08 13.62
CA GLU D 1094 -15.03 -27.70 12.20
C GLU D 1094 -14.48 -28.74 11.22
N ALA D 1095 -13.33 -29.34 11.57
CA ALA D 1095 -12.70 -30.37 10.74
C ALA D 1095 -13.37 -31.76 10.83
N GLY D 1096 -14.34 -31.92 11.74
CA GLY D 1096 -15.20 -33.10 11.78
C GLY D 1096 -15.03 -34.02 12.97
N HIS D 1097 -14.05 -33.73 13.84
CA HIS D 1097 -13.78 -34.60 14.98
C HIS D 1097 -14.89 -34.44 16.04
N PRO D 1098 -15.43 -35.57 16.54
CA PRO D 1098 -16.53 -35.49 17.50
C PRO D 1098 -16.05 -35.09 18.89
N ILE D 1099 -16.17 -33.80 19.19
CA ILE D 1099 -15.81 -33.26 20.51
C ILE D 1099 -17.00 -32.47 21.02
N SER D 1100 -17.53 -32.90 22.17
CA SER D 1100 -18.67 -32.26 22.80
C SER D 1100 -18.19 -31.14 23.72
N ARG D 1101 -18.97 -30.07 23.79
CA ARG D 1101 -18.61 -28.89 24.57
C ARG D 1101 -19.40 -28.85 25.88
N VAL D 1102 -18.78 -29.34 26.95
CA VAL D 1102 -19.39 -29.33 28.29
C VAL D 1102 -19.21 -27.94 28.92
N ASP D 1103 -20.32 -27.41 29.45
CA ASP D 1103 -20.43 -25.98 29.79
C ASP D 1103 -19.71 -25.60 31.07
N ASP D 1104 -19.80 -26.46 32.09
CA ASP D 1104 -19.14 -26.21 33.38
C ASP D 1104 -17.72 -26.78 33.38
N TYR D 1105 -16.75 -25.99 33.84
CA TYR D 1105 -15.33 -26.42 33.85
C TYR D 1105 -15.05 -27.52 34.88
N ALA D 1106 -15.61 -27.38 36.08
CA ALA D 1106 -15.45 -28.39 37.13
C ALA D 1106 -16.06 -29.73 36.74
N GLU D 1107 -17.22 -29.69 36.08
CA GLU D 1107 -17.86 -30.91 35.54
C GLU D 1107 -17.03 -31.54 34.42
N TRP D 1108 -16.43 -30.69 33.57
CA TRP D 1108 -15.53 -31.19 32.54
C TRP D 1108 -14.37 -31.98 33.14
N LEU D 1109 -13.66 -31.36 34.07
CA LEU D 1109 -12.42 -31.93 34.64
C LEU D 1109 -12.61 -33.33 35.25
N SER D 1110 -13.72 -33.53 35.96
CA SER D 1110 -14.04 -34.83 36.56
C SER D 1110 -14.44 -35.86 35.50
N ARG D 1111 -15.32 -35.47 34.58
CA ARG D 1111 -15.71 -36.31 33.43
C ARG D 1111 -14.52 -36.67 32.51
N PHE D 1112 -13.62 -35.70 32.34
CA PHE D 1112 -12.39 -35.85 31.55
C PHE D 1112 -11.47 -36.90 32.19
N GLU D 1113 -11.30 -36.81 33.51
CA GLU D 1113 -10.46 -37.76 34.25
C GLU D 1113 -11.02 -39.19 34.25
N THR D 1114 -12.35 -39.33 34.39
CA THR D 1114 -13.04 -40.65 34.31
C THR D 1114 -12.83 -41.28 32.94
N SER D 1115 -13.09 -40.50 31.89
CA SER D 1115 -12.97 -40.99 30.52
C SER D 1115 -11.53 -41.38 30.16
N LEU D 1116 -10.56 -40.58 30.63
CA LEU D 1116 -9.13 -40.89 30.43
C LEU D 1116 -8.71 -42.21 31.06
N ARG D 1117 -9.14 -42.44 32.29
CA ARG D 1117 -8.83 -43.71 33.01
C ARG D 1117 -9.41 -44.95 32.33
N GLY D 1118 -10.55 -44.78 31.63
CA GLY D 1118 -11.20 -45.87 30.92
C GLY D 1118 -10.59 -46.26 29.57
N LEU D 1119 -9.61 -45.49 29.09
CA LEU D 1119 -8.93 -45.79 27.82
C LEU D 1119 -7.96 -46.97 27.97
N PRO D 1120 -7.62 -47.66 26.86
CA PRO D 1120 -6.57 -48.69 26.87
C PRO D 1120 -5.20 -48.21 27.39
N GLU D 1121 -4.38 -49.13 27.88
CA GLU D 1121 -3.09 -48.83 28.51
C GLU D 1121 -2.14 -48.03 27.61
N ALA D 1122 -2.09 -48.40 26.32
CA ALA D 1122 -1.27 -47.69 25.32
C ALA D 1122 -1.61 -46.20 25.23
N GLN D 1123 -2.89 -45.90 25.15
CA GLN D 1123 -3.37 -44.51 25.00
C GLN D 1123 -3.26 -43.68 26.28
N ARG D 1124 -3.48 -44.30 27.45
CA ARG D 1124 -3.41 -43.60 28.74
C ARG D 1124 -2.03 -43.03 29.04
N GLN D 1125 -0.98 -43.74 28.61
CA GLN D 1125 0.40 -43.34 28.87
C GLN D 1125 0.79 -42.16 27.94
N HIS D 1126 0.23 -42.13 26.73
CA HIS D 1126 0.38 -40.99 25.79
C HIS D 1126 -0.57 -39.82 26.06
N SER D 1127 -1.52 -39.97 26.98
CA SER D 1127 -2.51 -38.93 27.29
C SER D 1127 -1.93 -37.89 28.24
N VAL D 1128 -2.78 -36.93 28.63
CA VAL D 1128 -2.41 -35.87 29.56
C VAL D 1128 -2.64 -36.25 31.03
N LEU D 1129 -3.08 -37.49 31.29
CA LEU D 1129 -3.43 -37.95 32.65
C LEU D 1129 -2.35 -37.76 33.73
N PRO D 1130 -1.06 -38.03 33.41
CA PRO D 1130 0.03 -37.70 34.34
C PRO D 1130 0.16 -36.20 34.71
N LEU D 1131 -0.24 -35.31 33.82
CA LEU D 1131 -0.15 -33.86 34.04
C LEU D 1131 -1.49 -33.21 34.43
N LEU D 1132 -2.44 -34.00 34.95
CA LEU D 1132 -3.80 -33.50 35.27
C LEU D 1132 -3.83 -32.38 36.32
N HIS D 1133 -2.88 -32.38 37.25
CA HIS D 1133 -2.73 -31.30 38.25
C HIS D 1133 -2.69 -29.88 37.65
N ALA D 1134 -2.09 -29.74 36.46
CA ALA D 1134 -2.00 -28.44 35.77
C ALA D 1134 -3.36 -27.88 35.31
N PHE D 1135 -4.33 -28.76 35.08
CA PHE D 1135 -5.68 -28.35 34.67
C PHE D 1135 -6.69 -28.21 35.83
N ALA D 1136 -6.22 -28.27 37.08
CA ALA D 1136 -7.10 -28.18 38.26
C ALA D 1136 -8.02 -26.97 38.23
N GLN D 1137 -7.42 -25.79 38.03
CA GLN D 1137 -8.16 -24.54 37.81
C GLN D 1137 -8.02 -24.13 36.35
N PRO D 1138 -9.00 -23.35 35.83
CA PRO D 1138 -8.84 -22.77 34.50
C PRO D 1138 -7.77 -21.68 34.50
N ALA D 1139 -7.02 -21.59 33.41
CA ALA D 1139 -5.89 -20.65 33.31
C ALA D 1139 -6.38 -19.21 33.19
N PRO D 1140 -5.53 -18.23 33.54
CA PRO D 1140 -5.95 -16.84 33.36
C PRO D 1140 -5.95 -16.42 31.90
N ALA D 1141 -6.91 -15.58 31.51
CA ALA D 1141 -7.06 -15.15 30.12
C ALA D 1141 -6.07 -14.04 29.76
N ILE D 1142 -4.87 -14.44 29.35
CA ILE D 1142 -3.81 -13.51 28.88
C ILE D 1142 -3.73 -13.56 27.35
N ASP D 1143 -3.84 -12.38 26.72
CA ASP D 1143 -3.49 -12.21 25.31
C ASP D 1143 -2.02 -11.78 25.23
N GLY D 1144 -1.34 -12.13 24.15
CA GLY D 1144 0.10 -11.90 24.03
C GLY D 1144 0.93 -12.76 24.98
N SER D 1145 2.19 -12.37 25.19
CA SER D 1145 3.11 -13.02 26.13
C SER D 1145 3.55 -12.04 27.22
N PRO D 1146 3.67 -12.52 28.49
CA PRO D 1146 4.17 -11.65 29.57
C PRO D 1146 5.67 -11.34 29.50
N PHE D 1147 6.47 -12.18 28.84
CA PHE D 1147 7.92 -11.97 28.74
C PHE D 1147 8.26 -11.08 27.54
N GLN D 1148 9.38 -10.37 27.61
CA GLN D 1148 9.87 -9.50 26.51
C GLN D 1148 10.44 -10.30 25.36
N THR D 1149 10.03 -9.92 24.14
CA THR D 1149 10.51 -10.53 22.87
C THR D 1149 11.34 -9.59 22.03
N LYS D 1150 11.06 -8.29 22.07
CA LYS D 1150 11.36 -7.38 20.94
C LYS D 1150 12.66 -7.71 20.19
N ASN D 1151 13.69 -8.22 20.89
CA ASN D 1151 14.95 -8.57 20.24
C ASN D 1151 14.77 -9.74 19.23
N PHE D 1152 14.07 -10.79 19.63
CA PHE D 1152 13.81 -11.92 18.72
C PHE D 1152 12.90 -11.51 17.55
N GLN D 1153 11.78 -10.85 17.85
CA GLN D 1153 10.81 -10.49 16.82
C GLN D 1153 11.38 -9.52 15.80
N SER D 1154 12.05 -8.47 16.27
CA SER D 1154 12.65 -7.48 15.38
C SER D 1154 13.81 -8.05 14.56
N SER D 1155 14.58 -8.96 15.15
CA SER D 1155 15.67 -9.64 14.41
C SER D 1155 15.12 -10.54 13.31
N VAL D 1156 14.06 -11.27 13.63
CA VAL D 1156 13.33 -12.08 12.64
C VAL D 1156 12.74 -11.23 11.50
N GLN D 1157 12.18 -10.07 11.84
CA GLN D 1157 11.63 -9.15 10.84
C GLN D 1157 12.71 -8.55 9.94
N GLU D 1158 13.81 -8.13 10.53
CA GLU D 1158 14.96 -7.59 9.78
C GLU D 1158 15.61 -8.62 8.85
N ALA D 1159 15.77 -9.85 9.34
CA ALA D 1159 16.34 -10.95 8.55
C ALA D 1159 15.39 -11.50 7.49
N LYS D 1160 14.09 -11.19 7.62
CA LYS D 1160 13.06 -11.56 6.64
C LYS D 1160 12.95 -13.08 6.52
N VAL D 1161 12.68 -13.71 7.66
CA VAL D 1161 12.58 -15.16 7.76
C VAL D 1161 11.22 -15.64 7.27
N GLY D 1162 11.22 -16.67 6.43
CA GLY D 1162 10.01 -17.38 6.03
C GLY D 1162 9.08 -16.60 5.12
N ALA D 1163 7.86 -17.08 5.00
CA ALA D 1163 6.81 -16.40 4.25
C ALA D 1163 6.23 -15.20 5.00
N GLU D 1164 6.43 -15.17 6.32
CA GLU D 1164 5.78 -14.20 7.20
C GLU D 1164 6.60 -12.92 7.38
N HIS D 1165 7.93 -13.02 7.24
CA HIS D 1165 8.88 -11.96 7.65
C HIS D 1165 8.60 -11.50 9.09
N ASP D 1166 8.28 -12.48 9.95
CA ASP D 1166 7.74 -12.24 11.28
C ASP D 1166 7.52 -13.60 11.94
N ILE D 1167 7.31 -13.59 13.25
CA ILE D 1167 6.91 -14.79 13.98
C ILE D 1167 5.51 -15.17 13.46
N PRO D 1168 5.30 -16.45 13.09
CA PRO D 1168 3.99 -16.81 12.53
C PRO D 1168 2.88 -16.84 13.56
N HIS D 1169 1.65 -16.77 13.07
CA HIS D 1169 0.46 -17.05 13.88
C HIS D 1169 0.11 -18.52 13.75
N LEU D 1170 -0.34 -19.12 14.86
CA LEU D 1170 -0.83 -20.50 14.84
C LEU D 1170 -2.20 -20.49 14.15
N ASP D 1171 -2.43 -21.45 13.26
CA ASP D 1171 -3.60 -21.47 12.38
C ASP D 1171 -4.27 -22.85 12.33
N LYS D 1172 -5.43 -22.91 11.69
CA LYS D 1172 -6.23 -24.13 11.57
C LYS D 1172 -5.46 -25.31 10.94
N ALA D 1173 -4.69 -25.02 9.90
CA ALA D 1173 -3.92 -26.06 9.21
C ALA D 1173 -2.98 -26.82 10.15
N LEU D 1174 -2.34 -26.12 11.06
CA LEU D 1174 -1.45 -26.75 12.04
C LEU D 1174 -2.20 -27.67 13.01
N ILE D 1175 -3.36 -27.22 13.48
CA ILE D 1175 -4.16 -27.98 14.47
C ILE D 1175 -4.78 -29.22 13.83
N VAL D 1176 -5.30 -29.07 12.61
CA VAL D 1176 -5.82 -30.21 11.84
C VAL D 1176 -4.72 -31.25 11.59
N LYS D 1177 -3.50 -30.78 11.30
CA LYS D 1177 -2.35 -31.66 11.10
C LYS D 1177 -1.97 -32.46 12.37
N TYR D 1178 -2.14 -31.87 13.56
CA TYR D 1178 -1.93 -32.61 14.82
C TYR D 1178 -2.78 -33.89 14.87
N ALA D 1179 -4.06 -33.76 14.53
CA ALA D 1179 -4.99 -34.90 14.51
C ALA D 1179 -4.58 -35.97 13.50
N GLU D 1180 -4.17 -35.55 12.30
CA GLU D 1180 -3.68 -36.47 11.27
C GLU D 1180 -2.35 -37.12 11.66
N ASP D 1181 -1.46 -36.38 12.31
CA ASP D 1181 -0.18 -36.92 12.81
C ASP D 1181 -0.40 -38.00 13.86
N ILE D 1182 -1.32 -37.74 14.78
CA ILE D 1182 -1.66 -38.68 15.86
C ILE D 1182 -2.22 -39.99 15.31
N LYS D 1183 -3.09 -39.92 14.30
CA LYS D 1183 -3.60 -41.09 13.61
C LYS D 1183 -2.48 -41.83 12.86
N GLN D 1184 -1.69 -41.10 12.06
CA GLN D 1184 -0.61 -41.67 11.26
C GLN D 1184 0.44 -42.45 12.08
N LEU D 1185 0.75 -41.93 13.27
CA LEU D 1185 1.69 -42.59 14.20
C LEU D 1185 1.02 -43.71 15.02
N GLY D 1186 -0.31 -43.81 14.98
CA GLY D 1186 -1.05 -44.94 15.55
C GLY D 1186 -1.22 -44.91 17.05
N LEU D 1187 -1.65 -43.76 17.59
CA LEU D 1187 -1.76 -43.57 19.04
C LEU D 1187 -3.21 -43.64 19.54
#